data_7MPQ
#
_entry.id   7MPQ
#
_cell.length_a   71.681
_cell.length_b   127.799
_cell.length_c   128.809
_cell.angle_alpha   90.000
_cell.angle_beta   94.872
_cell.angle_gamma   90.000
#
_symmetry.space_group_name_H-M   'P 1 21 1'
#
loop_
_entity.id
_entity.type
_entity.pdbx_description
1 polymer 'NanoRNase C'
2 polymer "5'-phosphorylated GG"
3 non-polymer "GUANOSINE-5'-MONOPHOSPHATE"
4 non-polymer 'MANGANESE (II) ION'
5 water water
#
loop_
_entity_poly.entity_id
_entity_poly.type
_entity_poly.pdbx_seq_one_letter_code
_entity_poly.pdbx_strand_id
1 'polypeptide(L)'
;SMTEIRVHQGDLPNLDNYRIDAVAVDTETLGLQPHRDRLCVVQLSSGDGTADVIQIAKGQKSAPNLVRLLSDRDITKIFH
FGRFDLAILAHTFGVMPDVVFCTKIASKLTRTYTDRHGLKEICGELLNVNISKQQQSSDWAAETLSRAQIEYAASDVLYL
HRLKDIFEERLKREERESVAKACFQFLPMRANLDLLGWSEIDIFAHS
;
A,C,E,G,I,K,M,O
2 'polyribonucleotide' GG R
#
# COMPACT_ATOMS: atom_id res chain seq x y z
N MET A 2 37.81 30.06 3.76
CA MET A 2 37.66 30.70 5.06
C MET A 2 37.62 29.64 6.17
N THR A 3 36.89 28.55 5.93
CA THR A 3 36.75 27.46 6.89
C THR A 3 37.98 26.56 6.85
N GLU A 4 38.71 26.50 7.97
CA GLU A 4 39.87 25.62 8.07
C GLU A 4 39.45 24.18 8.33
N ILE A 5 39.92 23.27 7.47
CA ILE A 5 39.60 21.85 7.56
C ILE A 5 40.92 21.09 7.57
N ARG A 6 41.27 20.50 8.71
CA ARG A 6 42.46 19.66 8.80
C ARG A 6 42.08 18.22 8.44
N VAL A 7 42.79 17.65 7.46
CA VAL A 7 42.56 16.31 6.96
C VAL A 7 43.64 15.39 7.51
N HIS A 8 43.24 14.26 8.12
CA HIS A 8 44.22 13.36 8.72
C HIS A 8 44.06 11.95 8.16
N GLN A 9 45.15 11.18 8.27
CA GLN A 9 45.17 9.76 7.93
C GLN A 9 45.14 8.95 9.22
N GLY A 10 44.07 8.20 9.42
CA GLY A 10 43.99 7.23 10.50
C GLY A 10 43.48 7.72 11.85
N ASP A 11 44.01 8.84 12.33
CA ASP A 11 43.69 9.30 13.67
C ASP A 11 44.03 10.77 13.76
N LEU A 12 43.47 11.42 14.77
CA LEU A 12 43.98 12.70 15.19
C LEU A 12 45.43 12.55 15.62
N PRO A 13 46.30 13.54 15.33
CA PRO A 13 47.67 13.47 15.87
C PRO A 13 47.70 13.60 17.39
N ASN A 14 46.78 14.36 17.97
CA ASN A 14 46.68 14.54 19.42
C ASN A 14 45.30 15.12 19.73
N LEU A 15 45.02 15.31 21.01
CA LEU A 15 43.78 15.91 21.46
C LEU A 15 43.90 17.38 21.84
N ASP A 16 44.81 18.12 21.21
CA ASP A 16 45.01 19.52 21.61
C ASP A 16 43.78 20.37 21.35
N ASN A 17 43.05 20.10 20.26
CA ASN A 17 41.87 20.88 19.91
C ASN A 17 40.59 20.40 20.60
N TYR A 18 40.66 19.41 21.49
CA TYR A 18 39.47 18.76 22.00
C TYR A 18 39.47 18.65 23.52
N ARG A 19 40.05 19.63 24.21
CA ARG A 19 39.89 19.76 25.66
C ARG A 19 38.62 20.55 25.94
N ILE A 20 37.50 19.97 25.51
CA ILE A 20 36.21 20.65 25.51
C ILE A 20 35.15 19.73 26.11
N ASP A 21 34.01 20.33 26.47
CA ASP A 21 32.93 19.58 27.10
CA ASP A 21 32.92 19.57 27.10
C ASP A 21 31.98 18.92 26.09
N ALA A 22 32.08 19.28 24.81
CA ALA A 22 31.20 18.70 23.82
C ALA A 22 31.86 18.73 22.45
N VAL A 23 31.76 17.61 21.72
CA VAL A 23 32.41 17.46 20.42
C VAL A 23 31.36 17.01 19.40
N ALA A 24 31.37 17.64 18.23
CA ALA A 24 30.48 17.27 17.13
C ALA A 24 31.14 16.17 16.33
N VAL A 25 30.37 15.12 16.00
CA VAL A 25 30.88 13.91 15.35
C VAL A 25 30.01 13.55 14.16
N ASP A 26 30.64 13.08 13.09
CA ASP A 26 29.91 12.52 11.97
C ASP A 26 30.76 11.46 11.28
N THR A 27 30.13 10.66 10.41
CA THR A 27 30.88 9.62 9.71
C THR A 27 30.45 9.54 8.26
N GLU A 28 31.37 9.03 7.44
CA GLU A 28 31.06 8.60 6.09
C GLU A 28 31.49 7.15 5.94
N THR A 29 30.71 6.42 5.15
CA THR A 29 30.81 4.97 5.05
C THR A 29 30.55 4.60 3.59
N LEU A 30 30.65 3.30 3.28
CA LEU A 30 30.22 2.80 1.99
C LEU A 30 28.73 2.42 1.96
N GLY A 31 27.97 2.76 3.00
CA GLY A 31 26.55 2.49 2.95
C GLY A 31 25.94 2.47 4.35
N LEU A 32 24.69 2.07 4.39
CA LEU A 32 23.92 2.05 5.62
C LEU A 32 23.99 0.74 6.38
N GLN A 33 24.69 -0.28 5.87
CA GLN A 33 24.72 -1.57 6.55
C GLN A 33 26.09 -1.86 7.16
N PRO A 34 26.27 -1.65 8.48
CA PRO A 34 27.63 -1.63 9.05
C PRO A 34 28.38 -2.94 8.95
N HIS A 35 27.67 -4.06 8.85
CA HIS A 35 28.37 -5.32 8.70
C HIS A 35 28.95 -5.47 7.29
N ARG A 36 28.37 -4.79 6.29
CA ARG A 36 28.87 -4.82 4.92
C ARG A 36 29.72 -3.60 4.55
N ASP A 37 29.31 -2.40 5.00
CA ASP A 37 29.82 -1.12 4.50
C ASP A 37 30.75 -0.48 5.53
N ARG A 38 32.04 -0.48 5.22
CA ARG A 38 33.07 -0.07 6.17
C ARG A 38 32.99 1.43 6.47
N LEU A 39 33.49 1.78 7.64
CA LEU A 39 33.73 3.18 7.99
C LEU A 39 34.87 3.74 7.14
N CYS A 40 34.66 4.90 6.53
CA CYS A 40 35.63 5.52 5.63
C CYS A 40 36.18 6.83 6.15
N VAL A 41 35.34 7.64 6.79
CA VAL A 41 35.69 8.96 7.28
C VAL A 41 35.02 9.19 8.64
N VAL A 42 35.76 9.79 9.57
CA VAL A 42 35.18 10.36 10.78
C VAL A 42 35.49 11.86 10.81
N GLN A 43 34.47 12.67 11.10
CA GLN A 43 34.57 14.12 11.16
C GLN A 43 34.31 14.60 12.58
N LEU A 44 35.04 15.63 12.99
CA LEU A 44 34.95 16.18 14.32
C LEU A 44 35.00 17.69 14.25
N SER A 45 34.28 18.34 15.14
CA SER A 45 34.42 19.78 15.33
C SER A 45 34.25 20.12 16.79
N SER A 46 35.06 21.07 17.26
CA SER A 46 34.93 21.58 18.62
C SER A 46 33.87 22.67 18.73
N GLY A 47 33.32 23.12 17.62
CA GLY A 47 32.42 24.25 17.62
C GLY A 47 33.03 25.59 17.25
N ASP A 48 34.34 25.67 16.98
CA ASP A 48 34.99 26.95 16.71
C ASP A 48 35.02 27.33 15.23
N GLY A 49 34.24 26.66 14.38
CA GLY A 49 34.28 26.97 12.97
C GLY A 49 35.26 26.18 12.15
N THR A 50 36.11 25.36 12.79
CA THR A 50 37.05 24.45 12.12
C THR A 50 36.60 23.00 12.30
N ALA A 51 37.08 22.13 11.40
CA ALA A 51 36.79 20.71 11.55
C ALA A 51 38.03 19.87 11.22
N ASP A 52 38.03 18.66 11.76
CA ASP A 52 39.00 17.62 11.44
C ASP A 52 38.29 16.52 10.67
N VAL A 53 38.91 16.07 9.59
CA VAL A 53 38.36 15.02 8.72
C VAL A 53 39.39 13.90 8.70
N ILE A 54 39.01 12.73 9.20
CA ILE A 54 39.93 11.63 9.43
C ILE A 54 39.57 10.51 8.48
N GLN A 55 40.50 10.17 7.57
CA GLN A 55 40.28 9.03 6.70
C GLN A 55 40.64 7.76 7.43
N ILE A 56 39.73 6.80 7.39
CA ILE A 56 39.87 5.51 8.05
C ILE A 56 40.15 4.49 6.95
N ALA A 57 41.28 3.80 7.07
CA ALA A 57 41.61 2.83 6.03
C ALA A 57 40.81 1.55 6.21
N LYS A 58 40.75 0.76 5.14
CA LYS A 58 40.12 -0.55 5.17
C LYS A 58 40.85 -1.46 6.14
N GLY A 59 40.09 -2.17 6.98
CA GLY A 59 40.69 -3.00 7.99
C GLY A 59 41.38 -2.28 9.12
N GLN A 60 41.22 -0.96 9.24
CA GLN A 60 41.80 -0.25 10.38
C GLN A 60 41.06 -0.63 11.66
N LYS A 61 41.82 -1.00 12.70
CA LYS A 61 41.26 -1.55 13.92
C LYS A 61 41.34 -0.61 15.11
N SER A 62 42.04 0.51 14.96
CA SER A 62 42.52 1.30 16.08
C SER A 62 42.56 2.76 15.67
N ALA A 63 42.11 3.64 16.56
CA ALA A 63 42.26 5.08 16.40
C ALA A 63 42.35 5.71 17.78
N PRO A 64 43.47 5.48 18.49
CA PRO A 64 43.52 5.75 19.95
C PRO A 64 43.00 7.11 20.38
N ASN A 65 43.37 8.17 19.68
CA ASN A 65 42.96 9.52 20.11
C ASN A 65 41.47 9.75 19.90
N LEU A 66 40.95 9.41 18.72
CA LEU A 66 39.51 9.55 18.47
C LEU A 66 38.70 8.69 19.43
N VAL A 67 39.15 7.45 19.66
CA VAL A 67 38.45 6.57 20.57
C VAL A 67 38.52 7.09 22.02
N ARG A 68 39.64 7.72 22.42
CA ARG A 68 39.69 8.38 23.74
C ARG A 68 38.56 9.40 23.88
N LEU A 69 38.30 10.19 22.83
CA LEU A 69 37.17 11.13 22.83
C LEU A 69 35.84 10.42 22.96
N LEU A 70 35.65 9.34 22.18
CA LEU A 70 34.37 8.63 22.15
C LEU A 70 34.05 7.94 23.48
N SER A 71 35.05 7.52 24.24
CA SER A 71 34.84 6.84 25.51
CA SER A 71 34.83 6.84 25.51
C SER A 71 34.87 7.78 26.72
N ASP A 72 35.15 9.07 26.51
CA ASP A 72 35.32 10.00 27.62
C ASP A 72 33.94 10.47 28.11
N ARG A 73 33.49 9.94 29.25
CA ARG A 73 32.18 10.31 29.79
C ARG A 73 32.06 11.79 30.18
N ASP A 74 33.15 12.56 30.22
CA ASP A 74 33.02 13.98 30.49
C ASP A 74 32.80 14.81 29.24
N ILE A 75 32.75 14.19 28.07
CA ILE A 75 32.59 14.89 26.81
C ILE A 75 31.31 14.36 26.15
N THR A 76 30.37 15.25 25.86
CA THR A 76 29.18 14.85 25.16
C THR A 76 29.46 14.79 23.66
N LYS A 77 29.21 13.64 23.04
CA LYS A 77 29.27 13.53 21.58
C LYS A 77 27.96 13.98 20.96
N ILE A 78 28.01 15.02 20.11
CA ILE A 78 26.85 15.53 19.38
C ILE A 78 26.80 14.87 18.00
N PHE A 79 25.61 14.47 17.59
CA PHE A 79 25.40 13.84 16.30
C PHE A 79 24.12 14.39 15.70
N HIS A 80 23.98 14.24 14.40
CA HIS A 80 22.66 14.29 13.78
C HIS A 80 22.30 12.87 13.35
N PHE A 81 21.24 12.33 13.96
CA PHE A 81 20.88 10.91 13.81
C PHE A 81 22.07 10.04 14.19
N GLY A 82 22.44 10.16 15.47
CA GLY A 82 23.51 9.35 16.03
C GLY A 82 23.22 7.86 16.04
N ARG A 83 21.94 7.46 15.91
CA ARG A 83 21.63 6.04 15.84
C ARG A 83 22.54 5.34 14.82
N PHE A 84 22.76 5.98 13.67
CA PHE A 84 23.61 5.37 12.66
C PHE A 84 25.09 5.50 13.02
N ASP A 85 25.53 6.70 13.39
CA ASP A 85 26.95 6.96 13.62
C ASP A 85 27.48 6.16 14.80
N LEU A 86 26.68 6.02 15.86
CA LEU A 86 27.07 5.18 17.00
C LEU A 86 27.25 3.74 16.60
N ALA A 87 26.40 3.23 15.71
CA ALA A 87 26.48 1.83 15.33
C ALA A 87 27.76 1.54 14.53
N ILE A 88 28.04 2.34 13.50
CA ILE A 88 29.24 2.06 12.70
C ILE A 88 30.50 2.33 13.52
N LEU A 89 30.48 3.31 14.44
CA LEU A 89 31.66 3.54 15.26
C LEU A 89 31.90 2.38 16.21
N ALA A 90 30.84 1.92 16.91
CA ALA A 90 31.01 0.81 17.84
C ALA A 90 31.40 -0.46 17.10
N HIS A 91 30.85 -0.66 15.92
CA HIS A 91 31.23 -1.81 15.13
C HIS A 91 32.69 -1.77 14.74
N THR A 92 33.20 -0.58 14.38
CA THR A 92 34.54 -0.52 13.84
C THR A 92 35.60 -0.57 14.94
N PHE A 93 35.41 0.18 16.03
CA PHE A 93 36.46 0.30 17.04
C PHE A 93 36.12 -0.36 18.36
N GLY A 94 34.96 -1.03 18.46
CA GLY A 94 34.64 -1.79 19.66
C GLY A 94 34.28 -0.98 20.88
N VAL A 95 34.05 0.33 20.75
CA VAL A 95 33.67 1.18 21.88
C VAL A 95 32.36 1.89 21.53
N MET A 96 31.32 1.66 22.34
CA MET A 96 30.06 2.38 22.18
C MET A 96 30.08 3.63 23.04
N PRO A 97 30.07 4.83 22.44
CA PRO A 97 29.95 6.04 23.25
C PRO A 97 28.64 6.04 24.03
N ASP A 98 28.66 6.61 25.24
CA ASP A 98 27.44 6.61 26.04
C ASP A 98 27.06 7.98 26.60
N VAL A 99 27.71 9.07 26.20
CA VAL A 99 27.24 10.41 26.56
C VAL A 99 27.02 11.15 25.23
N VAL A 100 25.77 11.23 24.78
CA VAL A 100 25.47 11.67 23.42
C VAL A 100 24.32 12.66 23.45
N PHE A 101 24.28 13.50 22.42
CA PHE A 101 23.15 14.38 22.11
C PHE A 101 22.87 14.18 20.63
N CYS A 102 21.59 13.98 20.27
CA CYS A 102 21.20 13.80 18.87
C CYS A 102 20.25 14.90 18.44
N THR A 103 20.64 15.66 17.41
CA THR A 103 19.83 16.77 16.92
C THR A 103 18.59 16.30 16.15
N LYS A 104 18.57 15.08 15.65
CA LYS A 104 17.36 14.57 15.03
C LYS A 104 16.30 14.28 16.11
N ILE A 105 16.67 13.55 17.16
CA ILE A 105 15.76 13.31 18.27
C ILE A 105 15.34 14.63 18.90
N ALA A 106 16.28 15.55 19.10
CA ALA A 106 15.90 16.85 19.67
C ALA A 106 14.89 17.56 18.79
N SER A 107 15.07 17.45 17.47
CA SER A 107 14.15 18.08 16.52
C SER A 107 12.76 17.43 16.58
N LYS A 108 12.71 16.09 16.64
CA LYS A 108 11.42 15.40 16.73
C LYS A 108 10.69 15.74 18.03
N LEU A 109 11.41 16.14 19.07
CA LEU A 109 10.82 16.55 20.34
C LEU A 109 10.53 18.05 20.45
N THR A 110 11.05 18.88 19.55
CA THR A 110 10.84 20.33 19.65
C THR A 110 10.21 20.95 18.41
N ARG A 111 10.62 20.57 17.21
CA ARG A 111 10.03 21.13 16.00
C ARG A 111 8.78 20.33 15.65
N THR A 112 7.78 20.48 16.52
CA THR A 112 6.51 19.79 16.41
C THR A 112 5.61 20.38 15.33
N TYR A 113 6.02 21.48 14.72
CA TYR A 113 5.25 22.14 13.69
C TYR A 113 5.67 21.68 12.30
N THR A 114 6.41 20.57 12.22
CA THR A 114 6.83 20.04 10.93
C THR A 114 7.06 18.55 11.03
N ASP A 115 7.14 17.94 9.86
CA ASP A 115 7.44 16.52 9.70
C ASP A 115 8.79 16.30 9.02
N ARG A 116 9.53 17.36 8.74
CA ARG A 116 10.84 17.27 8.09
C ARG A 116 11.93 17.60 9.11
N HIS A 117 12.69 16.57 9.50
CA HIS A 117 13.70 16.64 10.55
C HIS A 117 15.10 16.37 10.02
N GLY A 118 15.32 16.48 8.72
CA GLY A 118 16.65 16.28 8.17
C GLY A 118 17.57 17.44 8.47
N LEU A 119 18.87 17.15 8.41
CA LEU A 119 19.86 18.15 8.81
C LEU A 119 19.80 19.39 7.92
N LYS A 120 19.51 19.21 6.63
CA LYS A 120 19.47 20.35 5.74
C LYS A 120 18.30 21.26 6.08
N GLU A 121 17.13 20.67 6.36
CA GLU A 121 15.97 21.47 6.73
CA GLU A 121 15.97 21.48 6.73
C GLU A 121 16.19 22.17 8.07
N ILE A 122 16.86 21.49 9.00
CA ILE A 122 17.10 22.08 10.32
C ILE A 122 18.07 23.25 10.22
N CYS A 123 19.20 23.06 9.52
CA CYS A 123 20.17 24.13 9.39
C CYS A 123 19.56 25.37 8.73
N GLY A 124 18.76 25.15 7.68
CA GLY A 124 18.11 26.26 7.01
C GLY A 124 17.19 27.04 7.94
N GLU A 125 16.35 26.35 8.68
CA GLU A 125 15.40 27.03 9.54
C GLU A 125 16.07 27.61 10.78
N LEU A 126 16.93 26.84 11.46
CA LEU A 126 17.45 27.32 12.73
C LEU A 126 18.61 28.30 12.57
N LEU A 127 19.40 28.14 11.51
CA LEU A 127 20.65 28.90 11.36
C LEU A 127 20.73 29.70 10.07
N ASN A 128 19.73 29.60 9.18
CA ASN A 128 19.81 30.17 7.83
CA ASN A 128 19.82 30.17 7.84
C ASN A 128 21.15 29.82 7.18
N VAL A 129 21.49 28.54 7.25
CA VAL A 129 22.70 28.00 6.64
C VAL A 129 22.26 26.93 5.64
N ASN A 130 22.71 27.04 4.41
CA ASN A 130 22.35 26.09 3.36
C ASN A 130 23.38 24.98 3.29
N ILE A 131 22.93 23.74 3.50
CA ILE A 131 23.74 22.53 3.40
C ILE A 131 23.41 21.84 2.08
N SER A 132 24.44 21.40 1.36
CA SER A 132 24.28 20.60 0.14
C SER A 132 24.48 19.12 0.47
N LYS A 133 23.61 18.28 -0.06
CA LYS A 133 23.70 16.84 0.15
C LYS A 133 24.22 16.12 -1.09
N GLN A 134 24.78 16.86 -2.04
CA GLN A 134 25.14 16.31 -3.34
C GLN A 134 26.22 15.25 -3.23
N GLN A 135 27.19 15.46 -2.33
CA GLN A 135 28.36 14.58 -2.22
C GLN A 135 28.12 13.38 -1.32
N GLN A 136 26.90 13.24 -0.79
CA GLN A 136 26.59 12.15 0.14
C GLN A 136 26.76 10.79 -0.53
N SER A 137 26.13 10.60 -1.70
CA SER A 137 26.31 9.40 -2.51
C SER A 137 27.53 9.61 -3.40
N SER A 138 28.69 9.34 -2.84
CA SER A 138 29.95 9.34 -3.56
C SER A 138 30.83 8.24 -2.96
N ASP A 139 31.93 7.95 -3.64
CA ASP A 139 32.89 6.94 -3.19
C ASP A 139 33.69 7.43 -1.99
N TRP A 140 33.16 7.23 -0.79
CA TRP A 140 33.87 7.69 0.40
C TRP A 140 35.09 6.85 0.73
N ALA A 141 35.31 5.74 0.03
CA ALA A 141 36.47 4.90 0.29
C ALA A 141 37.65 5.23 -0.62
N ALA A 142 37.57 6.30 -1.40
CA ALA A 142 38.65 6.63 -2.32
C ALA A 142 39.93 6.98 -1.55
N GLU A 143 41.07 6.60 -2.12
CA GLU A 143 42.36 6.96 -1.55
C GLU A 143 42.45 8.46 -1.26
N THR A 144 42.12 9.28 -2.25
CA THR A 144 42.15 10.73 -2.11
C THR A 144 40.74 11.28 -2.25
N LEU A 145 40.25 11.90 -1.19
CA LEU A 145 38.93 12.53 -1.22
C LEU A 145 38.99 13.80 -2.05
N SER A 146 37.90 14.07 -2.77
CA SER A 146 37.80 15.28 -3.55
C SER A 146 37.63 16.50 -2.63
N ARG A 147 37.96 17.68 -3.16
CA ARG A 147 37.70 18.92 -2.45
C ARG A 147 36.24 18.99 -2.02
N ALA A 148 35.33 18.59 -2.90
CA ALA A 148 33.91 18.70 -2.59
C ALA A 148 33.52 17.71 -1.48
N GLN A 149 34.09 16.50 -1.52
CA GLN A 149 33.83 15.54 -0.45
C GLN A 149 34.33 16.06 0.89
N ILE A 150 35.54 16.63 0.90
CA ILE A 150 36.12 17.11 2.14
C ILE A 150 35.28 18.24 2.72
N GLU A 151 34.70 19.06 1.85
CA GLU A 151 33.90 20.17 2.35
C GLU A 151 32.53 19.71 2.81
N TYR A 152 31.93 18.78 2.06
CA TYR A 152 30.68 18.18 2.53
C TYR A 152 30.88 17.56 3.91
N ALA A 153 31.97 16.82 4.07
CA ALA A 153 32.17 16.06 5.31
C ALA A 153 32.35 17.01 6.48
N ALA A 154 33.09 18.08 6.27
CA ALA A 154 33.25 19.08 7.32
C ALA A 154 31.94 19.80 7.61
N SER A 155 31.13 20.06 6.58
CA SER A 155 29.89 20.81 6.79
C SER A 155 28.93 20.10 7.73
N ASP A 156 29.04 18.78 7.87
CA ASP A 156 28.07 18.05 8.70
C ASP A 156 28.39 18.11 10.19
N VAL A 157 29.57 18.60 10.60
CA VAL A 157 29.88 18.80 12.01
C VAL A 157 30.01 20.27 12.39
N LEU A 158 30.14 21.19 11.42
CA LEU A 158 30.48 22.57 11.75
C LEU A 158 29.38 23.31 12.50
N TYR A 159 28.14 22.83 12.45
CA TYR A 159 26.99 23.56 12.95
C TYR A 159 26.29 22.84 14.10
N LEU A 160 26.75 21.65 14.48
CA LEU A 160 26.00 20.87 15.45
C LEU A 160 25.99 21.52 16.83
N HIS A 161 27.08 22.19 17.24
CA HIS A 161 27.05 22.90 18.53
C HIS A 161 25.98 23.99 18.52
N ARG A 162 25.91 24.77 17.44
CA ARG A 162 24.91 25.82 17.34
C ARG A 162 23.51 25.25 17.33
N LEU A 163 23.31 24.10 16.68
CA LEU A 163 21.99 23.48 16.70
C LEU A 163 21.66 23.00 18.09
N LYS A 164 22.62 22.34 18.76
CA LYS A 164 22.41 21.83 20.11
C LYS A 164 21.98 22.94 21.06
N ASP A 165 22.63 24.10 20.97
CA ASP A 165 22.29 25.21 21.84
C ASP A 165 20.85 25.65 21.64
N ILE A 166 20.40 25.72 20.40
CA ILE A 166 19.02 26.14 20.17
C ILE A 166 18.06 25.08 20.71
N PHE A 167 18.34 23.80 20.40
CA PHE A 167 17.44 22.74 20.84
C PHE A 167 17.33 22.67 22.36
N GLU A 168 18.43 22.94 23.06
CA GLU A 168 18.35 22.96 24.52
C GLU A 168 17.44 24.07 25.01
N GLU A 169 17.46 25.25 24.35
CA GLU A 169 16.50 26.30 24.70
C GLU A 169 15.07 25.84 24.47
N ARG A 170 14.80 25.21 23.32
CA ARG A 170 13.45 24.71 23.04
C ARG A 170 13.05 23.60 24.02
N LEU A 171 13.98 22.72 24.35
CA LEU A 171 13.67 21.65 25.30
C LEU A 171 13.33 22.22 26.67
N LYS A 172 14.06 23.27 27.08
CA LYS A 172 13.75 23.94 28.34
C LYS A 172 12.42 24.67 28.25
N ARG A 173 12.22 25.45 27.19
CA ARG A 173 11.01 26.24 27.08
C ARG A 173 9.75 25.36 27.14
N GLU A 174 9.80 24.18 26.51
CA GLU A 174 8.67 23.27 26.46
C GLU A 174 8.71 22.18 27.54
N GLU A 175 9.68 22.24 28.45
CA GLU A 175 9.75 21.34 29.62
C GLU A 175 9.88 19.87 29.21
N ARG A 176 10.76 19.59 28.25
CA ARG A 176 11.00 18.23 27.80
C ARG A 176 12.45 17.79 27.99
N GLU A 177 13.17 18.41 28.94
CA GLU A 177 14.58 18.06 29.15
C GLU A 177 14.75 16.63 29.63
N SER A 178 13.95 16.20 30.61
CA SER A 178 14.05 14.83 31.11
C SER A 178 13.62 13.80 30.07
N VAL A 179 12.67 14.15 29.21
CA VAL A 179 12.32 13.29 28.07
C VAL A 179 13.53 13.13 27.14
N ALA A 180 14.09 14.26 26.70
CA ALA A 180 15.23 14.20 25.80
C ALA A 180 16.37 13.40 26.41
N LYS A 181 16.68 13.66 27.67
CA LYS A 181 17.79 12.98 28.34
C LYS A 181 17.59 11.47 28.37
N ALA A 182 16.36 10.99 28.65
CA ALA A 182 16.11 9.55 28.64
C ALA A 182 16.27 8.97 27.22
N CYS A 183 15.87 9.72 26.19
CA CYS A 183 16.09 9.28 24.82
C CYS A 183 17.59 9.17 24.51
N PHE A 184 18.37 10.19 24.86
CA PHE A 184 19.81 10.13 24.65
C PHE A 184 20.43 8.97 25.41
N GLN A 185 19.94 8.71 26.63
CA GLN A 185 20.45 7.60 27.41
C GLN A 185 20.27 6.27 26.69
N PHE A 186 19.14 6.10 26.00
CA PHE A 186 18.86 4.82 25.37
C PHE A 186 19.44 4.70 23.96
N LEU A 187 19.69 5.85 23.29
CA LEU A 187 20.24 5.84 21.93
C LEU A 187 21.43 4.90 21.72
N PRO A 188 22.43 4.82 22.60
CA PRO A 188 23.51 3.84 22.38
C PRO A 188 23.03 2.41 22.34
N MET A 189 22.08 2.06 23.21
CA MET A 189 21.52 0.70 23.17
CA MET A 189 21.55 0.69 23.15
C MET A 189 20.63 0.49 21.95
N ARG A 190 19.97 1.54 21.49
CA ARG A 190 19.20 1.41 20.25
C ARG A 190 20.15 1.12 19.08
N ALA A 191 21.32 1.77 19.07
CA ALA A 191 22.33 1.46 18.07
C ALA A 191 22.88 0.05 18.26
N ASN A 192 23.10 -0.37 19.51
CA ASN A 192 23.55 -1.75 19.70
CA ASN A 192 23.54 -1.75 19.74
C ASN A 192 22.53 -2.73 19.16
N LEU A 193 21.25 -2.51 19.44
CA LEU A 193 20.18 -3.35 18.90
C LEU A 193 20.25 -3.47 17.39
N ASP A 194 20.58 -2.36 16.70
CA ASP A 194 20.76 -2.42 15.25
C ASP A 194 21.88 -3.37 14.88
N LEU A 195 23.02 -3.29 15.58
CA LEU A 195 24.15 -4.15 15.28
C LEU A 195 23.84 -5.61 15.57
N LEU A 196 22.98 -5.88 16.55
CA LEU A 196 22.71 -7.25 16.96
C LEU A 196 21.66 -7.93 16.10
N GLY A 197 20.93 -7.18 15.28
CA GLY A 197 19.97 -7.82 14.38
C GLY A 197 18.56 -7.26 14.40
N TRP A 198 18.30 -6.22 15.20
CA TRP A 198 16.96 -5.65 15.33
C TRP A 198 16.81 -4.33 14.55
N SER A 199 17.62 -4.12 13.51
CA SER A 199 17.63 -2.81 12.86
C SER A 199 16.31 -2.49 12.16
N GLU A 200 15.48 -3.48 11.87
CA GLU A 200 14.19 -3.20 11.25
C GLU A 200 13.03 -3.17 12.25
N ILE A 201 13.33 -3.21 13.55
CA ILE A 201 12.31 -3.47 14.56
C ILE A 201 12.27 -2.31 15.53
N ASP A 202 11.10 -1.68 15.66
CA ASP A 202 10.83 -0.82 16.82
C ASP A 202 10.54 -1.74 18.00
N ILE A 203 11.49 -1.83 18.92
CA ILE A 203 11.39 -2.80 20.02
C ILE A 203 10.24 -2.46 21.00
N PHE A 204 9.77 -1.21 21.03
CA PHE A 204 8.66 -0.79 21.89
C PHE A 204 7.30 -0.81 21.19
N ALA A 205 7.25 -1.21 19.93
CA ALA A 205 5.97 -1.24 19.22
C ALA A 205 5.16 -2.45 19.64
N HIS A 206 3.82 -2.30 19.59
CA HIS A 206 2.95 -3.44 19.86
C HIS A 206 3.18 -4.55 18.85
N SER A 207 3.33 -4.20 17.58
CA SER A 207 3.63 -5.19 16.55
C SER A 207 4.31 -4.55 15.35
N THR B 3 0.48 46.67 3.12
CA THR B 3 -0.63 46.39 4.03
C THR B 3 -0.28 46.74 5.47
N GLU B 4 -1.27 47.21 6.23
CA GLU B 4 -1.09 47.59 7.63
C GLU B 4 -1.42 46.43 8.56
N ILE B 5 -0.46 46.06 9.41
CA ILE B 5 -0.59 44.90 10.29
C ILE B 5 -0.35 45.37 11.71
N ARG B 6 -1.38 45.28 12.55
CA ARG B 6 -1.28 45.66 13.95
C ARG B 6 -0.98 44.42 14.79
N VAL B 7 0.09 44.49 15.58
CA VAL B 7 0.57 43.39 16.40
C VAL B 7 0.26 43.69 17.85
N HIS B 8 -0.42 42.77 18.52
CA HIS B 8 -0.79 42.94 19.92
C HIS B 8 -0.25 41.79 20.77
N GLN B 9 -0.10 42.06 22.07
CA GLN B 9 0.24 41.06 23.06
C GLN B 9 -1.03 40.67 23.79
N GLY B 10 -1.32 39.39 23.82
CA GLY B 10 -2.44 38.91 24.63
C GLY B 10 -3.86 39.05 24.12
N ASP B 11 -4.22 40.23 23.62
CA ASP B 11 -5.60 40.46 23.22
C ASP B 11 -5.69 41.70 22.35
N LEU B 12 -6.79 41.80 21.63
CA LEU B 12 -7.12 43.06 21.00
C LEU B 12 -7.26 44.13 22.08
N PRO B 13 -6.90 45.38 21.78
CA PRO B 13 -7.19 46.46 22.75
C PRO B 13 -8.66 46.79 22.84
N ASN B 14 -9.41 46.65 21.75
CA ASN B 14 -10.85 46.91 21.73
C ASN B 14 -11.42 46.31 20.45
N LEU B 15 -12.73 46.44 20.27
CA LEU B 15 -13.40 45.92 19.07
C LEU B 15 -13.80 47.04 18.11
N ASP B 16 -13.03 48.13 18.05
CA ASP B 16 -13.44 49.24 17.22
C ASP B 16 -13.33 48.91 15.74
N ASN B 17 -12.41 48.03 15.38
CA ASN B 17 -12.27 47.61 13.98
C ASN B 17 -13.16 46.43 13.62
N TYR B 18 -14.04 45.99 14.53
CA TYR B 18 -14.71 44.72 14.30
C TYR B 18 -16.21 44.82 14.55
N ARG B 19 -16.80 45.97 14.26
CA ARG B 19 -18.25 46.13 14.24
C ARG B 19 -18.73 45.74 12.84
N ILE B 20 -18.71 44.43 12.59
CA ILE B 20 -18.92 43.88 11.25
C ILE B 20 -19.70 42.57 11.37
N ASP B 21 -20.22 42.10 10.23
CA ASP B 21 -21.03 40.89 10.16
CA ASP B 21 -21.02 40.89 10.19
C ASP B 21 -20.20 39.62 9.97
N ALA B 22 -18.98 39.74 9.48
CA ALA B 22 -18.10 38.60 9.24
C ALA B 22 -16.66 38.98 9.55
N VAL B 23 -15.94 38.10 10.26
CA VAL B 23 -14.54 38.31 10.62
C VAL B 23 -13.71 37.11 10.16
N ALA B 24 -12.58 37.39 9.51
CA ALA B 24 -11.63 36.36 9.10
C ALA B 24 -10.70 35.99 10.26
N VAL B 25 -10.51 34.69 10.50
CA VAL B 25 -9.79 34.20 11.67
C VAL B 25 -8.79 33.14 11.25
N ASP B 26 -7.63 33.16 11.90
CA ASP B 26 -6.67 32.10 11.68
C ASP B 26 -5.75 32.04 12.88
N THR B 27 -5.00 30.94 13.01
CA THR B 27 -4.17 30.73 14.19
C THR B 27 -2.83 30.14 13.79
N GLU B 28 -1.82 30.40 14.62
CA GLU B 28 -0.53 29.75 14.52
C GLU B 28 -0.24 29.08 15.85
N THR B 29 0.34 27.89 15.77
CA THR B 29 0.54 27.03 16.92
C THR B 29 1.93 26.42 16.83
N LEU B 30 2.26 25.59 17.81
CA LEU B 30 3.47 24.78 17.77
C LEU B 30 3.24 23.42 17.10
N GLY B 31 2.06 23.19 16.54
CA GLY B 31 1.82 21.94 15.84
C GLY B 31 0.33 21.65 15.68
N LEU B 32 0.05 20.43 15.21
CA LEU B 32 -1.32 20.04 14.88
C LEU B 32 -2.04 19.32 16.01
N GLN B 33 -1.40 19.11 17.17
CA GLN B 33 -2.02 18.37 18.27
C GLN B 33 -2.37 19.31 19.41
N PRO B 34 -3.60 19.81 19.49
CA PRO B 34 -3.91 20.87 20.45
C PRO B 34 -3.57 20.55 21.91
N HIS B 35 -3.61 19.28 22.31
CA HIS B 35 -3.30 18.94 23.69
C HIS B 35 -1.80 19.08 24.00
N ARG B 36 -0.94 18.95 23.00
CA ARG B 36 0.51 19.16 23.18
C ARG B 36 1.00 20.52 22.70
N ASP B 37 0.42 21.06 21.62
CA ASP B 37 0.97 22.19 20.88
C ASP B 37 0.12 23.43 21.13
N ARG B 38 0.69 24.41 21.83
CA ARG B 38 -0.08 25.53 22.34
C ARG B 38 -0.40 26.54 21.24
N LEU B 39 -1.50 27.25 21.45
CA LEU B 39 -1.85 28.40 20.63
C LEU B 39 -0.85 29.53 20.84
N CYS B 40 -0.29 30.05 19.76
CA CYS B 40 0.75 31.08 19.83
C CYS B 40 0.32 32.41 19.24
N VAL B 41 -0.42 32.39 18.14
CA VAL B 41 -0.85 33.58 17.44
C VAL B 41 -2.29 33.39 17.01
N VAL B 42 -3.08 34.46 17.10
CA VAL B 42 -4.39 34.54 16.47
C VAL B 42 -4.39 35.76 15.55
N GLN B 43 -4.86 35.56 14.32
CA GLN B 43 -4.94 36.61 13.33
C GLN B 43 -6.39 36.90 13.01
N LEU B 44 -6.71 38.18 12.82
CA LEU B 44 -8.05 38.63 12.46
C LEU B 44 -7.96 39.60 11.31
N SER B 45 -8.99 39.60 10.47
CA SER B 45 -9.13 40.67 9.48
C SER B 45 -10.60 40.99 9.29
N SER B 46 -10.89 42.28 9.13
CA SER B 46 -12.24 42.73 8.85
C SER B 46 -12.57 42.70 7.37
N GLY B 47 -11.59 42.40 6.52
CA GLY B 47 -11.78 42.40 5.09
C GLY B 47 -11.32 43.66 4.37
N ASP B 48 -10.78 44.64 5.09
CA ASP B 48 -10.44 45.94 4.53
C ASP B 48 -8.96 46.08 4.15
N GLY B 49 -8.23 44.97 4.03
CA GLY B 49 -6.82 45.03 3.69
C GLY B 49 -5.88 45.13 4.88
N THR B 50 -6.40 45.31 6.10
CA THR B 50 -5.62 45.37 7.33
C THR B 50 -5.87 44.12 8.18
N ALA B 51 -4.94 43.83 9.09
CA ALA B 51 -5.05 42.64 9.91
C ALA B 51 -4.51 42.91 11.31
N ASP B 52 -5.03 42.18 12.28
CA ASP B 52 -4.48 42.17 13.63
C ASP B 52 -3.85 40.81 13.87
N VAL B 53 -2.62 40.82 14.40
CA VAL B 53 -1.87 39.61 14.74
C VAL B 53 -1.68 39.67 16.25
N ILE B 54 -2.24 38.69 16.97
CA ILE B 54 -2.29 38.72 18.42
C ILE B 54 -1.38 37.62 18.94
N GLN B 55 -0.34 38.01 19.69
CA GLN B 55 0.56 37.04 20.29
C GLN B 55 -0.03 36.51 21.59
N ILE B 56 -0.20 35.21 21.65
CA ILE B 56 -0.79 34.52 22.80
C ILE B 56 0.36 33.96 23.64
N ALA B 57 0.44 34.38 24.90
CA ALA B 57 1.50 33.88 25.76
C ALA B 57 1.21 32.44 26.22
N LYS B 58 2.25 31.78 26.70
CA LYS B 58 2.12 30.42 27.20
C LYS B 58 1.34 30.41 28.51
N GLY B 59 0.37 29.50 28.63
CA GLY B 59 -0.46 29.49 29.81
C GLY B 59 -1.54 30.55 29.86
N GLN B 60 -1.64 31.41 28.85
CA GLN B 60 -2.64 32.47 28.84
C GLN B 60 -4.05 31.88 28.83
N LYS B 61 -4.89 32.31 29.77
CA LYS B 61 -6.22 31.71 29.91
C LYS B 61 -7.35 32.56 29.34
N SER B 62 -7.16 33.88 29.20
CA SER B 62 -8.23 34.73 28.70
C SER B 62 -7.75 35.63 27.57
N ALA B 63 -8.67 35.94 26.67
CA ALA B 63 -8.48 36.99 25.66
C ALA B 63 -9.85 37.61 25.44
N PRO B 64 -10.25 38.51 26.36
CA PRO B 64 -11.68 38.85 26.47
C PRO B 64 -12.28 39.45 25.20
N ASN B 65 -11.56 40.34 24.53
CA ASN B 65 -12.06 40.94 23.31
C ASN B 65 -12.14 39.92 22.17
N LEU B 66 -11.06 39.20 21.92
CA LEU B 66 -11.08 38.16 20.89
C LEU B 66 -12.19 37.16 21.15
N VAL B 67 -12.36 36.74 22.40
CA VAL B 67 -13.37 35.72 22.71
C VAL B 67 -14.79 36.27 22.55
N ARG B 68 -15.01 37.58 22.80
CA ARG B 68 -16.31 38.18 22.51
C ARG B 68 -16.72 37.94 21.07
N LEU B 69 -15.78 38.17 20.14
CA LEU B 69 -16.03 37.95 18.71
C LEU B 69 -16.37 36.50 18.43
N LEU B 70 -15.60 35.56 19.00
CA LEU B 70 -15.80 34.14 18.75
C LEU B 70 -17.18 33.67 19.21
N SER B 71 -17.71 34.23 20.30
CA SER B 71 -18.99 33.78 20.80
C SER B 71 -20.16 34.64 20.32
N ASP B 72 -19.90 35.67 19.50
CA ASP B 72 -20.96 36.58 19.06
C ASP B 72 -21.68 35.96 17.87
N ARG B 73 -22.94 35.59 18.06
CA ARG B 73 -23.63 34.86 16.99
C ARG B 73 -24.06 35.75 15.82
N ASP B 74 -24.00 37.07 15.95
CA ASP B 74 -24.26 37.95 14.81
C ASP B 74 -23.06 38.09 13.88
N ILE B 75 -21.92 37.49 14.23
CA ILE B 75 -20.69 37.62 13.46
C ILE B 75 -20.28 36.25 12.96
N THR B 76 -20.27 36.07 11.64
CA THR B 76 -19.76 34.84 11.06
C THR B 76 -18.23 34.86 11.11
N LYS B 77 -17.63 33.76 11.58
CA LYS B 77 -16.18 33.59 11.59
C LYS B 77 -15.76 32.79 10.36
N ILE B 78 -14.93 33.40 9.51
CA ILE B 78 -14.42 32.76 8.30
C ILE B 78 -13.06 32.16 8.59
N PHE B 79 -12.89 30.88 8.25
CA PHE B 79 -11.63 30.16 8.38
C PHE B 79 -11.33 29.46 7.07
N HIS B 80 -10.06 29.08 6.90
CA HIS B 80 -9.70 28.05 5.94
C HIS B 80 -9.30 26.81 6.73
N PHE B 81 -10.07 25.74 6.55
CA PHE B 81 -9.96 24.56 7.41
C PHE B 81 -10.12 24.96 8.88
N GLY B 82 -11.35 25.41 9.19
CA GLY B 82 -11.68 25.78 10.55
C GLY B 82 -11.71 24.62 11.52
N ARG B 83 -11.91 23.39 11.03
CA ARG B 83 -11.87 22.21 11.90
C ARG B 83 -10.67 22.24 12.84
N PHE B 84 -9.54 22.76 12.36
CA PHE B 84 -8.37 22.87 13.20
C PHE B 84 -8.44 24.12 14.10
N ASP B 85 -8.64 25.31 13.50
CA ASP B 85 -8.65 26.52 14.32
C ASP B 85 -9.72 26.46 15.40
N LEU B 86 -10.91 25.96 15.07
CA LEU B 86 -11.98 25.84 16.06
C LEU B 86 -11.54 24.98 17.23
N ALA B 87 -10.82 23.90 16.94
CA ALA B 87 -10.38 23.00 18.01
C ALA B 87 -9.38 23.67 18.95
N ILE B 88 -8.41 24.41 18.39
CA ILE B 88 -7.37 24.98 19.25
C ILE B 88 -7.91 26.21 19.97
N LEU B 89 -8.78 26.98 19.32
CA LEU B 89 -9.43 28.09 20.01
C LEU B 89 -10.27 27.58 21.19
N ALA B 90 -11.12 26.58 20.94
CA ALA B 90 -12.00 26.06 21.98
C ALA B 90 -11.19 25.47 23.13
N HIS B 91 -10.15 24.69 22.80
CA HIS B 91 -9.30 24.08 23.82
C HIS B 91 -8.55 25.15 24.64
N THR B 92 -8.15 26.25 24.01
CA THR B 92 -7.38 27.26 24.75
C THR B 92 -8.27 28.18 25.59
N PHE B 93 -9.35 28.72 25.02
CA PHE B 93 -10.15 29.69 25.75
C PHE B 93 -11.52 29.18 26.23
N GLY B 94 -11.88 27.94 25.92
CA GLY B 94 -13.10 27.39 26.48
C GLY B 94 -14.38 27.77 25.77
N VAL B 95 -14.29 28.44 24.62
CA VAL B 95 -15.47 28.84 23.86
C VAL B 95 -15.32 28.33 22.44
N MET B 96 -16.26 27.50 22.01
CA MET B 96 -16.32 27.02 20.64
C MET B 96 -17.17 27.99 19.82
N PRO B 97 -16.61 28.67 18.82
CA PRO B 97 -17.44 29.46 17.91
C PRO B 97 -18.47 28.58 17.22
N ASP B 98 -19.66 29.13 16.99
CA ASP B 98 -20.74 28.34 16.39
C ASP B 98 -21.34 28.93 15.11
N VAL B 99 -20.89 30.10 14.65
CA VAL B 99 -21.33 30.65 13.37
C VAL B 99 -20.09 30.81 12.50
N VAL B 100 -19.93 29.92 11.52
CA VAL B 100 -18.65 29.82 10.82
C VAL B 100 -18.87 29.63 9.33
N PHE B 101 -17.89 30.08 8.56
CA PHE B 101 -17.77 29.74 7.15
C PHE B 101 -16.38 29.16 6.95
N CYS B 102 -16.29 28.01 6.28
CA CYS B 102 -15.01 27.38 6.01
C CYS B 102 -14.76 27.36 4.51
N THR B 103 -13.68 28.05 4.07
CA THR B 103 -13.34 28.10 2.66
C THR B 103 -12.83 26.76 2.14
N LYS B 104 -12.31 25.89 3.00
CA LYS B 104 -11.90 24.59 2.49
C LYS B 104 -13.11 23.71 2.19
N ILE B 105 -14.10 23.69 3.07
CA ILE B 105 -15.34 22.96 2.79
C ILE B 105 -16.02 23.53 1.56
N ALA B 106 -16.10 24.87 1.48
CA ALA B 106 -16.67 25.54 0.31
C ALA B 106 -15.95 25.13 -0.97
N SER B 107 -14.61 25.08 -0.93
CA SER B 107 -13.87 24.62 -2.11
C SER B 107 -14.22 23.17 -2.46
N LYS B 108 -14.28 22.28 -1.47
CA LYS B 108 -14.64 20.90 -1.75
C LYS B 108 -16.05 20.78 -2.32
N LEU B 109 -16.93 21.76 -2.04
CA LEU B 109 -18.30 21.71 -2.54
C LEU B 109 -18.49 22.42 -3.87
N THR B 110 -17.53 23.22 -4.34
CA THR B 110 -17.66 24.02 -5.54
C THR B 110 -16.57 23.76 -6.56
N ARG B 111 -15.32 23.64 -6.13
CA ARG B 111 -14.22 23.42 -7.07
C ARG B 111 -14.06 21.91 -7.31
N THR B 112 -15.11 21.35 -7.90
CA THR B 112 -15.19 19.93 -8.20
C THR B 112 -14.27 19.54 -9.34
N TYR B 113 -13.75 20.52 -10.06
CA TYR B 113 -12.84 20.27 -11.17
C TYR B 113 -11.40 20.10 -10.74
N THR B 114 -11.17 19.85 -9.45
CA THR B 114 -9.81 19.70 -8.95
C THR B 114 -9.82 18.90 -7.68
N ASP B 115 -8.62 18.53 -7.25
CA ASP B 115 -8.39 17.76 -6.05
C ASP B 115 -7.51 18.49 -5.05
N ARG B 116 -6.94 19.62 -5.42
CA ARG B 116 -6.13 20.46 -4.54
C ARG B 116 -7.02 21.59 -3.99
N HIS B 117 -7.14 21.64 -2.66
CA HIS B 117 -8.01 22.62 -2.01
C HIS B 117 -7.23 23.39 -0.95
N GLY B 118 -5.95 23.52 -1.15
CA GLY B 118 -5.15 24.29 -0.22
C GLY B 118 -5.37 25.78 -0.39
N LEU B 119 -5.08 26.52 0.68
CA LEU B 119 -5.26 27.96 0.64
C LEU B 119 -4.40 28.59 -0.45
N LYS B 120 -3.19 28.07 -0.66
CA LYS B 120 -2.33 28.63 -1.68
C LYS B 120 -2.93 28.45 -3.07
N GLU B 121 -3.43 27.25 -3.36
CA GLU B 121 -4.00 27.00 -4.68
CA GLU B 121 -4.02 26.97 -4.67
C GLU B 121 -5.28 27.79 -4.89
N ILE B 122 -6.10 27.94 -3.85
CA ILE B 122 -7.36 28.68 -3.98
C ILE B 122 -7.09 30.16 -4.17
N CYS B 123 -6.11 30.71 -3.44
CA CYS B 123 -5.77 32.12 -3.64
C CYS B 123 -5.20 32.36 -5.02
N GLY B 124 -4.45 31.39 -5.54
CA GLY B 124 -3.87 31.55 -6.87
C GLY B 124 -4.93 31.53 -7.95
N GLU B 125 -5.90 30.61 -7.84
CA GLU B 125 -6.90 30.42 -8.88
C GLU B 125 -7.98 31.50 -8.84
N LEU B 126 -8.48 31.87 -7.66
CA LEU B 126 -9.64 32.74 -7.60
C LEU B 126 -9.28 34.21 -7.46
N LEU B 127 -8.16 34.53 -6.84
CA LEU B 127 -7.75 35.91 -6.64
C LEU B 127 -6.49 36.28 -7.41
N ASN B 128 -5.81 35.33 -8.04
CA ASN B 128 -4.46 35.53 -8.57
C ASN B 128 -3.55 36.20 -7.55
N VAL B 129 -3.69 35.79 -6.29
CA VAL B 129 -2.82 36.19 -5.20
C VAL B 129 -1.86 35.05 -4.94
N ASN B 130 -0.57 35.37 -4.79
CA ASN B 130 0.47 34.39 -4.52
C ASN B 130 0.75 34.34 -3.02
N ILE B 131 0.28 33.28 -2.37
CA ILE B 131 0.54 33.03 -0.95
C ILE B 131 1.82 32.22 -0.85
N SER B 132 2.71 32.63 0.05
CA SER B 132 3.91 31.85 0.34
C SER B 132 3.75 31.09 1.65
N LYS B 133 4.05 29.80 1.63
CA LYS B 133 3.93 28.94 2.80
C LYS B 133 5.27 28.71 3.53
N GLN B 134 6.31 29.49 3.23
CA GLN B 134 7.62 29.15 3.77
C GLN B 134 7.69 29.36 5.28
N GLN B 135 7.02 30.38 5.81
CA GLN B 135 7.08 30.62 7.25
C GLN B 135 6.19 29.70 8.07
N GLN B 136 5.38 28.84 7.41
CA GLN B 136 4.51 27.91 8.15
C GLN B 136 5.30 27.09 9.16
N SER B 137 6.36 26.44 8.71
CA SER B 137 7.29 25.74 9.60
C SER B 137 8.27 26.76 10.16
N SER B 138 7.86 27.42 11.24
CA SER B 138 8.76 28.30 11.99
C SER B 138 8.38 28.19 13.46
N ASP B 139 9.20 28.79 14.32
CA ASP B 139 8.97 28.80 15.75
C ASP B 139 7.95 29.90 16.07
N TRP B 140 6.68 29.54 16.03
CA TRP B 140 5.61 30.48 16.35
C TRP B 140 5.54 30.83 17.83
N ALA B 141 6.26 30.13 18.69
CA ALA B 141 6.28 30.49 20.09
C ALA B 141 7.37 31.51 20.44
N ALA B 142 8.14 31.99 19.46
CA ALA B 142 9.21 32.93 19.75
C ALA B 142 8.64 34.16 20.43
N GLU B 143 9.43 34.74 21.34
CA GLU B 143 9.01 35.95 22.03
C GLU B 143 8.76 37.08 21.04
N THR B 144 9.70 37.31 20.11
CA THR B 144 9.53 38.29 19.05
C THR B 144 9.40 37.54 17.72
N LEU B 145 8.27 37.72 17.05
CA LEU B 145 8.08 37.09 15.74
C LEU B 145 8.90 37.86 14.72
N SER B 146 9.39 37.15 13.71
CA SER B 146 10.08 37.81 12.62
C SER B 146 9.11 38.59 11.76
N ARG B 147 9.64 39.56 11.01
CA ARG B 147 8.79 40.28 10.08
C ARG B 147 8.19 39.35 9.04
N ALA B 148 8.99 38.40 8.53
CA ALA B 148 8.44 37.37 7.66
C ALA B 148 7.28 36.64 8.34
N GLN B 149 7.45 36.25 9.60
CA GLN B 149 6.38 35.56 10.31
C GLN B 149 5.14 36.43 10.42
N ILE B 150 5.32 37.74 10.67
CA ILE B 150 4.16 38.58 10.93
C ILE B 150 3.39 38.80 9.64
N GLU B 151 4.09 38.84 8.50
CA GLU B 151 3.43 39.03 7.22
C GLU B 151 2.79 37.76 6.71
N TYR B 152 3.41 36.62 6.98
CA TYR B 152 2.77 35.34 6.70
C TYR B 152 1.48 35.19 7.50
N ALA B 153 1.56 35.40 8.81
CA ALA B 153 0.39 35.24 9.66
C ALA B 153 -0.75 36.14 9.20
N ALA B 154 -0.43 37.36 8.76
CA ALA B 154 -1.48 38.27 8.37
C ALA B 154 -2.09 37.89 7.02
N SER B 155 -1.27 37.39 6.10
CA SER B 155 -1.82 37.13 4.78
C SER B 155 -2.74 35.91 4.78
N ASP B 156 -2.71 35.11 5.83
CA ASP B 156 -3.65 34.01 5.93
C ASP B 156 -5.06 34.45 6.32
N VAL B 157 -5.27 35.72 6.71
CA VAL B 157 -6.62 36.25 6.90
C VAL B 157 -7.00 37.36 5.92
N LEU B 158 -6.03 37.97 5.23
CA LEU B 158 -6.38 39.13 4.39
C LEU B 158 -7.33 38.81 3.25
N TYR B 159 -7.39 37.56 2.81
CA TYR B 159 -8.10 37.24 1.60
C TYR B 159 -9.34 36.37 1.84
N LEU B 160 -9.67 36.06 3.09
CA LEU B 160 -10.75 35.11 3.32
C LEU B 160 -12.12 35.71 3.00
N HIS B 161 -12.30 37.02 3.21
CA HIS B 161 -13.56 37.65 2.82
C HIS B 161 -13.77 37.55 1.31
N ARG B 162 -12.72 37.86 0.54
CA ARG B 162 -12.85 37.80 -0.91
C ARG B 162 -13.08 36.36 -1.37
N LEU B 163 -12.42 35.40 -0.72
CA LEU B 163 -12.68 34.00 -1.05
C LEU B 163 -14.12 33.64 -0.73
N LYS B 164 -14.61 34.02 0.45
CA LYS B 164 -15.98 33.69 0.84
C LYS B 164 -16.98 34.22 -0.18
N ASP B 165 -16.78 35.46 -0.65
CA ASP B 165 -17.70 36.05 -1.60
C ASP B 165 -17.76 35.23 -2.89
N ILE B 166 -16.61 34.81 -3.40
CA ILE B 166 -16.61 34.00 -4.62
C ILE B 166 -17.30 32.66 -4.38
N PHE B 167 -16.93 31.96 -3.30
CA PHE B 167 -17.55 30.66 -3.01
C PHE B 167 -19.05 30.77 -2.79
N GLU B 168 -19.51 31.87 -2.21
CA GLU B 168 -20.96 32.02 -2.02
C GLU B 168 -21.68 32.13 -3.36
N GLU B 169 -21.07 32.79 -4.35
CA GLU B 169 -21.65 32.79 -5.69
C GLU B 169 -21.66 31.39 -6.30
N ARG B 170 -20.58 30.65 -6.13
CA ARG B 170 -20.54 29.29 -6.68
C ARG B 170 -21.56 28.40 -6.01
N LEU B 171 -21.66 28.49 -4.68
CA LEU B 171 -22.66 27.72 -3.94
C LEU B 171 -24.08 28.06 -4.41
N LYS B 172 -24.33 29.33 -4.75
CA LYS B 172 -25.65 29.69 -5.28
C LYS B 172 -25.84 29.16 -6.70
N ARG B 173 -24.84 29.34 -7.56
CA ARG B 173 -24.94 28.88 -8.93
C ARG B 173 -25.25 27.38 -9.01
N GLU B 174 -24.57 26.58 -8.19
CA GLU B 174 -24.74 25.13 -8.19
C GLU B 174 -25.80 24.64 -7.20
N GLU B 175 -26.51 25.56 -6.53
CA GLU B 175 -27.65 25.22 -5.67
C GLU B 175 -27.25 24.27 -4.55
N ARG B 176 -26.24 24.70 -3.79
CA ARG B 176 -25.65 23.89 -2.72
C ARG B 176 -25.50 24.70 -1.44
N GLU B 177 -26.23 25.82 -1.34
CA GLU B 177 -26.15 26.64 -0.12
C GLU B 177 -26.58 25.85 1.11
N SER B 178 -27.67 25.09 1.01
CA SER B 178 -28.17 24.37 2.17
C SER B 178 -27.22 23.24 2.56
N VAL B 179 -26.64 22.55 1.57
CA VAL B 179 -25.60 21.57 1.86
C VAL B 179 -24.45 22.21 2.65
N ALA B 180 -23.93 23.36 2.18
CA ALA B 180 -22.79 23.99 2.86
C ALA B 180 -23.18 24.46 4.26
N LYS B 181 -24.32 25.13 4.40
CA LYS B 181 -24.79 25.56 5.70
C LYS B 181 -24.81 24.40 6.70
N ALA B 182 -25.32 23.24 6.27
CA ALA B 182 -25.36 22.13 7.22
C ALA B 182 -23.96 21.64 7.57
N CYS B 183 -23.02 21.69 6.62
CA CYS B 183 -21.65 21.33 6.95
C CYS B 183 -21.05 22.31 7.93
N PHE B 184 -21.29 23.61 7.71
CA PHE B 184 -20.77 24.63 8.61
C PHE B 184 -21.36 24.47 10.02
N GLN B 185 -22.65 24.09 10.11
CA GLN B 185 -23.28 23.91 11.42
CA GLN B 185 -23.27 23.91 11.42
C GLN B 185 -22.68 22.73 12.17
N PHE B 186 -22.27 21.66 11.46
CA PHE B 186 -21.66 20.54 12.15
C PHE B 186 -20.17 20.77 12.49
N LEU B 187 -19.49 21.68 11.78
CA LEU B 187 -18.04 21.85 11.96
C LEU B 187 -17.59 22.05 13.41
N PRO B 188 -18.21 22.93 14.22
CA PRO B 188 -17.82 22.98 15.64
C PRO B 188 -17.84 21.62 16.31
N MET B 189 -18.90 20.83 16.10
CA MET B 189 -18.98 19.50 16.70
CA MET B 189 -18.95 19.51 16.72
C MET B 189 -17.90 18.58 16.13
N ARG B 190 -17.59 18.70 14.84
CA ARG B 190 -16.48 17.95 14.27
C ARG B 190 -15.17 18.32 14.96
N ALA B 191 -14.99 19.60 15.29
CA ALA B 191 -13.77 20.01 15.99
C ALA B 191 -13.79 19.51 17.43
N ASN B 192 -14.96 19.65 18.08
CA ASN B 192 -15.13 19.09 19.41
CA ASN B 192 -15.18 19.07 19.39
C ASN B 192 -14.77 17.60 19.43
N LEU B 193 -15.23 16.83 18.43
CA LEU B 193 -14.94 15.40 18.37
C LEU B 193 -13.45 15.14 18.30
N ASP B 194 -12.70 16.00 17.61
CA ASP B 194 -11.25 15.86 17.56
C ASP B 194 -10.67 16.00 18.96
N LEU B 195 -11.11 17.01 19.70
CA LEU B 195 -10.58 17.26 21.04
C LEU B 195 -10.89 16.09 21.98
N LEU B 196 -12.06 15.47 21.82
CA LEU B 196 -12.47 14.36 22.68
C LEU B 196 -11.76 13.06 22.35
N GLY B 197 -11.09 12.96 21.21
CA GLY B 197 -10.38 11.72 20.93
C GLY B 197 -10.71 11.06 19.61
N TRP B 198 -11.52 11.66 18.75
CA TRP B 198 -11.89 11.03 17.48
C TRP B 198 -11.25 11.70 16.27
N SER B 199 -10.08 12.32 16.46
CA SER B 199 -9.49 13.13 15.39
C SER B 199 -9.11 12.27 14.18
N GLU B 200 -8.84 10.98 14.40
CA GLU B 200 -8.48 10.09 13.29
C GLU B 200 -9.67 9.34 12.72
N ILE B 201 -10.90 9.62 13.14
CA ILE B 201 -12.08 8.82 12.79
C ILE B 201 -13.03 9.67 11.98
N ASP B 202 -13.36 9.23 10.77
CA ASP B 202 -14.52 9.75 10.05
C ASP B 202 -15.75 9.13 10.72
N ILE B 203 -16.46 9.94 11.52
CA ILE B 203 -17.51 9.39 12.35
C ILE B 203 -18.67 8.85 11.51
N PHE B 204 -18.81 9.31 10.26
CA PHE B 204 -19.92 8.86 9.40
C PHE B 204 -19.53 7.75 8.46
N ALA B 205 -18.27 7.30 8.48
CA ALA B 205 -17.89 6.26 7.55
C ALA B 205 -18.41 4.90 8.01
N HIS B 206 -18.50 3.96 7.07
CA HIS B 206 -18.92 2.60 7.41
C HIS B 206 -17.89 1.92 8.28
N SER B 207 -16.63 1.98 7.88
CA SER B 207 -15.54 1.35 8.61
C SER B 207 -14.29 2.21 8.55
N THR C 3 32.31 12.90 -32.73
CA THR C 3 31.98 11.52 -32.38
C THR C 3 31.49 10.75 -33.59
N GLU C 4 32.30 9.80 -34.06
CA GLU C 4 31.98 9.05 -35.27
C GLU C 4 31.00 7.92 -34.96
N ILE C 5 29.88 7.92 -35.67
CA ILE C 5 28.85 6.91 -35.53
C ILE C 5 28.58 6.34 -36.92
N ARG C 6 28.78 5.04 -37.08
CA ARG C 6 28.53 4.34 -38.32
C ARG C 6 27.15 3.66 -38.24
N VAL C 7 26.27 4.01 -39.17
CA VAL C 7 24.92 3.44 -39.23
C VAL C 7 24.89 2.38 -40.32
N HIS C 8 24.30 1.23 -40.00
CA HIS C 8 24.25 0.10 -40.90
C HIS C 8 22.83 -0.39 -41.00
N GLN C 9 22.49 -0.94 -42.16
CA GLN C 9 21.23 -1.65 -42.34
C GLN C 9 21.48 -3.14 -42.19
N GLY C 10 20.76 -3.78 -41.28
CA GLY C 10 20.81 -5.25 -41.14
C GLY C 10 21.92 -5.86 -40.31
N ASP C 11 23.18 -5.53 -40.59
CA ASP C 11 24.31 -6.17 -39.94
C ASP C 11 25.54 -5.29 -40.11
N LEU C 12 26.58 -5.58 -39.34
CA LEU C 12 27.89 -5.03 -39.63
C LEU C 12 28.37 -5.53 -40.99
N PRO C 13 29.04 -4.68 -41.78
CA PRO C 13 29.63 -5.19 -43.02
C PRO C 13 30.71 -6.23 -42.74
N ASN C 14 31.43 -6.10 -41.64
CA ASN C 14 32.47 -7.06 -41.26
C ASN C 14 32.85 -6.81 -39.81
N LEU C 15 33.76 -7.66 -39.32
CA LEU C 15 34.22 -7.59 -37.94
C LEU C 15 35.58 -6.93 -37.80
N ASP C 16 35.98 -6.09 -38.75
CA ASP C 16 37.33 -5.52 -38.71
C ASP C 16 37.54 -4.64 -37.49
N ASN C 17 36.50 -3.95 -37.03
CA ASN C 17 36.62 -3.10 -35.85
C ASN C 17 36.38 -3.83 -34.54
N TYR C 18 36.22 -5.16 -34.56
CA TYR C 18 35.84 -5.92 -33.36
C TYR C 18 36.74 -7.14 -33.18
N ARG C 19 38.04 -6.98 -33.42
CA ARG C 19 39.04 -7.96 -33.02
C ARG C 19 39.55 -7.59 -31.63
N ILE C 20 38.67 -7.71 -30.65
CA ILE C 20 38.91 -7.15 -29.32
C ILE C 20 38.48 -8.15 -28.25
N ASP C 21 38.90 -7.87 -27.01
CA ASP C 21 38.59 -8.73 -25.87
C ASP C 21 37.16 -8.53 -25.37
N ALA C 22 36.59 -7.35 -25.58
CA ALA C 22 35.33 -7.00 -24.95
C ALA C 22 34.63 -5.97 -25.81
N VAL C 23 33.32 -6.14 -25.99
CA VAL C 23 32.51 -5.26 -26.83
C VAL C 23 31.31 -4.75 -26.03
N ALA C 24 31.07 -3.44 -26.10
CA ALA C 24 29.88 -2.84 -25.51
C ALA C 24 28.68 -3.05 -26.43
N VAL C 25 27.54 -3.41 -25.84
CA VAL C 25 26.36 -3.83 -26.60
C VAL C 25 25.13 -3.19 -25.99
N ASP C 26 24.19 -2.81 -26.85
CA ASP C 26 22.95 -2.23 -26.40
C ASP C 26 21.90 -2.38 -27.50
N THR C 27 20.63 -2.30 -27.11
CA THR C 27 19.57 -2.49 -28.08
C THR C 27 18.49 -1.45 -27.86
N GLU C 28 17.78 -1.15 -28.93
CA GLU C 28 16.56 -0.35 -28.88
C GLU C 28 15.45 -1.17 -29.51
N THR C 29 14.26 -1.12 -28.89
CA THR C 29 13.14 -1.96 -29.22
C THR C 29 11.87 -1.11 -29.26
N LEU C 30 10.75 -1.75 -29.60
CA LEU C 30 9.45 -1.11 -29.49
C LEU C 30 8.86 -1.22 -28.10
N GLY C 31 9.52 -1.92 -27.18
CA GLY C 31 9.08 -1.98 -25.80
C GLY C 31 9.80 -3.07 -25.03
N LEU C 32 9.33 -3.28 -23.81
CA LEU C 32 9.99 -4.19 -22.89
C LEU C 32 9.54 -5.63 -23.00
N GLN C 33 8.61 -5.96 -23.90
CA GLN C 33 8.09 -7.31 -23.99
C GLN C 33 8.59 -7.98 -25.27
N PRO C 34 9.62 -8.82 -25.20
CA PRO C 34 10.20 -9.40 -26.42
C PRO C 34 9.21 -10.13 -27.31
N HIS C 35 8.18 -10.76 -26.74
CA HIS C 35 7.26 -11.49 -27.61
C HIS C 35 6.39 -10.54 -28.42
N ARG C 36 6.10 -9.35 -27.89
CA ARG C 36 5.34 -8.33 -28.61
C ARG C 36 6.22 -7.33 -29.36
N ASP C 37 7.35 -6.91 -28.76
CA ASP C 37 8.04 -5.68 -29.11
C ASP C 37 9.35 -6.00 -29.82
N ARG C 38 9.39 -5.73 -31.13
CA ARG C 38 10.45 -6.26 -31.96
C ARG C 38 11.76 -5.51 -31.74
N LEU C 39 12.87 -6.23 -31.89
CA LEU C 39 14.18 -5.59 -31.90
C LEU C 39 14.28 -4.65 -33.09
N CYS C 40 14.67 -3.41 -32.84
CA CYS C 40 14.77 -2.38 -33.87
C CYS C 40 16.19 -1.96 -34.17
N VAL C 41 17.03 -1.84 -33.14
CA VAL C 41 18.36 -1.27 -33.25
C VAL C 41 19.28 -2.09 -32.37
N VAL C 42 20.52 -2.29 -32.83
CA VAL C 42 21.60 -2.86 -32.03
C VAL C 42 22.80 -1.92 -32.15
N GLN C 43 23.36 -1.55 -31.00
CA GLN C 43 24.48 -0.64 -30.96
C GLN C 43 25.69 -1.36 -30.38
N LEU C 44 26.86 -1.01 -30.92
CA LEU C 44 28.12 -1.64 -30.58
C LEU C 44 29.17 -0.57 -30.42
N SER C 45 30.16 -0.85 -29.57
CA SER C 45 31.34 -0.01 -29.51
C SER C 45 32.52 -0.86 -29.05
N SER C 46 33.68 -0.60 -29.65
CA SER C 46 34.92 -1.20 -29.19
C SER C 46 35.52 -0.48 -27.97
N GLY C 47 34.92 0.61 -27.53
CA GLY C 47 35.54 1.45 -26.52
C GLY C 47 36.50 2.50 -27.05
N ASP C 48 36.64 2.64 -28.37
CA ASP C 48 37.56 3.62 -28.93
C ASP C 48 36.90 4.97 -29.16
N GLY C 49 35.72 5.20 -28.59
CA GLY C 49 35.02 6.46 -28.78
C GLY C 49 34.13 6.51 -30.00
N THR C 50 34.13 5.48 -30.83
CA THR C 50 33.21 5.35 -31.96
C THR C 50 32.20 4.24 -31.67
N ALA C 51 31.04 4.32 -32.32
CA ALA C 51 30.01 3.30 -32.21
C ALA C 51 29.49 2.92 -33.59
N ASP C 52 28.94 1.72 -33.68
CA ASP C 52 28.18 1.25 -34.83
C ASP C 52 26.73 1.12 -34.41
N VAL C 53 25.82 1.65 -35.24
CA VAL C 53 24.39 1.59 -34.99
C VAL C 53 23.74 0.85 -36.14
N ILE C 54 22.97 -0.20 -35.82
CA ILE C 54 22.54 -1.21 -36.78
C ILE C 54 21.03 -1.27 -36.74
N GLN C 55 20.36 -0.82 -37.80
CA GLN C 55 18.90 -0.92 -37.86
C GLN C 55 18.49 -2.33 -38.24
N ILE C 56 17.64 -2.91 -37.42
CA ILE C 56 17.16 -4.28 -37.62
C ILE C 56 15.76 -4.19 -38.20
N ALA C 57 15.54 -4.90 -39.31
CA ALA C 57 14.27 -4.77 -40.01
C ALA C 57 13.21 -5.66 -39.37
N LYS C 58 11.95 -5.34 -39.62
CA LYS C 58 10.87 -6.18 -39.12
C LYS C 58 10.93 -7.53 -39.82
N GLY C 59 10.83 -8.59 -39.04
CA GLY C 59 10.92 -9.92 -39.59
C GLY C 59 12.32 -10.42 -39.89
N GLN C 60 13.35 -9.61 -39.62
CA GLN C 60 14.72 -10.02 -39.92
C GLN C 60 15.13 -11.15 -38.99
N LYS C 61 15.68 -12.22 -39.57
CA LYS C 61 15.93 -13.45 -38.83
C LYS C 61 17.41 -13.74 -38.62
N SER C 62 18.30 -13.10 -39.36
CA SER C 62 19.72 -13.35 -39.26
C SER C 62 20.48 -12.03 -39.20
N ALA C 63 21.62 -12.05 -38.50
CA ALA C 63 22.55 -10.92 -38.50
C ALA C 63 23.95 -11.50 -38.34
N PRO C 64 24.49 -12.10 -39.41
CA PRO C 64 25.60 -13.06 -39.21
C PRO C 64 26.80 -12.50 -38.47
N ASN C 65 27.25 -11.30 -38.83
CA ASN C 65 28.46 -10.77 -38.20
C ASN C 65 28.20 -10.39 -36.75
N LEU C 66 27.09 -9.70 -36.48
CA LEU C 66 26.77 -9.34 -35.09
C LEU C 66 26.62 -10.59 -34.22
N VAL C 67 25.85 -11.57 -34.71
CA VAL C 67 25.66 -12.84 -34.00
C VAL C 67 26.98 -13.58 -33.81
N ARG C 68 27.93 -13.38 -34.73
CA ARG C 68 29.24 -14.00 -34.54
C ARG C 68 29.94 -13.45 -33.29
N LEU C 69 29.85 -12.14 -33.05
CA LEU C 69 30.38 -11.56 -31.81
C LEU C 69 29.65 -12.10 -30.59
N LEU C 70 28.32 -12.09 -30.65
CA LEU C 70 27.51 -12.56 -29.53
C LEU C 70 27.84 -14.00 -29.12
N SER C 71 28.26 -14.83 -30.07
CA SER C 71 28.55 -16.24 -29.79
C SER C 71 29.98 -16.51 -29.38
N ASP C 72 30.90 -15.55 -29.60
CA ASP C 72 32.33 -15.77 -29.38
C ASP C 72 32.63 -15.79 -27.89
N ARG C 73 33.00 -16.97 -27.37
CA ARG C 73 33.31 -17.09 -25.96
C ARG C 73 34.59 -16.35 -25.54
N ASP C 74 35.41 -15.90 -26.47
CA ASP C 74 36.62 -15.17 -26.13
C ASP C 74 36.40 -13.66 -26.07
N ILE C 75 35.20 -13.19 -26.42
CA ILE C 75 34.87 -11.77 -26.33
C ILE C 75 33.80 -11.59 -25.26
N THR C 76 34.08 -10.72 -24.30
CA THR C 76 33.12 -10.37 -23.27
C THR C 76 32.16 -9.30 -23.80
N LYS C 77 30.85 -9.57 -23.71
CA LYS C 77 29.83 -8.58 -24.07
C LYS C 77 29.48 -7.76 -22.84
N ILE C 78 29.53 -6.43 -22.97
CA ILE C 78 29.26 -5.53 -21.85
C ILE C 78 27.88 -4.92 -22.06
N PHE C 79 27.04 -4.97 -21.03
CA PHE C 79 25.72 -4.37 -21.08
C PHE C 79 25.48 -3.52 -19.84
N HIS C 80 24.55 -2.59 -19.96
CA HIS C 80 23.90 -2.04 -18.78
C HIS C 80 22.51 -2.67 -18.69
N PHE C 81 22.30 -3.47 -17.65
CA PHE C 81 21.09 -4.31 -17.49
C PHE C 81 20.92 -5.24 -18.69
N GLY C 82 21.89 -6.13 -18.84
CA GLY C 82 21.85 -7.10 -19.92
C GLY C 82 20.71 -8.11 -19.81
N ARG C 83 20.09 -8.25 -18.63
CA ARG C 83 18.94 -9.14 -18.52
C ARG C 83 17.94 -8.87 -19.64
N PHE C 84 17.67 -7.58 -19.93
CA PHE C 84 16.77 -7.25 -21.03
C PHE C 84 17.41 -7.51 -22.39
N ASP C 85 18.62 -6.99 -22.61
CA ASP C 85 19.25 -7.08 -23.93
C ASP C 85 19.47 -8.53 -24.35
N LEU C 86 19.97 -9.36 -23.42
CA LEU C 86 20.15 -10.78 -23.72
C LEU C 86 18.82 -11.44 -24.13
N ALA C 87 17.73 -11.09 -23.46
CA ALA C 87 16.45 -11.73 -23.78
C ALA C 87 16.02 -11.40 -25.21
N ILE C 88 16.13 -10.14 -25.61
CA ILE C 88 15.60 -9.76 -26.92
C ILE C 88 16.55 -10.23 -28.03
N LEU C 89 17.86 -10.29 -27.78
CA LEU C 89 18.77 -10.80 -28.79
C LEU C 89 18.57 -12.30 -28.96
N ALA C 90 18.51 -13.04 -27.85
CA ALA C 90 18.21 -14.46 -27.92
C ALA C 90 16.91 -14.71 -28.67
N HIS C 91 15.86 -13.97 -28.31
CA HIS C 91 14.56 -14.17 -28.95
C HIS C 91 14.60 -13.86 -30.45
N THR C 92 15.31 -12.80 -30.86
CA THR C 92 15.29 -12.41 -32.26
C THR C 92 16.16 -13.32 -33.13
N PHE C 93 17.41 -13.58 -32.73
CA PHE C 93 18.36 -14.29 -33.57
C PHE C 93 18.68 -15.70 -33.09
N GLY C 94 18.04 -16.17 -32.01
CA GLY C 94 18.15 -17.55 -31.57
C GLY C 94 19.43 -17.92 -30.86
N VAL C 95 20.26 -16.95 -30.49
CA VAL C 95 21.56 -17.21 -29.87
C VAL C 95 21.64 -16.39 -28.59
N MET C 96 21.84 -17.07 -27.47
CA MET C 96 21.95 -16.43 -26.17
C MET C 96 23.42 -16.23 -25.86
N PRO C 97 23.93 -14.99 -25.77
CA PRO C 97 25.35 -14.80 -25.40
C PRO C 97 25.57 -15.33 -23.99
N ASP C 98 26.78 -15.82 -23.73
CA ASP C 98 27.02 -16.38 -22.39
C ASP C 98 28.27 -15.88 -21.68
N VAL C 99 29.07 -15.02 -22.29
CA VAL C 99 30.21 -14.39 -21.61
C VAL C 99 29.88 -12.91 -21.55
N VAL C 100 29.42 -12.44 -20.39
CA VAL C 100 28.88 -11.09 -20.27
C VAL C 100 29.43 -10.38 -19.03
N PHE C 101 29.33 -9.05 -19.08
CA PHE C 101 29.56 -8.20 -17.93
C PHE C 101 28.43 -7.19 -17.91
N CYS C 102 27.83 -6.96 -16.75
CA CYS C 102 26.69 -6.07 -16.63
C CYS C 102 26.97 -4.99 -15.60
N THR C 103 26.79 -3.72 -16.00
CA THR C 103 27.16 -2.60 -15.14
C THR C 103 26.08 -2.30 -14.11
N LYS C 104 24.83 -2.65 -14.39
CA LYS C 104 23.81 -2.53 -13.36
C LYS C 104 24.05 -3.51 -12.22
N ILE C 105 24.32 -4.79 -12.55
CA ILE C 105 24.66 -5.74 -11.50
C ILE C 105 25.92 -5.29 -10.77
N ALA C 106 26.95 -4.87 -11.55
CA ALA C 106 28.18 -4.34 -10.96
C ALA C 106 27.87 -3.19 -10.01
N SER C 107 27.01 -2.27 -10.44
CA SER C 107 26.68 -1.13 -9.60
C SER C 107 25.99 -1.58 -8.31
N LYS C 108 25.04 -2.51 -8.42
CA LYS C 108 24.39 -3.03 -7.22
C LYS C 108 25.34 -3.74 -6.28
N LEU C 109 26.50 -4.23 -6.76
CA LEU C 109 27.46 -4.88 -5.87
C LEU C 109 28.55 -3.94 -5.32
N THR C 110 28.66 -2.72 -5.83
CA THR C 110 29.74 -1.82 -5.41
C THR C 110 29.26 -0.47 -4.92
N ARG C 111 28.25 0.11 -5.59
CA ARG C 111 27.75 1.43 -5.19
C ARG C 111 26.65 1.23 -4.13
N THR C 112 27.10 0.79 -2.96
CA THR C 112 26.24 0.47 -1.82
C THR C 112 25.79 1.71 -1.06
N TYR C 113 26.34 2.87 -1.42
CA TYR C 113 26.04 4.14 -0.78
C TYR C 113 24.91 4.89 -1.48
N THR C 114 24.20 4.24 -2.39
CA THR C 114 23.08 4.83 -3.09
C THR C 114 22.11 3.73 -3.49
N ASP C 115 20.93 4.15 -3.93
CA ASP C 115 19.86 3.26 -4.36
C ASP C 115 19.56 3.47 -5.83
N ARG C 116 20.21 4.42 -6.48
CA ARG C 116 19.99 4.73 -7.88
CA ARG C 116 20.00 4.71 -7.89
C ARG C 116 21.10 4.07 -8.69
N HIS C 117 20.74 3.09 -9.52
CA HIS C 117 21.69 2.34 -10.33
C HIS C 117 21.40 2.45 -11.82
N GLY C 118 20.69 3.49 -12.25
CA GLY C 118 20.48 3.72 -13.67
C GLY C 118 21.73 4.19 -14.38
N LEU C 119 21.75 3.97 -15.70
CA LEU C 119 22.93 4.29 -16.48
C LEU C 119 23.24 5.78 -16.47
N LYS C 120 22.21 6.62 -16.45
CA LYS C 120 22.44 8.06 -16.43
C LYS C 120 23.12 8.47 -15.14
N GLU C 121 22.71 7.89 -14.02
CA GLU C 121 23.30 8.26 -12.74
CA GLU C 121 23.28 8.23 -12.72
C GLU C 121 24.70 7.68 -12.58
N ILE C 122 24.96 6.50 -13.14
CA ILE C 122 26.29 5.91 -13.07
C ILE C 122 27.27 6.70 -13.92
N CYS C 123 26.88 7.04 -15.16
CA CYS C 123 27.73 7.86 -16.01
C CYS C 123 28.02 9.21 -15.35
N GLY C 124 27.00 9.82 -14.75
CA GLY C 124 27.19 11.05 -14.02
C GLY C 124 28.25 10.94 -12.93
N GLU C 125 28.09 9.97 -12.02
CA GLU C 125 28.96 9.90 -10.85
C GLU C 125 30.36 9.36 -11.19
N LEU C 126 30.45 8.35 -12.06
CA LEU C 126 31.75 7.73 -12.31
C LEU C 126 32.56 8.43 -13.39
N LEU C 127 31.90 9.15 -14.32
CA LEU C 127 32.60 9.70 -15.46
C LEU C 127 32.37 11.19 -15.69
N ASN C 128 31.43 11.81 -14.97
CA ASN C 128 31.03 13.17 -15.26
C ASN C 128 30.61 13.32 -16.73
N VAL C 129 29.82 12.36 -17.21
CA VAL C 129 29.26 12.37 -18.55
C VAL C 129 27.75 12.48 -18.43
N ASN C 130 27.17 13.44 -19.14
CA ASN C 130 25.73 13.72 -19.05
C ASN C 130 24.99 12.93 -20.13
N ILE C 131 24.20 11.96 -19.71
CA ILE C 131 23.43 11.11 -20.60
C ILE C 131 21.98 11.60 -20.59
N SER C 132 21.47 11.96 -21.77
CA SER C 132 20.09 12.40 -21.91
C SER C 132 19.22 11.19 -22.25
N LYS C 133 18.13 11.00 -21.49
CA LYS C 133 17.21 9.90 -21.72
C LYS C 133 15.96 10.32 -22.49
N GLN C 134 16.04 11.40 -23.27
CA GLN C 134 14.84 11.94 -23.91
C GLN C 134 14.42 11.12 -25.14
N GLN C 135 15.39 10.63 -25.91
CA GLN C 135 15.05 9.83 -27.08
C GLN C 135 14.64 8.40 -26.73
N GLN C 136 14.73 8.00 -25.45
CA GLN C 136 14.38 6.65 -25.03
C GLN C 136 12.99 6.27 -25.49
N SER C 137 12.00 7.09 -25.14
CA SER C 137 10.62 6.92 -25.61
C SER C 137 10.47 7.69 -26.93
N SER C 138 10.84 7.03 -28.02
CA SER C 138 10.61 7.52 -29.38
C SER C 138 10.34 6.30 -30.26
N ASP C 139 10.06 6.54 -31.53
CA ASP C 139 9.69 5.46 -32.45
C ASP C 139 10.97 4.84 -33.03
N TRP C 140 11.43 3.76 -32.40
CA TRP C 140 12.66 3.13 -32.85
C TRP C 140 12.47 2.26 -34.08
N ALA C 141 11.25 2.08 -34.54
CA ALA C 141 10.97 1.28 -35.72
C ALA C 141 10.89 2.12 -36.98
N ALA C 142 11.07 3.44 -36.88
CA ALA C 142 11.05 4.31 -38.04
C ALA C 142 12.05 3.84 -39.07
N GLU C 143 11.71 4.04 -40.34
CA GLU C 143 12.64 3.71 -41.41
C GLU C 143 13.91 4.53 -41.30
N THR C 144 13.78 5.84 -41.06
CA THR C 144 14.95 6.71 -40.89
C THR C 144 14.95 7.25 -39.47
N LEU C 145 16.00 6.93 -38.73
CA LEU C 145 16.16 7.43 -37.37
C LEU C 145 16.70 8.85 -37.40
N SER C 146 16.17 9.69 -36.53
CA SER C 146 16.68 11.05 -36.43
C SER C 146 18.11 11.05 -35.92
N ARG C 147 18.85 12.13 -36.19
CA ARG C 147 20.20 12.24 -35.66
C ARG C 147 20.21 12.25 -34.13
N ALA C 148 19.18 12.82 -33.50
CA ALA C 148 19.09 12.72 -32.05
C ALA C 148 18.94 11.27 -31.59
N GLN C 149 18.11 10.48 -32.30
CA GLN C 149 17.98 9.07 -31.96
C GLN C 149 19.30 8.33 -32.13
N ILE C 150 20.02 8.63 -33.21
CA ILE C 150 21.25 7.89 -33.48
C ILE C 150 22.31 8.23 -32.44
N GLU C 151 22.29 9.46 -31.95
CA GLU C 151 23.26 9.89 -30.96
C GLU C 151 22.91 9.33 -29.59
N TYR C 152 21.62 9.29 -29.25
CA TYR C 152 21.19 8.59 -28.04
C TYR C 152 21.63 7.13 -28.08
N ALA C 153 21.37 6.46 -29.21
CA ALA C 153 21.67 5.04 -29.29
C ALA C 153 23.15 4.76 -29.08
N ALA C 154 24.02 5.63 -29.62
CA ALA C 154 25.46 5.42 -29.52
C ALA C 154 25.99 5.79 -28.14
N SER C 155 25.41 6.81 -27.52
CA SER C 155 25.82 7.17 -26.16
C SER C 155 25.57 6.03 -25.17
N ASP C 156 24.66 5.12 -25.46
CA ASP C 156 24.46 4.04 -24.51
C ASP C 156 25.51 2.92 -24.62
N VAL C 157 26.38 2.90 -25.64
CA VAL C 157 27.51 1.98 -25.66
C VAL C 157 28.87 2.66 -25.57
N LEU C 158 28.95 3.98 -25.76
CA LEU C 158 30.25 4.67 -25.84
C LEU C 158 31.03 4.67 -24.52
N TYR C 159 30.35 4.50 -23.39
CA TYR C 159 30.99 4.59 -22.09
C TYR C 159 31.09 3.28 -21.34
N LEU C 160 30.51 2.19 -21.86
CA LEU C 160 30.41 0.97 -21.06
C LEU C 160 31.78 0.36 -20.77
N HIS C 161 32.76 0.55 -21.66
CA HIS C 161 34.11 0.07 -21.35
C HIS C 161 34.70 0.82 -20.15
N ARG C 162 34.55 2.13 -20.13
CA ARG C 162 35.12 2.91 -19.02
C ARG C 162 34.41 2.60 -17.72
N LEU C 163 33.10 2.41 -17.76
CA LEU C 163 32.38 1.97 -16.57
C LEU C 163 32.91 0.62 -16.09
N LYS C 164 33.08 -0.33 -17.01
CA LYS C 164 33.53 -1.66 -16.64
C LYS C 164 34.85 -1.62 -15.89
N ASP C 165 35.81 -0.85 -16.39
CA ASP C 165 37.12 -0.73 -15.73
C ASP C 165 36.99 -0.20 -14.32
N ILE C 166 36.20 0.84 -14.12
CA ILE C 166 36.01 1.38 -12.78
C ILE C 166 35.35 0.34 -11.89
N PHE C 167 34.29 -0.30 -12.40
CA PHE C 167 33.57 -1.30 -11.61
C PHE C 167 34.47 -2.49 -11.25
N GLU C 168 35.40 -2.86 -12.13
CA GLU C 168 36.32 -3.95 -11.80
C GLU C 168 37.26 -3.56 -10.66
N GLU C 169 37.70 -2.30 -10.62
CA GLU C 169 38.53 -1.85 -9.50
C GLU C 169 37.75 -1.91 -8.19
N ARG C 170 36.48 -1.48 -8.18
CA ARG C 170 35.66 -1.55 -6.97
C ARG C 170 35.44 -2.99 -6.55
N LEU C 171 35.15 -3.87 -7.53
CA LEU C 171 34.90 -5.26 -7.20
C LEU C 171 36.13 -5.91 -6.57
N LYS C 172 37.32 -5.54 -7.02
CA LYS C 172 38.54 -6.04 -6.41
C LYS C 172 38.78 -5.42 -5.04
N ARG C 173 38.55 -4.11 -4.91
CA ARG C 173 38.80 -3.43 -3.64
C ARG C 173 37.90 -3.97 -2.54
N GLU C 174 36.65 -4.30 -2.86
CA GLU C 174 35.72 -4.85 -1.85
C GLU C 174 35.67 -6.37 -1.86
N GLU C 175 36.50 -7.03 -2.68
CA GLU C 175 36.67 -8.49 -2.68
C GLU C 175 35.36 -9.20 -3.05
N ARG C 176 34.72 -8.70 -4.12
CA ARG C 176 33.48 -9.27 -4.62
C ARG C 176 33.60 -9.72 -6.08
N GLU C 177 34.83 -10.01 -6.52
CA GLU C 177 35.01 -10.44 -7.90
C GLU C 177 34.27 -11.74 -8.19
N SER C 178 34.43 -12.75 -7.32
CA SER C 178 33.82 -14.04 -7.61
C SER C 178 32.29 -13.98 -7.45
N VAL C 179 31.78 -13.12 -6.58
CA VAL C 179 30.33 -12.92 -6.51
C VAL C 179 29.80 -12.35 -7.81
N ALA C 180 30.45 -11.29 -8.32
CA ALA C 180 30.04 -10.69 -9.57
C ALA C 180 30.08 -11.73 -10.69
N LYS C 181 31.12 -12.56 -10.71
CA LYS C 181 31.30 -13.54 -11.76
C LYS C 181 30.18 -14.57 -11.74
N ALA C 182 29.78 -15.03 -10.55
CA ALA C 182 28.67 -15.99 -10.55
C ALA C 182 27.39 -15.35 -11.02
N CYS C 183 27.17 -14.06 -10.71
CA CYS C 183 25.97 -13.38 -11.20
C CYS C 183 25.96 -13.27 -12.71
N PHE C 184 27.12 -12.92 -13.32
CA PHE C 184 27.19 -12.83 -14.77
C PHE C 184 26.98 -14.20 -15.41
N GLN C 185 27.56 -15.24 -14.81
CA GLN C 185 27.39 -16.59 -15.35
CA GLN C 185 27.39 -16.59 -15.34
C GLN C 185 25.92 -16.98 -15.38
N PHE C 186 25.17 -16.60 -14.34
CA PHE C 186 23.76 -16.92 -14.28
C PHE C 186 22.89 -15.97 -15.12
N LEU C 187 23.41 -14.78 -15.47
CA LEU C 187 22.57 -13.77 -16.12
C LEU C 187 21.89 -14.26 -17.40
N PRO C 188 22.56 -14.99 -18.30
CA PRO C 188 21.84 -15.50 -19.48
C PRO C 188 20.69 -16.44 -19.13
N MET C 189 20.81 -17.21 -18.05
CA MET C 189 19.69 -18.06 -17.68
C MET C 189 18.57 -17.23 -17.07
N ARG C 190 18.92 -16.15 -16.37
CA ARG C 190 17.91 -15.22 -15.89
C ARG C 190 17.12 -14.63 -17.04
N ALA C 191 17.78 -14.39 -18.18
CA ALA C 191 17.10 -13.84 -19.35
C ALA C 191 16.26 -14.90 -20.05
N ASN C 192 16.77 -16.12 -20.13
CA ASN C 192 15.97 -17.24 -20.63
C ASN C 192 14.70 -17.43 -19.81
N LEU C 193 14.83 -17.44 -18.48
CA LEU C 193 13.67 -17.50 -17.61
C LEU C 193 12.64 -16.43 -17.97
N ASP C 194 13.12 -15.24 -18.34
CA ASP C 194 12.18 -14.18 -18.73
C ASP C 194 11.43 -14.57 -19.98
N LEU C 195 12.12 -15.14 -20.97
CA LEU C 195 11.47 -15.51 -22.22
C LEU C 195 10.52 -16.68 -22.02
N LEU C 196 10.84 -17.60 -21.12
CA LEU C 196 10.02 -18.79 -20.90
C LEU C 196 8.75 -18.48 -20.12
N GLY C 197 8.67 -17.30 -19.51
CA GLY C 197 7.46 -16.93 -18.77
C GLY C 197 7.63 -16.59 -17.30
N TRP C 198 8.87 -16.51 -16.81
CA TRP C 198 9.09 -16.17 -15.40
C TRP C 198 9.53 -14.72 -15.21
N SER C 199 9.27 -13.85 -16.17
CA SER C 199 9.81 -12.50 -16.12
C SER C 199 9.39 -11.71 -14.87
N GLU C 200 8.27 -12.09 -14.23
CA GLU C 200 7.78 -11.38 -13.04
C GLU C 200 8.10 -12.11 -11.74
N ILE C 201 8.78 -13.25 -11.81
CA ILE C 201 9.06 -14.08 -10.65
C ILE C 201 10.55 -14.00 -10.36
N ASP C 202 10.88 -13.60 -9.14
CA ASP C 202 12.23 -13.85 -8.60
C ASP C 202 12.32 -15.31 -8.21
N ILE C 203 13.06 -16.10 -8.98
CA ILE C 203 13.06 -17.54 -8.82
C ILE C 203 13.71 -18.00 -7.51
N PHE C 204 14.52 -17.14 -6.86
CA PHE C 204 15.15 -17.48 -5.58
C PHE C 204 14.42 -16.93 -4.37
N ALA C 205 13.32 -16.20 -4.58
CA ALA C 205 12.59 -15.63 -3.46
C ALA C 205 11.82 -16.72 -2.70
N HIS C 206 11.61 -16.49 -1.40
CA HIS C 206 10.79 -17.42 -0.64
C HIS C 206 9.38 -17.49 -1.19
N SER C 207 8.82 -16.34 -1.54
CA SER C 207 7.52 -16.29 -2.19
C SER C 207 7.38 -14.98 -2.99
N THR D 3 -8.72 -21.42 41.44
CA THR D 3 -8.09 -20.10 41.43
C THR D 3 -8.87 -19.11 42.27
N GLU D 4 -8.25 -18.64 43.36
CA GLU D 4 -8.87 -17.63 44.21
C GLU D 4 -8.69 -16.27 43.56
N ILE D 5 -9.80 -15.57 43.31
CA ILE D 5 -9.79 -14.23 42.74
C ILE D 5 -10.52 -13.33 43.72
N ARG D 6 -9.78 -12.44 44.37
CA ARG D 6 -10.37 -11.47 45.29
C ARG D 6 -10.72 -10.21 44.52
N VAL D 7 -11.98 -9.79 44.59
CA VAL D 7 -12.47 -8.59 43.91
C VAL D 7 -12.59 -7.46 44.93
N HIS D 8 -12.14 -6.26 44.56
CA HIS D 8 -12.13 -5.11 45.44
C HIS D 8 -12.72 -3.91 44.73
N GLN D 9 -13.18 -2.94 45.52
CA GLN D 9 -13.62 -1.64 45.03
C GLN D 9 -12.58 -0.61 45.40
N GLY D 10 -12.06 0.11 44.40
CA GLY D 10 -11.15 1.22 44.68
C GLY D 10 -9.71 0.90 44.99
N ASP D 11 -9.46 0.03 45.96
CA ASP D 11 -8.08 -0.23 46.37
C ASP D 11 -8.01 -1.58 47.07
N LEU D 12 -6.79 -2.11 47.15
CA LEU D 12 -6.53 -3.20 48.06
C LEU D 12 -6.78 -2.71 49.48
N PRO D 13 -7.19 -3.59 50.40
CA PRO D 13 -7.32 -3.18 51.81
C PRO D 13 -5.98 -3.01 52.50
N ASN D 14 -4.94 -3.71 52.03
CA ASN D 14 -3.60 -3.67 52.62
C ASN D 14 -2.66 -4.37 51.63
N LEU D 15 -1.38 -4.44 51.98
CA LEU D 15 -0.38 -5.07 51.13
C LEU D 15 0.13 -6.39 51.70
N ASP D 16 -0.71 -7.10 52.46
CA ASP D 16 -0.26 -8.32 53.13
C ASP D 16 0.14 -9.39 52.12
N ASN D 17 -0.60 -9.51 51.01
CA ASN D 17 -0.29 -10.50 50.00
C ASN D 17 0.86 -10.06 49.06
N TYR D 18 1.52 -8.91 49.31
CA TYR D 18 2.49 -8.37 48.36
C TYR D 18 3.81 -7.95 49.02
N ARG D 19 4.26 -8.69 50.03
CA ARG D 19 5.63 -8.55 50.54
C ARG D 19 6.53 -9.48 49.72
N ILE D 20 6.78 -9.07 48.48
CA ILE D 20 7.41 -9.91 47.48
C ILE D 20 8.39 -9.05 46.67
N ASP D 21 9.20 -9.73 45.85
CA ASP D 21 10.20 -9.07 45.01
CA ASP D 21 10.19 -9.04 45.03
C ASP D 21 9.64 -8.59 43.68
N ALA D 22 8.60 -9.25 43.17
CA ALA D 22 8.00 -8.86 41.90
C ALA D 22 6.50 -9.07 41.97
N VAL D 23 5.74 -8.17 41.34
CA VAL D 23 4.28 -8.27 41.28
C VAL D 23 3.82 -8.17 39.82
N ALA D 24 2.90 -9.06 39.41
CA ALA D 24 2.33 -9.01 38.07
C ALA D 24 1.16 -8.02 38.04
N VAL D 25 1.17 -7.13 37.05
CA VAL D 25 0.24 -6.02 36.97
C VAL D 25 -0.43 -5.99 35.60
N ASP D 26 -1.74 -5.75 35.59
CA ASP D 26 -2.47 -5.54 34.35
C ASP D 26 -3.64 -4.58 34.61
N THR D 27 -4.22 -4.08 33.51
CA THR D 27 -5.30 -3.09 33.54
C THR D 27 -6.35 -3.42 32.49
N GLU D 28 -7.60 -3.00 32.77
CA GLU D 28 -8.65 -2.94 31.78
C GLU D 28 -9.17 -1.51 31.74
N THR D 29 -9.63 -1.09 30.57
CA THR D 29 -9.99 0.30 30.33
C THR D 29 -11.16 0.30 29.37
N LEU D 30 -11.68 1.50 29.08
CA LEU D 30 -12.65 1.65 28.01
C LEU D 30 -12.00 1.76 26.63
N GLY D 31 -10.68 1.67 26.51
CA GLY D 31 -10.06 1.72 25.20
C GLY D 31 -8.57 2.02 25.28
N LEU D 32 -8.00 2.32 24.13
CA LEU D 32 -6.56 2.50 24.00
C LEU D 32 -6.10 3.94 24.12
N GLN D 33 -7.01 4.91 24.25
CA GLN D 33 -6.59 6.30 24.34
C GLN D 33 -6.77 6.84 25.76
N PRO D 34 -5.70 6.88 26.56
CA PRO D 34 -5.86 7.18 28.01
C PRO D 34 -6.48 8.53 28.31
N HIS D 35 -6.35 9.51 27.41
CA HIS D 35 -6.99 10.79 27.64
C HIS D 35 -8.51 10.72 27.48
N ARG D 36 -9.02 9.75 26.73
CA ARG D 36 -10.46 9.58 26.54
C ARG D 36 -11.04 8.43 27.36
N ASP D 37 -10.28 7.33 27.51
CA ASP D 37 -10.78 6.02 27.95
C ASP D 37 -10.25 5.71 29.34
N ARG D 38 -11.15 5.75 30.32
CA ARG D 38 -10.73 5.70 31.71
C ARG D 38 -10.25 4.31 32.11
N LEU D 39 -9.34 4.28 33.06
CA LEU D 39 -8.92 3.05 33.71
C LEU D 39 -10.11 2.44 34.46
N CYS D 40 -10.36 1.15 34.23
CA CYS D 40 -11.54 0.49 34.78
C CYS D 40 -11.23 -0.60 35.79
N VAL D 41 -10.17 -1.35 35.59
CA VAL D 41 -9.80 -2.43 36.48
C VAL D 41 -8.27 -2.47 36.57
N VAL D 42 -7.76 -2.77 37.75
CA VAL D 42 -6.35 -3.10 37.93
C VAL D 42 -6.28 -4.51 38.48
N GLN D 43 -5.43 -5.35 37.89
CA GLN D 43 -5.24 -6.72 38.33
C GLN D 43 -3.82 -6.93 38.85
N LEU D 44 -3.70 -7.73 39.89
CA LEU D 44 -2.41 -8.04 40.50
C LEU D 44 -2.34 -9.53 40.79
N SER D 45 -1.13 -10.07 40.73
CA SER D 45 -0.91 -11.41 41.25
C SER D 45 0.50 -11.47 41.83
N SER D 46 0.63 -12.15 42.97
CA SER D 46 1.93 -12.38 43.57
C SER D 46 2.68 -13.53 42.92
N GLY D 47 2.04 -14.25 42.00
CA GLY D 47 2.61 -15.46 41.43
C GLY D 47 2.17 -16.75 42.09
N ASP D 48 1.33 -16.71 43.13
CA ASP D 48 0.95 -17.91 43.85
C ASP D 48 -0.30 -18.58 43.30
N GLY D 49 -0.79 -18.17 42.15
CA GLY D 49 -2.02 -18.73 41.62
C GLY D 49 -3.27 -17.99 41.99
N THR D 50 -3.18 -16.96 42.85
CA THR D 50 -4.31 -16.09 43.14
C THR D 50 -4.09 -14.71 42.55
N ALA D 51 -5.18 -13.99 42.31
CA ALA D 51 -5.12 -12.63 41.80
C ALA D 51 -6.07 -11.72 42.56
N ASP D 52 -5.74 -10.45 42.56
CA ASP D 52 -6.61 -9.39 43.05
C ASP D 52 -7.10 -8.59 41.85
N VAL D 53 -8.41 -8.46 41.74
CA VAL D 53 -9.04 -7.66 40.70
C VAL D 53 -9.66 -6.46 41.38
N ILE D 54 -9.21 -5.26 41.00
CA ILE D 54 -9.60 -4.01 41.63
C ILE D 54 -10.38 -3.16 40.63
N GLN D 55 -11.65 -2.91 40.93
CA GLN D 55 -12.48 -2.03 40.10
C GLN D 55 -12.20 -0.59 40.46
N ILE D 56 -11.87 0.21 39.45
CA ILE D 56 -11.59 1.63 39.62
C ILE D 56 -12.84 2.42 39.22
N ALA D 57 -13.29 3.29 40.12
CA ALA D 57 -14.50 4.05 39.81
C ALA D 57 -14.18 5.19 38.85
N LYS D 58 -15.22 5.69 38.18
CA LYS D 58 -15.07 6.85 37.31
C LYS D 58 -14.61 8.05 38.13
N GLY D 59 -13.58 8.73 37.64
CA GLY D 59 -13.03 9.87 38.38
C GLY D 59 -12.26 9.54 39.64
N GLN D 60 -11.93 8.26 39.90
CA GLN D 60 -11.12 7.91 41.05
C GLN D 60 -9.71 8.42 40.84
N LYS D 61 -9.23 9.30 41.74
CA LYS D 61 -7.90 9.90 41.62
C LYS D 61 -6.88 9.25 42.55
N SER D 62 -7.31 8.39 43.48
CA SER D 62 -6.44 7.85 44.52
C SER D 62 -6.64 6.34 44.68
N ALA D 63 -5.53 5.63 44.89
CA ALA D 63 -5.59 4.23 45.36
C ALA D 63 -4.33 3.94 46.18
N PRO D 64 -4.30 4.42 47.42
CA PRO D 64 -3.01 4.52 48.14
C PRO D 64 -2.24 3.22 48.31
N ASN D 65 -2.91 2.11 48.64
CA ASN D 65 -2.16 0.86 48.79
C ASN D 65 -1.58 0.40 47.46
N LEU D 66 -2.40 0.38 46.42
CA LEU D 66 -1.94 -0.04 45.10
C LEU D 66 -0.83 0.87 44.57
N VAL D 67 -0.97 2.19 44.80
CA VAL D 67 0.05 3.12 44.34
C VAL D 67 1.35 2.93 45.12
N ARG D 68 1.27 2.55 46.39
CA ARG D 68 2.50 2.29 47.16
C ARG D 68 3.27 1.11 46.60
N LEU D 69 2.53 0.07 46.19
CA LEU D 69 3.12 -1.02 45.40
C LEU D 69 3.78 -0.48 44.13
N LEU D 70 3.07 0.37 43.38
CA LEU D 70 3.57 0.78 42.07
C LEU D 70 4.82 1.65 42.19
N SER D 71 4.98 2.37 43.31
CA SER D 71 6.10 3.26 43.52
C SER D 71 7.28 2.60 44.23
N ASP D 72 7.15 1.36 44.68
CA ASP D 72 8.17 0.70 45.49
C ASP D 72 9.35 0.24 44.60
N ARG D 73 10.49 0.94 44.68
CA ARG D 73 11.62 0.62 43.81
C ARG D 73 12.25 -0.75 44.13
N ASP D 74 11.92 -1.33 45.28
CA ASP D 74 12.36 -2.68 45.60
C ASP D 74 11.48 -3.77 45.00
N ILE D 75 10.41 -3.41 44.29
CA ILE D 75 9.48 -4.40 43.76
C ILE D 75 9.34 -4.19 42.26
N THR D 76 9.76 -5.18 41.49
CA THR D 76 9.65 -5.13 40.04
C THR D 76 8.20 -5.37 39.65
N LYS D 77 7.65 -4.49 38.80
CA LYS D 77 6.30 -4.68 38.26
C LYS D 77 6.41 -5.38 36.91
N ILE D 78 5.71 -6.52 36.76
CA ILE D 78 5.76 -7.33 35.55
C ILE D 78 4.51 -7.06 34.72
N PHE D 79 4.70 -6.70 33.45
CA PHE D 79 3.59 -6.48 32.54
C PHE D 79 3.79 -7.30 31.29
N HIS D 80 2.70 -7.44 30.55
CA HIS D 80 2.76 -7.79 29.14
C HIS D 80 2.37 -6.55 28.35
N PHE D 81 3.33 -6.01 27.61
CA PHE D 81 3.16 -4.74 26.90
C PHE D 81 2.84 -3.63 27.90
N GLY D 82 3.78 -3.43 28.81
CA GLY D 82 3.60 -2.43 29.84
C GLY D 82 3.60 -1.02 29.34
N ARG D 83 4.04 -0.79 28.10
CA ARG D 83 3.94 0.55 27.51
C ARG D 83 2.52 1.12 27.64
N PHE D 84 1.49 0.28 27.45
CA PHE D 84 0.13 0.78 27.61
C PHE D 84 -0.26 0.94 29.08
N ASP D 85 -0.03 -0.09 29.89
CA ASP D 85 -0.42 -0.08 31.30
C ASP D 85 0.25 1.06 32.06
N LEU D 86 1.56 1.24 31.86
CA LEU D 86 2.27 2.35 32.50
C LEU D 86 1.63 3.70 32.14
N ALA D 87 1.19 3.87 30.89
CA ALA D 87 0.62 5.15 30.50
C ALA D 87 -0.67 5.42 31.27
N ILE D 88 -1.60 4.45 31.27
CA ILE D 88 -2.91 4.69 31.89
C ILE D 88 -2.78 4.75 33.42
N LEU D 89 -1.85 4.00 34.01
CA LEU D 89 -1.69 4.08 35.46
C LEU D 89 -1.12 5.42 35.89
N ALA D 90 -0.07 5.88 35.19
CA ALA D 90 0.51 7.18 35.50
C ALA D 90 -0.48 8.30 35.22
N HIS D 91 -1.25 8.18 34.14
CA HIS D 91 -2.24 9.19 33.83
C HIS D 91 -3.34 9.25 34.88
N THR D 92 -3.69 8.12 35.50
CA THR D 92 -4.83 8.09 36.42
C THR D 92 -4.44 8.42 37.85
N PHE D 93 -3.35 7.84 38.37
CA PHE D 93 -2.98 8.01 39.76
C PHE D 93 -1.77 8.91 39.95
N GLY D 94 -1.16 9.40 38.88
CA GLY D 94 -0.10 10.39 38.94
C GLY D 94 1.28 9.89 39.28
N VAL D 95 1.53 8.59 39.25
CA VAL D 95 2.85 8.05 39.57
C VAL D 95 3.25 7.06 38.48
N MET D 96 4.42 7.29 37.89
CA MET D 96 4.95 6.40 36.86
C MET D 96 5.88 5.38 37.52
N PRO D 97 5.51 4.09 37.58
CA PRO D 97 6.45 3.07 38.06
C PRO D 97 7.71 3.07 37.21
N ASP D 98 8.87 2.82 37.84
CA ASP D 98 10.12 2.84 37.09
C ASP D 98 11.01 1.63 37.36
N VAL D 99 10.49 0.56 37.93
CA VAL D 99 11.21 -0.72 38.01
C VAL D 99 10.26 -1.78 37.46
N VAL D 100 10.50 -2.20 36.21
CA VAL D 100 9.51 -2.95 35.44
C VAL D 100 10.17 -4.03 34.59
N PHE D 101 9.37 -5.04 34.25
CA PHE D 101 9.76 -6.10 33.35
C PHE D 101 8.59 -6.30 32.42
N CYS D 102 8.84 -6.35 31.12
CA CYS D 102 7.79 -6.49 30.11
C CYS D 102 8.04 -7.77 29.31
N THR D 103 7.06 -8.68 29.32
CA THR D 103 7.18 -9.96 28.64
C THR D 103 7.09 -9.82 27.13
N LYS D 104 6.50 -8.73 26.63
CA LYS D 104 6.44 -8.55 25.19
C LYS D 104 7.77 -8.07 24.63
N ILE D 105 8.38 -7.08 25.28
CA ILE D 105 9.75 -6.72 24.93
C ILE D 105 10.65 -7.93 25.10
N ALA D 106 10.41 -8.72 26.15
CA ALA D 106 11.33 -9.83 26.42
C ALA D 106 11.16 -10.91 25.37
N SER D 107 9.92 -11.12 24.91
CA SER D 107 9.68 -12.09 23.86
C SER D 107 10.31 -11.65 22.54
N LYS D 108 10.17 -10.36 22.21
CA LYS D 108 10.83 -9.82 21.02
C LYS D 108 12.35 -9.94 21.08
N LEU D 109 12.95 -9.96 22.29
CA LEU D 109 14.39 -10.12 22.41
C LEU D 109 14.86 -11.57 22.44
N THR D 110 13.96 -12.54 22.65
CA THR D 110 14.36 -13.94 22.81
C THR D 110 13.69 -14.88 21.82
N ARG D 111 12.40 -14.70 21.54
CA ARG D 111 11.65 -15.57 20.64
C ARG D 111 11.84 -15.06 19.21
N THR D 112 13.07 -15.23 18.73
CA THR D 112 13.47 -14.70 17.44
C THR D 112 13.06 -15.59 16.29
N TYR D 113 12.46 -16.75 16.56
CA TYR D 113 12.03 -17.70 15.57
C TYR D 113 10.56 -17.51 15.21
N THR D 114 9.95 -16.42 15.67
CA THR D 114 8.56 -16.13 15.37
C THR D 114 8.35 -14.63 15.32
N ASP D 115 7.22 -14.25 14.77
CA ASP D 115 6.80 -12.87 14.67
C ASP D 115 5.56 -12.59 15.51
N ARG D 116 5.03 -13.61 16.20
CA ARG D 116 3.85 -13.49 17.04
C ARG D 116 4.27 -13.38 18.50
N HIS D 117 4.00 -12.24 19.11
CA HIS D 117 4.46 -11.96 20.46
C HIS D 117 3.31 -11.63 21.39
N GLY D 118 2.09 -12.04 21.06
CA GLY D 118 0.97 -11.80 21.93
C GLY D 118 0.96 -12.72 23.13
N LEU D 119 0.27 -12.27 24.18
CA LEU D 119 0.26 -13.03 25.43
C LEU D 119 -0.28 -14.45 25.23
N LYS D 120 -1.29 -14.59 24.36
CA LYS D 120 -1.87 -15.90 24.12
C LYS D 120 -0.86 -16.84 23.47
N GLU D 121 -0.15 -16.36 22.46
CA GLU D 121 0.84 -17.21 21.81
CA GLU D 121 0.85 -17.20 21.80
C GLU D 121 1.97 -17.58 22.76
N ILE D 122 2.35 -16.66 23.63
CA ILE D 122 3.45 -16.91 24.55
C ILE D 122 3.04 -17.90 25.63
N CYS D 123 1.85 -17.72 26.19
CA CYS D 123 1.38 -18.65 27.21
C CYS D 123 1.26 -20.06 26.64
N GLY D 124 0.80 -20.16 25.40
CA GLY D 124 0.70 -21.43 24.73
C GLY D 124 2.03 -22.14 24.61
N GLU D 125 3.02 -21.44 24.05
CA GLU D 125 4.29 -22.07 23.71
C GLU D 125 5.15 -22.30 24.93
N LEU D 126 5.16 -21.36 25.88
CA LEU D 126 6.06 -21.46 27.01
C LEU D 126 5.48 -22.21 28.19
N LEU D 127 4.16 -22.32 28.28
CA LEU D 127 3.52 -22.84 29.47
C LEU D 127 2.44 -23.86 29.18
N ASN D 128 2.12 -24.10 27.90
CA ASN D 128 0.98 -24.94 27.50
C ASN D 128 -0.30 -24.53 28.21
N VAL D 129 -0.48 -23.23 28.37
CA VAL D 129 -1.67 -22.65 28.98
C VAL D 129 -2.44 -21.91 27.90
N ASN D 130 -3.73 -22.18 27.80
CA ASN D 130 -4.59 -21.57 26.81
C ASN D 130 -5.30 -20.37 27.42
N ILE D 131 -5.08 -19.19 26.83
CA ILE D 131 -5.68 -17.94 27.26
C ILE D 131 -6.83 -17.62 26.32
N SER D 132 -7.97 -17.22 26.87
CA SER D 132 -9.07 -16.73 26.07
C SER D 132 -9.02 -15.21 26.03
N LYS D 133 -9.27 -14.62 24.86
CA LYS D 133 -9.30 -13.17 24.72
C LYS D 133 -10.70 -12.65 24.36
N GLN D 134 -11.75 -13.48 24.55
CA GLN D 134 -13.10 -13.08 24.13
C GLN D 134 -13.63 -11.90 24.93
N GLN D 135 -13.23 -11.78 26.21
CA GLN D 135 -13.71 -10.73 27.09
C GLN D 135 -12.93 -9.41 26.94
N GLN D 136 -11.88 -9.38 26.12
CA GLN D 136 -11.11 -8.16 25.93
C GLN D 136 -11.98 -7.02 25.43
N SER D 137 -12.82 -7.29 24.42
CA SER D 137 -13.82 -6.33 23.96
C SER D 137 -15.14 -6.58 24.69
N SER D 138 -15.25 -5.96 25.87
CA SER D 138 -16.48 -5.92 26.64
C SER D 138 -16.50 -4.60 27.38
N ASP D 139 -17.61 -4.31 28.06
CA ASP D 139 -17.74 -3.05 28.78
C ASP D 139 -17.08 -3.22 30.14
N TRP D 140 -15.83 -2.79 30.26
CA TRP D 140 -15.07 -2.94 31.49
C TRP D 140 -15.43 -1.88 32.53
N ALA D 141 -16.23 -0.89 32.17
CA ALA D 141 -16.70 0.11 33.11
C ALA D 141 -18.04 -0.26 33.75
N ALA D 142 -18.54 -1.47 33.49
CA ALA D 142 -19.82 -1.88 34.05
C ALA D 142 -19.76 -1.88 35.57
N GLU D 143 -20.89 -1.55 36.20
CA GLU D 143 -20.93 -1.56 37.67
C GLU D 143 -20.56 -2.93 38.22
N THR D 144 -21.08 -4.00 37.62
CA THR D 144 -20.74 -5.34 38.06
C THR D 144 -20.08 -6.09 36.92
N LEU D 145 -18.83 -6.51 37.13
CA LEU D 145 -18.17 -7.33 36.12
C LEU D 145 -18.80 -8.71 36.10
N SER D 146 -18.88 -9.29 34.92
CA SER D 146 -19.42 -10.63 34.77
C SER D 146 -18.40 -11.65 35.27
N ARG D 147 -18.88 -12.89 35.44
CA ARG D 147 -17.99 -13.96 35.88
C ARG D 147 -16.86 -14.18 34.87
N ALA D 148 -17.20 -14.08 33.57
CA ALA D 148 -16.20 -14.31 32.53
C ALA D 148 -15.20 -13.15 32.42
N GLN D 149 -15.64 -11.91 32.64
CA GLN D 149 -14.72 -10.78 32.68
C GLN D 149 -13.74 -10.90 33.83
N ILE D 150 -14.24 -11.29 35.01
CA ILE D 150 -13.39 -11.40 36.18
C ILE D 150 -12.36 -12.49 35.99
N GLU D 151 -12.74 -13.60 35.37
CA GLU D 151 -11.77 -14.65 35.16
CA GLU D 151 -11.80 -14.69 35.09
C GLU D 151 -10.77 -14.27 34.05
N TYR D 152 -11.25 -13.61 32.99
CA TYR D 152 -10.33 -13.08 31.98
C TYR D 152 -9.33 -12.12 32.63
N ALA D 153 -9.83 -11.19 33.45
CA ALA D 153 -8.98 -10.17 34.02
C ALA D 153 -7.92 -10.78 34.92
N ALA D 154 -8.26 -11.86 35.61
CA ALA D 154 -7.31 -12.55 36.48
C ALA D 154 -6.24 -13.28 35.65
N SER D 155 -6.66 -13.97 34.60
CA SER D 155 -5.75 -14.78 33.80
C SER D 155 -4.62 -13.95 33.21
N ASP D 156 -4.86 -12.67 32.95
CA ASP D 156 -3.80 -11.84 32.37
C ASP D 156 -2.66 -11.55 33.33
N VAL D 157 -2.81 -11.80 34.64
CA VAL D 157 -1.68 -11.67 35.56
C VAL D 157 -1.25 -12.99 36.18
N LEU D 158 -1.99 -14.07 35.99
CA LEU D 158 -1.66 -15.31 36.69
C LEU D 158 -0.33 -15.90 36.25
N TYR D 159 0.06 -15.71 35.00
CA TYR D 159 1.21 -16.41 34.44
C TYR D 159 2.43 -15.53 34.23
N LEU D 160 2.37 -14.24 34.57
CA LEU D 160 3.48 -13.35 34.22
C LEU D 160 4.76 -13.72 34.97
N HIS D 161 4.64 -14.21 36.21
CA HIS D 161 5.85 -14.60 36.92
C HIS D 161 6.55 -15.76 36.23
N ARG D 162 5.78 -16.75 35.76
CA ARG D 162 6.38 -17.89 35.08
C ARG D 162 7.00 -17.49 33.74
N LEU D 163 6.34 -16.60 32.99
CA LEU D 163 6.95 -16.08 31.77
C LEU D 163 8.26 -15.36 32.06
N LYS D 164 8.26 -14.47 33.07
CA LYS D 164 9.47 -13.74 33.44
C LYS D 164 10.64 -14.69 33.68
N ASP D 165 10.40 -15.76 34.45
CA ASP D 165 11.48 -16.68 34.79
C ASP D 165 12.04 -17.39 33.55
N ILE D 166 11.17 -17.78 32.62
CA ILE D 166 11.64 -18.38 31.38
C ILE D 166 12.41 -17.35 30.56
N PHE D 167 11.78 -16.20 30.30
CA PHE D 167 12.43 -15.12 29.55
C PHE D 167 13.77 -14.72 30.15
N GLU D 168 13.87 -14.68 31.48
CA GLU D 168 15.16 -14.34 32.08
C GLU D 168 16.20 -15.42 31.78
N GLU D 169 15.80 -16.70 31.77
CA GLU D 169 16.72 -17.76 31.37
C GLU D 169 17.21 -17.60 29.93
N ARG D 170 16.31 -17.21 29.02
CA ARG D 170 16.67 -17.07 27.60
C ARG D 170 17.53 -15.84 27.38
N LEU D 171 17.18 -14.72 28.02
CA LEU D 171 18.02 -13.53 27.99
C LEU D 171 19.43 -13.85 28.49
N LYS D 172 19.55 -14.69 29.52
CA LYS D 172 20.88 -15.04 29.99
C LYS D 172 21.58 -15.95 29.00
N ARG D 173 20.87 -16.95 28.48
CA ARG D 173 21.48 -17.88 27.53
C ARG D 173 21.98 -17.17 26.28
N GLU D 174 21.21 -16.23 25.75
CA GLU D 174 21.63 -15.49 24.55
C GLU D 174 22.47 -14.25 24.87
N GLU D 175 22.78 -14.00 26.14
CA GLU D 175 23.66 -12.90 26.54
C GLU D 175 23.06 -11.54 26.17
N ARG D 176 21.76 -11.38 26.44
CA ARG D 176 21.04 -10.15 26.11
C ARG D 176 20.48 -9.46 27.35
N GLU D 177 21.05 -9.74 28.53
CA GLU D 177 20.52 -9.15 29.76
C GLU D 177 20.63 -7.63 29.76
N SER D 178 21.79 -7.10 29.39
CA SER D 178 21.96 -5.65 29.44
C SER D 178 21.13 -4.94 28.38
N VAL D 179 20.88 -5.63 27.26
CA VAL D 179 19.94 -5.11 26.27
C VAL D 179 18.56 -4.93 26.89
N ALA D 180 18.02 -6.01 27.49
CA ALA D 180 16.67 -5.96 28.01
C ALA D 180 16.54 -4.94 29.14
N LYS D 181 17.52 -4.94 30.05
CA LYS D 181 17.56 -3.96 31.15
C LYS D 181 17.46 -2.54 30.60
N ALA D 182 18.23 -2.24 29.55
CA ALA D 182 18.19 -0.90 28.98
C ALA D 182 16.81 -0.59 28.41
N CYS D 183 16.17 -1.56 27.76
CA CYS D 183 14.83 -1.35 27.23
C CYS D 183 13.82 -1.11 28.36
N PHE D 184 13.87 -1.94 29.42
CA PHE D 184 12.94 -1.77 30.54
C PHE D 184 13.14 -0.43 31.20
N GLN D 185 14.37 0.07 31.18
CA GLN D 185 14.69 1.36 31.79
C GLN D 185 14.02 2.50 31.02
N PHE D 186 14.01 2.43 29.69
CA PHE D 186 13.38 3.45 28.88
C PHE D 186 11.86 3.33 28.84
N LEU D 187 11.33 2.13 29.02
CA LEU D 187 9.89 1.90 28.87
C LEU D 187 9.01 2.93 29.59
N PRO D 188 9.26 3.32 30.84
CA PRO D 188 8.37 4.33 31.46
C PRO D 188 8.39 5.64 30.72
N MET D 189 9.56 6.04 30.21
CA MET D 189 9.64 7.26 29.41
C MET D 189 8.97 7.07 28.05
N ARG D 190 9.09 5.87 27.46
CA ARG D 190 8.31 5.58 26.27
C ARG D 190 6.82 5.72 26.54
N ALA D 191 6.37 5.31 27.74
CA ALA D 191 4.96 5.48 28.07
C ALA D 191 4.64 6.96 28.27
N ASN D 192 5.53 7.69 28.96
CA ASN D 192 5.36 9.14 29.09
CA ASN D 192 5.34 9.13 29.09
C ASN D 192 5.23 9.80 27.72
N LEU D 193 6.08 9.41 26.76
CA LEU D 193 6.01 10.01 25.44
C LEU D 193 4.66 9.76 24.80
N ASP D 194 4.04 8.64 25.11
CA ASP D 194 2.68 8.42 24.60
C ASP D 194 1.69 9.44 25.17
N LEU D 195 1.77 9.69 26.48
CA LEU D 195 0.85 10.62 27.14
C LEU D 195 1.05 12.05 26.66
N LEU D 196 2.30 12.44 26.38
CA LEU D 196 2.64 13.78 25.95
C LEU D 196 2.25 14.08 24.50
N GLY D 197 1.94 13.06 23.69
CA GLY D 197 1.50 13.28 22.32
C GLY D 197 2.31 12.55 21.24
N TRP D 198 3.29 11.73 21.59
CA TRP D 198 4.12 11.04 20.61
C TRP D 198 3.76 9.57 20.46
N SER D 199 2.50 9.20 20.72
CA SER D 199 2.13 7.79 20.72
C SER D 199 2.17 7.17 19.32
N GLU D 200 2.20 7.98 18.27
CA GLU D 200 2.26 7.46 16.91
C GLU D 200 3.66 7.52 16.31
N ILE D 201 4.67 7.91 17.09
CA ILE D 201 6.00 8.21 16.56
C ILE D 201 7.01 7.28 17.21
N ASP D 202 7.69 6.47 16.39
CA ASP D 202 8.93 5.85 16.85
C ASP D 202 9.96 6.98 16.98
N ILE D 203 10.31 7.32 18.23
CA ILE D 203 11.14 8.48 18.47
C ILE D 203 12.57 8.28 17.93
N PHE D 204 12.99 7.03 17.70
CA PHE D 204 14.33 6.70 17.22
C PHE D 204 14.41 6.42 15.73
N ALA D 205 13.29 6.44 15.01
CA ALA D 205 13.33 6.18 13.58
C ALA D 205 13.93 7.35 12.83
N HIS D 206 14.55 7.05 11.69
CA HIS D 206 15.05 8.09 10.80
C HIS D 206 13.89 8.97 10.35
N SER D 207 12.78 8.36 9.98
CA SER D 207 11.53 9.08 9.77
C SER D 207 10.34 8.16 10.00
N THR E 3 -4.78 29.26 -33.89
CA THR E 3 -5.12 30.42 -34.72
C THR E 3 -6.58 30.85 -34.55
N GLU E 4 -7.42 30.59 -35.57
CA GLU E 4 -8.78 31.14 -35.61
C GLU E 4 -9.74 30.29 -34.76
N ILE E 5 -10.28 30.89 -33.70
CA ILE E 5 -11.18 30.20 -32.80
C ILE E 5 -12.51 30.92 -32.86
N ARG E 6 -13.59 30.16 -33.05
CA ARG E 6 -14.93 30.68 -33.15
C ARG E 6 -15.72 30.23 -31.92
N VAL E 7 -16.17 31.20 -31.13
CA VAL E 7 -16.88 30.95 -29.89
C VAL E 7 -18.36 31.13 -30.16
N HIS E 8 -19.15 30.11 -29.82
CA HIS E 8 -20.59 30.16 -30.00
C HIS E 8 -21.29 29.97 -28.66
N GLN E 9 -22.51 30.47 -28.60
CA GLN E 9 -23.39 30.27 -27.46
C GLN E 9 -24.39 29.17 -27.81
N GLY E 10 -24.34 28.07 -27.07
CA GLY E 10 -25.35 27.03 -27.17
C GLY E 10 -25.18 25.98 -28.24
N ASP E 11 -24.90 26.40 -29.48
CA ASP E 11 -24.79 25.46 -30.60
C ASP E 11 -24.00 26.10 -31.72
N LEU E 12 -23.44 25.26 -32.59
CA LEU E 12 -22.95 25.75 -33.88
C LEU E 12 -24.09 26.45 -34.62
N PRO E 13 -23.80 27.52 -35.36
CA PRO E 13 -24.86 28.12 -36.18
C PRO E 13 -25.28 27.23 -37.34
N ASN E 14 -24.36 26.46 -37.93
CA ASN E 14 -24.66 25.54 -39.01
C ASN E 14 -23.49 24.56 -39.13
N LEU E 15 -23.62 23.62 -40.06
CA LEU E 15 -22.58 22.62 -40.31
C LEU E 15 -21.76 22.91 -41.57
N ASP E 16 -21.63 24.18 -41.96
CA ASP E 16 -20.91 24.47 -43.20
C ASP E 16 -19.44 24.07 -43.11
N ASN E 17 -18.84 24.17 -41.92
CA ASN E 17 -17.45 23.77 -41.73
C ASN E 17 -17.28 22.28 -41.46
N TYR E 18 -18.34 21.48 -41.52
CA TYR E 18 -18.24 20.10 -41.04
C TYR E 18 -18.84 19.12 -42.04
N ARG E 19 -18.63 19.40 -43.34
CA ARG E 19 -18.94 18.43 -44.38
C ARG E 19 -17.69 17.59 -44.65
N ILE E 20 -17.31 16.82 -43.62
CA ILE E 20 -16.03 16.13 -43.58
C ILE E 20 -16.24 14.72 -43.06
N ASP E 21 -15.20 13.90 -43.20
CA ASP E 21 -15.26 12.48 -42.83
C ASP E 21 -14.99 12.24 -41.35
N ALA E 22 -14.26 13.14 -40.69
CA ALA E 22 -13.93 12.95 -39.28
C ALA E 22 -13.86 14.31 -38.60
N VAL E 23 -14.28 14.38 -37.34
CA VAL E 23 -14.30 15.63 -36.60
C VAL E 23 -13.67 15.43 -35.21
N ALA E 24 -12.73 16.30 -34.85
CA ALA E 24 -12.14 16.29 -33.52
C ALA E 24 -13.10 16.90 -32.50
N VAL E 25 -13.36 16.18 -31.42
CA VAL E 25 -14.32 16.59 -30.40
C VAL E 25 -13.65 16.61 -29.04
N ASP E 26 -13.97 17.61 -28.23
CA ASP E 26 -13.54 17.62 -26.85
C ASP E 26 -14.54 18.41 -26.01
N THR E 27 -14.46 18.23 -24.69
CA THR E 27 -15.41 18.90 -23.80
C THR E 27 -14.68 19.46 -22.59
N GLU E 28 -15.29 20.46 -21.98
CA GLU E 28 -14.92 20.99 -20.68
C GLU E 28 -16.14 20.96 -19.77
N THR E 29 -15.94 20.56 -18.51
CA THR E 29 -17.01 20.33 -17.55
C THR E 29 -16.63 20.96 -16.22
N LEU E 30 -17.52 20.82 -15.23
CA LEU E 30 -17.20 21.21 -13.87
C LEU E 30 -16.52 20.10 -13.09
N GLY E 31 -16.23 18.96 -13.70
CA GLY E 31 -15.54 17.90 -13.00
C GLY E 31 -15.70 16.58 -13.74
N LEU E 32 -15.23 15.53 -13.07
CA LEU E 32 -15.17 14.20 -13.69
C LEU E 32 -16.41 13.36 -13.46
N GLN E 33 -17.44 13.85 -12.75
CA GLN E 33 -18.62 13.04 -12.40
C GLN E 33 -19.86 13.52 -13.14
N PRO E 34 -20.19 12.94 -14.30
CA PRO E 34 -21.26 13.49 -15.16
C PRO E 34 -22.61 13.72 -14.48
N HIS E 35 -22.96 12.90 -13.50
CA HIS E 35 -24.24 13.12 -12.85
C HIS E 35 -24.24 14.37 -11.97
N ARG E 36 -23.07 14.75 -11.43
CA ARG E 36 -22.91 15.97 -10.64
C ARG E 36 -22.43 17.17 -11.46
N ASP E 37 -21.45 16.98 -12.34
CA ASP E 37 -20.67 18.06 -12.96
C ASP E 37 -21.12 18.26 -14.39
N ARG E 38 -21.73 19.41 -14.66
CA ARG E 38 -22.42 19.65 -15.92
C ARG E 38 -21.44 19.91 -17.07
N LEU E 39 -21.89 19.59 -18.28
CA LEU E 39 -21.18 19.98 -19.49
C LEU E 39 -21.18 21.49 -19.67
N CYS E 40 -20.02 22.06 -19.92
CA CYS E 40 -19.85 23.51 -20.00
C CYS E 40 -19.43 24.00 -21.37
N VAL E 41 -18.57 23.28 -22.05
CA VAL E 41 -18.01 23.69 -23.33
C VAL E 41 -17.87 22.43 -24.17
N VAL E 42 -18.13 22.54 -25.47
CA VAL E 42 -17.81 21.51 -26.44
C VAL E 42 -16.89 22.14 -27.49
N GLN E 43 -15.84 21.44 -27.84
CA GLN E 43 -14.87 21.92 -28.81
C GLN E 43 -14.89 21.02 -30.03
N LEU E 44 -14.76 21.64 -31.19
CA LEU E 44 -14.77 20.92 -32.45
C LEU E 44 -13.68 21.48 -33.33
N SER E 45 -13.10 20.61 -34.15
CA SER E 45 -12.21 21.05 -35.21
C SER E 45 -12.37 20.12 -36.39
N SER E 46 -12.20 20.70 -37.58
CA SER E 46 -12.22 19.97 -38.83
C SER E 46 -10.84 19.47 -39.22
N GLY E 47 -9.80 19.88 -38.50
CA GLY E 47 -8.44 19.55 -38.86
C GLY E 47 -7.76 20.60 -39.73
N ASP E 48 -8.47 21.67 -40.09
CA ASP E 48 -7.91 22.73 -40.91
C ASP E 48 -7.18 23.81 -40.10
N GLY E 49 -6.87 23.54 -38.84
CA GLY E 49 -6.19 24.53 -38.02
C GLY E 49 -7.08 25.50 -37.30
N THR E 50 -8.39 25.46 -37.53
CA THR E 50 -9.34 26.29 -36.80
C THR E 50 -10.18 25.40 -35.88
N ALA E 51 -10.82 26.03 -34.91
CA ALA E 51 -11.64 25.29 -33.96
C ALA E 51 -12.91 26.07 -33.64
N ASP E 52 -13.97 25.33 -33.30
CA ASP E 52 -15.20 25.90 -32.80
C ASP E 52 -15.32 25.57 -31.32
N VAL E 53 -15.66 26.58 -30.51
CA VAL E 53 -15.77 26.44 -29.06
C VAL E 53 -17.18 26.87 -28.67
N ILE E 54 -17.96 25.94 -28.12
CA ILE E 54 -19.39 26.12 -27.94
C ILE E 54 -19.69 26.13 -26.45
N GLN E 55 -20.14 27.25 -25.92
CA GLN E 55 -20.51 27.29 -24.51
C GLN E 55 -21.91 26.68 -24.32
N ILE E 56 -22.01 25.77 -23.37
CA ILE E 56 -23.25 25.06 -23.05
C ILE E 56 -23.77 25.66 -21.74
N ALA E 57 -25.00 26.14 -21.76
CA ALA E 57 -25.54 26.78 -20.58
C ALA E 57 -26.05 25.75 -19.58
N LYS E 58 -26.26 26.19 -18.35
CA LYS E 58 -26.79 25.31 -17.32
C LYS E 58 -28.20 24.87 -17.70
N GLY E 59 -28.44 23.57 -17.63
CA GLY E 59 -29.76 23.05 -17.96
C GLY E 59 -30.09 22.99 -19.43
N GLN E 60 -29.17 23.33 -20.33
CA GLN E 60 -29.43 23.27 -21.77
C GLN E 60 -29.66 21.82 -22.20
N LYS E 61 -30.79 21.57 -22.84
CA LYS E 61 -31.19 20.22 -23.22
C LYS E 61 -30.87 19.89 -24.67
N SER E 62 -30.56 20.90 -25.48
CA SER E 62 -30.59 20.79 -26.93
C SER E 62 -29.36 21.46 -27.54
N ALA E 63 -28.82 20.85 -28.59
CA ALA E 63 -27.75 21.45 -29.40
C ALA E 63 -27.80 20.80 -30.77
N PRO E 64 -28.76 21.20 -31.60
CA PRO E 64 -29.15 20.33 -32.73
C PRO E 64 -28.07 20.14 -33.79
N ASN E 65 -27.30 21.18 -34.11
CA ASN E 65 -26.27 20.98 -35.11
C ASN E 65 -25.14 20.11 -34.55
N LEU E 66 -24.71 20.36 -33.31
CA LEU E 66 -23.70 19.52 -32.69
C LEU E 66 -24.17 18.06 -32.60
N VAL E 67 -25.40 17.86 -32.14
CA VAL E 67 -25.91 16.50 -31.96
C VAL E 67 -26.09 15.78 -33.31
N ARG E 68 -26.44 16.52 -34.37
CA ARG E 68 -26.44 15.94 -35.72
C ARG E 68 -25.09 15.30 -36.05
N LEU E 69 -23.99 16.02 -35.78
CA LEU E 69 -22.65 15.45 -35.99
C LEU E 69 -22.45 14.20 -35.14
N LEU E 70 -22.78 14.29 -33.85
CA LEU E 70 -22.54 13.19 -32.92
C LEU E 70 -23.23 11.92 -33.39
N SER E 71 -24.41 12.02 -33.98
CA SER E 71 -25.17 10.84 -34.35
C SER E 71 -25.00 10.46 -35.81
N ASP E 72 -24.05 11.08 -36.52
CA ASP E 72 -23.90 10.86 -37.96
C ASP E 72 -22.94 9.69 -38.17
N ARG E 73 -23.45 8.56 -38.65
CA ARG E 73 -22.63 7.36 -38.78
C ARG E 73 -21.58 7.49 -39.89
N ASP E 74 -21.67 8.48 -40.77
CA ASP E 74 -20.65 8.69 -41.79
C ASP E 74 -19.49 9.53 -41.30
N ILE E 75 -19.54 10.05 -40.08
CA ILE E 75 -18.51 10.95 -39.59
C ILE E 75 -17.89 10.33 -38.36
N THR E 76 -16.58 10.05 -38.43
CA THR E 76 -15.85 9.54 -37.27
C THR E 76 -15.61 10.69 -36.30
N LYS E 77 -16.00 10.50 -35.04
CA LYS E 77 -15.66 11.47 -33.99
C LYS E 77 -14.35 11.07 -33.33
N ILE E 78 -13.39 12.00 -33.30
CA ILE E 78 -12.05 11.75 -32.77
C ILE E 78 -11.94 12.38 -31.40
N PHE E 79 -11.54 11.59 -30.41
CA PHE E 79 -11.35 12.05 -29.04
C PHE E 79 -9.96 11.64 -28.55
N HIS E 80 -9.50 12.33 -27.52
CA HIS E 80 -8.47 11.82 -26.64
C HIS E 80 -9.10 11.43 -25.30
N PHE E 81 -9.03 10.14 -24.98
CA PHE E 81 -9.76 9.56 -23.85
C PHE E 81 -11.25 9.87 -23.96
N GLY E 82 -11.84 9.34 -25.03
CA GLY E 82 -13.23 9.56 -25.31
C GLY E 82 -14.16 8.83 -24.37
N ARG E 83 -13.63 7.90 -23.57
CA ARG E 83 -14.46 7.29 -22.54
C ARG E 83 -15.13 8.37 -21.71
N PHE E 84 -14.41 9.46 -21.44
CA PHE E 84 -15.00 10.51 -20.65
C PHE E 84 -15.95 11.40 -21.47
N ASP E 85 -15.48 11.90 -22.61
CA ASP E 85 -16.27 12.84 -23.41
C ASP E 85 -17.57 12.20 -23.89
N LEU E 86 -17.50 10.94 -24.31
CA LEU E 86 -18.70 10.20 -24.70
C LEU E 86 -19.72 10.16 -23.57
N ALA E 87 -19.28 9.86 -22.34
CA ALA E 87 -20.23 9.72 -21.24
C ALA E 87 -20.95 11.04 -20.96
N ILE E 88 -20.23 12.17 -20.99
CA ILE E 88 -20.88 13.42 -20.60
C ILE E 88 -21.77 13.94 -21.74
N LEU E 89 -21.38 13.71 -23.00
CA LEU E 89 -22.24 14.10 -24.12
C LEU E 89 -23.53 13.27 -24.13
N ALA E 90 -23.42 11.94 -24.04
CA ALA E 90 -24.61 11.10 -23.98
C ALA E 90 -25.52 11.51 -22.84
N HIS E 91 -24.96 11.69 -21.64
CA HIS E 91 -25.74 12.11 -20.49
C HIS E 91 -26.42 13.46 -20.70
N THR E 92 -25.74 14.40 -21.38
CA THR E 92 -26.30 15.74 -21.52
C THR E 92 -27.36 15.83 -22.63
N PHE E 93 -27.08 15.29 -23.81
CA PHE E 93 -27.99 15.46 -24.94
C PHE E 93 -28.71 14.18 -25.35
N GLY E 94 -28.45 13.06 -24.68
CA GLY E 94 -29.20 11.85 -24.91
C GLY E 94 -28.81 11.04 -26.14
N VAL E 95 -27.68 11.33 -26.76
CA VAL E 95 -27.24 10.63 -27.96
C VAL E 95 -25.81 10.13 -27.75
N MET E 96 -25.62 8.81 -27.81
CA MET E 96 -24.28 8.24 -27.69
C MET E 96 -23.68 8.06 -29.07
N PRO E 97 -22.61 8.78 -29.43
CA PRO E 97 -21.95 8.53 -30.71
C PRO E 97 -21.40 7.11 -30.76
N ASP E 98 -21.50 6.48 -31.93
CA ASP E 98 -21.04 5.11 -32.10
C ASP E 98 -19.98 4.94 -33.19
N VAL E 99 -19.44 6.03 -33.74
CA VAL E 99 -18.35 5.94 -34.71
C VAL E 99 -17.22 6.83 -34.20
N VAL E 100 -16.24 6.22 -33.52
CA VAL E 100 -15.27 6.97 -32.74
C VAL E 100 -13.86 6.46 -32.99
N PHE E 101 -12.90 7.33 -32.72
CA PHE E 101 -11.49 6.99 -32.68
C PHE E 101 -10.93 7.67 -31.44
N CYS E 102 -10.19 6.92 -30.62
CA CYS E 102 -9.60 7.48 -29.40
C CYS E 102 -8.08 7.42 -29.47
N THR E 103 -7.45 8.59 -29.39
CA THR E 103 -5.98 8.62 -29.44
C THR E 103 -5.35 8.03 -28.19
N LYS E 104 -6.05 8.00 -27.06
CA LYS E 104 -5.40 7.41 -25.90
C LYS E 104 -5.35 5.90 -26.01
N ILE E 105 -6.44 5.28 -26.47
CA ILE E 105 -6.43 3.85 -26.75
C ILE E 105 -5.42 3.52 -27.84
N ALA E 106 -5.41 4.32 -28.92
CA ALA E 106 -4.44 4.08 -30.00
C ALA E 106 -3.02 4.15 -29.48
N SER E 107 -2.74 5.09 -28.57
CA SER E 107 -1.41 5.21 -27.98
C SER E 107 -1.07 4.00 -27.11
N LYS E 108 -2.02 3.53 -26.29
CA LYS E 108 -1.77 2.32 -25.51
C LYS E 108 -1.51 1.11 -26.40
N LEU E 109 -1.97 1.13 -27.65
CA LEU E 109 -1.80 0.03 -28.60
C LEU E 109 -0.60 0.18 -29.53
N THR E 110 0.02 1.35 -29.61
CA THR E 110 1.15 1.54 -30.52
C THR E 110 2.40 2.04 -29.83
N ARG E 111 2.27 2.94 -28.86
CA ARG E 111 3.40 3.49 -28.11
C ARG E 111 3.69 2.57 -26.91
N THR E 112 4.14 1.36 -27.27
CA THR E 112 4.47 0.31 -26.32
C THR E 112 5.79 0.55 -25.61
N TYR E 113 6.56 1.53 -26.08
CA TYR E 113 7.88 1.86 -25.54
C TYR E 113 7.82 2.88 -24.43
N THR E 114 6.65 3.05 -23.80
CA THR E 114 6.42 4.07 -22.79
C THR E 114 5.12 3.73 -22.05
N ASP E 115 4.99 4.31 -20.88
CA ASP E 115 3.85 4.14 -20.02
C ASP E 115 3.07 5.44 -19.82
N ARG E 116 3.52 6.52 -20.45
CA ARG E 116 2.85 7.82 -20.41
C ARG E 116 2.04 7.99 -21.69
N HIS E 117 0.73 8.14 -21.55
CA HIS E 117 -0.20 8.15 -22.68
C HIS E 117 -1.11 9.36 -22.65
N GLY E 118 -0.79 10.36 -21.84
CA GLY E 118 -1.57 11.58 -21.84
C GLY E 118 -1.34 12.42 -23.08
N LEU E 119 -2.31 13.31 -23.32
CA LEU E 119 -2.30 14.14 -24.52
C LEU E 119 -1.06 15.02 -24.61
N LYS E 120 -0.55 15.50 -23.47
CA LYS E 120 0.62 16.37 -23.50
C LYS E 120 1.83 15.62 -24.02
N GLU E 121 2.13 14.44 -23.47
CA GLU E 121 3.31 13.67 -23.89
CA GLU E 121 3.31 13.68 -23.91
C GLU E 121 3.16 13.19 -25.34
N ILE E 122 1.94 12.95 -25.79
CA ILE E 122 1.75 12.43 -27.15
C ILE E 122 1.99 13.54 -28.16
N CYS E 123 1.59 14.76 -27.84
CA CYS E 123 1.79 15.88 -28.76
C CYS E 123 3.26 16.27 -28.81
N GLY E 124 3.95 16.19 -27.67
CA GLY E 124 5.37 16.50 -27.67
C GLY E 124 6.15 15.52 -28.52
N GLU E 125 5.88 14.23 -28.36
CA GLU E 125 6.66 13.21 -29.04
C GLU E 125 6.29 13.11 -30.53
N LEU E 126 4.99 13.06 -30.84
CA LEU E 126 4.59 12.81 -32.22
C LEU E 126 4.61 14.07 -33.08
N LEU E 127 4.46 15.26 -32.47
CA LEU E 127 4.28 16.49 -33.22
C LEU E 127 5.21 17.63 -32.82
N ASN E 128 5.99 17.48 -31.75
CA ASN E 128 6.75 18.57 -31.14
CA ASN E 128 6.77 18.58 -31.19
C ASN E 128 5.89 19.81 -30.96
N VAL E 129 4.73 19.58 -30.36
CA VAL E 129 3.77 20.62 -30.01
C VAL E 129 3.65 20.62 -28.50
N ASN E 130 3.70 21.81 -27.91
CA ASN E 130 3.70 21.96 -26.47
C ASN E 130 2.28 22.29 -26.02
N ILE E 131 1.67 21.39 -25.25
CA ILE E 131 0.33 21.58 -24.72
C ILE E 131 0.45 21.99 -23.26
N SER E 132 -0.07 23.16 -22.93
CA SER E 132 -0.12 23.63 -21.56
C SER E 132 -1.40 23.16 -20.89
N LYS E 133 -1.28 22.61 -19.68
CA LYS E 133 -2.45 22.12 -18.95
C LYS E 133 -2.86 23.05 -17.81
N GLN E 134 -2.40 24.31 -17.81
CA GLN E 134 -2.71 25.24 -16.72
C GLN E 134 -4.22 25.46 -16.59
N GLN E 135 -4.91 25.59 -17.71
CA GLN E 135 -6.31 26.00 -17.67
C GLN E 135 -7.26 24.85 -17.37
N GLN E 136 -6.77 23.61 -17.36
CA GLN E 136 -7.61 22.45 -17.07
C GLN E 136 -8.42 22.66 -15.80
N SER E 137 -7.81 23.23 -14.76
CA SER E 137 -8.49 23.51 -13.50
C SER E 137 -8.84 25.00 -13.46
N SER E 138 -9.95 25.33 -14.12
CA SER E 138 -10.52 26.67 -14.03
C SER E 138 -12.03 26.51 -13.97
N ASP E 139 -12.72 27.63 -13.83
CA ASP E 139 -14.18 27.64 -13.73
C ASP E 139 -14.76 27.61 -15.15
N TRP E 140 -14.99 26.41 -15.67
CA TRP E 140 -15.49 26.31 -17.04
C TRP E 140 -16.96 26.68 -17.16
N ALA E 141 -17.65 26.97 -16.05
CA ALA E 141 -19.02 27.43 -16.10
C ALA E 141 -19.13 28.95 -16.06
N ALA E 142 -18.00 29.65 -16.03
CA ALA E 142 -18.02 31.11 -16.07
C ALA E 142 -18.85 31.60 -17.25
N GLU E 143 -19.54 32.71 -17.05
CA GLU E 143 -20.34 33.30 -18.12
C GLU E 143 -19.48 33.66 -19.32
N THR E 144 -18.40 34.40 -19.08
CA THR E 144 -17.44 34.75 -20.13
C THR E 144 -16.15 34.00 -19.85
N LEU E 145 -15.69 33.26 -20.86
CA LEU E 145 -14.45 32.52 -20.76
C LEU E 145 -13.27 33.41 -21.09
N SER E 146 -12.19 33.29 -20.32
CA SER E 146 -10.97 34.03 -20.57
C SER E 146 -10.32 33.60 -21.88
N ARG E 147 -9.46 34.46 -22.41
CA ARG E 147 -8.77 34.14 -23.66
C ARG E 147 -7.87 32.91 -23.48
N ALA E 148 -7.16 32.83 -22.35
CA ALA E 148 -6.40 31.62 -22.05
C ALA E 148 -7.30 30.40 -22.08
N GLN E 149 -8.47 30.48 -21.43
CA GLN E 149 -9.42 29.38 -21.41
C GLN E 149 -9.82 28.97 -22.82
N ILE E 150 -10.17 29.94 -23.65
CA ILE E 150 -10.66 29.65 -24.98
C ILE E 150 -9.55 29.04 -25.83
N GLU E 151 -8.32 29.49 -25.62
CA GLU E 151 -7.22 28.96 -26.43
C GLU E 151 -6.83 27.57 -25.96
N TYR E 152 -6.86 27.33 -24.64
CA TYR E 152 -6.66 25.99 -24.12
C TYR E 152 -7.71 25.02 -24.65
N ALA E 153 -8.99 25.44 -24.63
CA ALA E 153 -10.05 24.53 -25.04
C ALA E 153 -9.93 24.21 -26.53
N ALA E 154 -9.44 25.14 -27.34
CA ALA E 154 -9.31 24.83 -28.77
C ALA E 154 -8.08 23.97 -29.03
N SER E 155 -7.00 24.16 -28.28
CA SER E 155 -5.79 23.38 -28.51
C SER E 155 -6.02 21.88 -28.32
N ASP E 156 -7.05 21.48 -27.57
CA ASP E 156 -7.31 20.06 -27.35
C ASP E 156 -7.99 19.38 -28.52
N VAL E 157 -8.46 20.11 -29.54
CA VAL E 157 -8.95 19.51 -30.78
C VAL E 157 -8.11 19.85 -32.00
N LEU E 158 -7.20 20.85 -31.92
CA LEU E 158 -6.49 21.28 -33.12
C LEU E 158 -5.53 20.23 -33.67
N TYR E 159 -5.17 19.22 -32.89
CA TYR E 159 -4.14 18.27 -33.27
C TYR E 159 -4.64 16.83 -33.37
N LEU E 160 -5.93 16.59 -33.14
CA LEU E 160 -6.39 15.22 -33.07
C LEU E 160 -6.39 14.57 -34.44
N HIS E 161 -6.64 15.34 -35.50
CA HIS E 161 -6.55 14.78 -36.84
C HIS E 161 -5.13 14.30 -37.15
N ARG E 162 -4.13 15.17 -36.94
CA ARG E 162 -2.74 14.76 -37.15
C ARG E 162 -2.38 13.54 -36.30
N LEU E 163 -2.78 13.52 -35.03
CA LEU E 163 -2.47 12.34 -34.21
C LEU E 163 -3.14 11.08 -34.76
N LYS E 164 -4.38 11.20 -35.22
CA LYS E 164 -5.09 10.05 -35.78
C LYS E 164 -4.34 9.46 -36.98
N ASP E 165 -3.88 10.31 -37.89
CA ASP E 165 -3.14 9.84 -39.06
C ASP E 165 -1.89 9.05 -38.66
N ILE E 166 -1.13 9.58 -37.69
CA ILE E 166 0.09 8.89 -37.29
C ILE E 166 -0.24 7.56 -36.62
N PHE E 167 -1.23 7.55 -35.73
CA PHE E 167 -1.59 6.31 -35.06
C PHE E 167 -2.10 5.27 -36.04
N GLU E 168 -2.90 5.69 -37.02
CA GLU E 168 -3.35 4.75 -38.05
C GLU E 168 -2.17 4.12 -38.78
N GLU E 169 -1.12 4.91 -39.07
CA GLU E 169 0.10 4.37 -39.69
C GLU E 169 0.80 3.37 -38.79
N ARG E 170 0.91 3.67 -37.49
CA ARG E 170 1.56 2.74 -36.57
C ARG E 170 0.72 1.48 -36.38
N LEU E 171 -0.62 1.64 -36.32
CA LEU E 171 -1.50 0.47 -36.19
C LEU E 171 -1.43 -0.41 -37.43
N LYS E 172 -1.23 0.19 -38.62
CA LYS E 172 -1.02 -0.58 -39.83
C LYS E 172 0.35 -1.25 -39.83
N ARG E 173 1.39 -0.55 -39.38
CA ARG E 173 2.73 -1.11 -39.34
C ARG E 173 2.78 -2.35 -38.46
N GLU E 174 2.22 -2.26 -37.25
CA GLU E 174 2.24 -3.34 -36.29
C GLU E 174 1.05 -4.28 -36.44
N GLU E 175 0.22 -4.10 -37.46
CA GLU E 175 -0.88 -5.02 -37.79
C GLU E 175 -1.84 -5.15 -36.61
N ARG E 176 -2.30 -4.01 -36.11
CA ARG E 176 -3.22 -3.96 -34.98
C ARG E 176 -4.51 -3.24 -35.35
N GLU E 177 -4.79 -3.08 -36.64
CA GLU E 177 -5.97 -2.33 -37.07
C GLU E 177 -7.26 -2.94 -36.53
N SER E 178 -7.40 -4.27 -36.61
CA SER E 178 -8.64 -4.90 -36.18
C SER E 178 -8.75 -4.92 -34.65
N VAL E 179 -7.61 -4.96 -33.95
CA VAL E 179 -7.63 -4.78 -32.50
C VAL E 179 -8.21 -3.42 -32.14
N ALA E 180 -7.73 -2.36 -32.80
CA ALA E 180 -8.17 -1.02 -32.47
C ALA E 180 -9.64 -0.81 -32.83
N LYS E 181 -10.05 -1.33 -33.99
CA LYS E 181 -11.43 -1.22 -34.42
C LYS E 181 -12.38 -1.79 -33.39
N ALA E 182 -12.07 -2.98 -32.83
CA ALA E 182 -12.95 -3.56 -31.83
C ALA E 182 -12.94 -2.76 -30.53
N CYS E 183 -11.78 -2.20 -30.15
CA CYS E 183 -11.74 -1.31 -28.98
C CYS E 183 -12.62 -0.10 -29.20
N PHE E 184 -12.62 0.44 -30.42
CA PHE E 184 -13.45 1.60 -30.70
C PHE E 184 -14.94 1.23 -30.75
N GLN E 185 -15.27 0.03 -31.24
CA GLN E 185 -16.66 -0.42 -31.22
CA GLN E 185 -16.66 -0.42 -31.22
C GLN E 185 -17.19 -0.48 -29.79
N PHE E 186 -16.38 -1.00 -28.87
CA PHE E 186 -16.84 -1.14 -27.49
C PHE E 186 -16.84 0.16 -26.69
N LEU E 187 -16.00 1.13 -27.06
CA LEU E 187 -15.83 2.33 -26.24
C LEU E 187 -17.13 3.05 -25.90
N PRO E 188 -18.09 3.25 -26.82
CA PRO E 188 -19.34 3.88 -26.39
C PRO E 188 -20.09 3.08 -25.33
N MET E 189 -19.97 1.75 -25.36
CA MET E 189 -20.56 0.96 -24.29
C MET E 189 -19.77 1.09 -22.98
N ARG E 190 -18.44 1.22 -23.06
CA ARG E 190 -17.66 1.42 -21.84
C ARG E 190 -18.07 2.72 -21.16
N ALA E 191 -18.30 3.78 -21.94
CA ALA E 191 -18.79 5.05 -21.41
C ALA E 191 -20.20 4.89 -20.86
N ASN E 192 -21.04 4.15 -21.58
CA ASN E 192 -22.37 3.85 -21.06
C ASN E 192 -22.29 3.14 -19.72
N LEU E 193 -21.46 2.10 -19.64
CA LEU E 193 -21.24 1.39 -18.38
C LEU E 193 -20.87 2.33 -17.25
N ASP E 194 -20.08 3.38 -17.54
CA ASP E 194 -19.78 4.38 -16.52
C ASP E 194 -21.04 5.10 -16.07
N LEU E 195 -21.86 5.53 -17.04
CA LEU E 195 -23.09 6.23 -16.71
C LEU E 195 -24.00 5.37 -15.84
N LEU E 196 -24.04 4.07 -16.12
CA LEU E 196 -24.94 3.16 -15.42
C LEU E 196 -24.49 2.81 -14.00
N GLY E 197 -23.25 3.10 -13.63
CA GLY E 197 -22.78 2.80 -12.29
C GLY E 197 -21.53 1.94 -12.21
N TRP E 198 -20.88 1.59 -13.31
CA TRP E 198 -19.71 0.72 -13.27
C TRP E 198 -18.40 1.47 -13.51
N SER E 199 -18.34 2.76 -13.17
CA SER E 199 -17.18 3.56 -13.58
C SER E 199 -15.90 3.09 -12.91
N GLU E 200 -15.98 2.50 -11.73
CA GLU E 200 -14.80 2.01 -11.02
C GLU E 200 -14.46 0.57 -11.34
N ILE E 201 -15.11 -0.03 -12.33
CA ILE E 201 -15.08 -1.48 -12.48
C ILE E 201 -14.54 -1.83 -13.86
N ASP E 202 -13.44 -2.55 -13.90
CA ASP E 202 -12.99 -3.20 -15.11
C ASP E 202 -13.91 -4.40 -15.33
N ILE E 203 -14.84 -4.27 -16.27
CA ILE E 203 -15.86 -5.30 -16.44
C ILE E 203 -15.27 -6.60 -16.97
N PHE E 204 -14.03 -6.58 -17.49
CA PHE E 204 -13.38 -7.78 -18.02
C PHE E 204 -12.31 -8.35 -17.09
N ALA E 205 -12.14 -7.79 -15.88
CA ALA E 205 -11.15 -8.29 -14.94
C ALA E 205 -11.64 -9.57 -14.27
N HIS E 206 -10.69 -10.40 -13.82
CA HIS E 206 -11.04 -11.54 -12.98
C HIS E 206 -11.63 -11.09 -11.65
N SER E 207 -11.01 -10.08 -11.03
CA SER E 207 -11.47 -9.51 -9.78
C SER E 207 -10.91 -8.10 -9.62
N THR F 3 -41.93 -16.49 15.53
CA THR F 3 -41.44 -15.17 15.17
C THR F 3 -42.34 -14.55 14.10
N GLU F 4 -43.25 -13.67 14.53
CA GLU F 4 -44.28 -13.14 13.65
C GLU F 4 -43.69 -12.09 12.71
N ILE F 5 -43.75 -12.37 11.40
CA ILE F 5 -43.32 -11.44 10.36
C ILE F 5 -44.46 -11.29 9.36
N ARG F 6 -45.00 -10.07 9.25
CA ARG F 6 -46.02 -9.75 8.25
C ARG F 6 -45.35 -9.28 6.96
N VAL F 7 -45.70 -9.90 5.84
CA VAL F 7 -45.15 -9.56 4.54
C VAL F 7 -46.22 -8.80 3.77
N HIS F 8 -45.84 -7.65 3.22
CA HIS F 8 -46.77 -6.83 2.43
C HIS F 8 -46.15 -6.49 1.09
N GLN F 9 -47.02 -6.08 0.17
CA GLN F 9 -46.61 -5.62 -1.15
C GLN F 9 -46.85 -4.13 -1.24
N GLY F 10 -45.83 -3.38 -1.64
CA GLY F 10 -45.99 -1.97 -1.90
C GLY F 10 -46.01 -1.06 -0.69
N ASP F 11 -46.76 -1.42 0.34
CA ASP F 11 -46.88 -0.51 1.48
C ASP F 11 -47.44 -1.27 2.67
N LEU F 12 -47.42 -0.62 3.83
CA LEU F 12 -48.19 -1.08 4.96
C LEU F 12 -49.68 -0.98 4.64
N PRO F 13 -50.49 -1.95 5.05
CA PRO F 13 -51.94 -1.81 4.85
C PRO F 13 -52.51 -0.63 5.63
N ASN F 14 -51.91 -0.28 6.75
CA ASN F 14 -52.29 0.86 7.59
C ASN F 14 -51.20 1.04 8.65
N LEU F 15 -51.37 2.06 9.49
CA LEU F 15 -50.39 2.42 10.51
C LEU F 15 -50.80 1.99 11.92
N ASP F 16 -51.63 0.95 12.06
CA ASP F 16 -52.17 0.61 13.39
C ASP F 16 -51.12 0.04 14.32
N ASN F 17 -50.11 -0.66 13.79
CA ASN F 17 -49.04 -1.18 14.63
C ASN F 17 -47.95 -0.16 14.91
N TYR F 18 -48.11 1.10 14.48
CA TYR F 18 -47.01 2.08 14.50
C TYR F 18 -47.45 3.40 15.09
N ARG F 19 -48.35 3.35 16.07
CA ARG F 19 -48.72 4.54 16.83
C ARG F 19 -47.79 4.63 18.05
N ILE F 20 -46.50 4.85 17.74
CA ILE F 20 -45.42 4.80 18.71
C ILE F 20 -44.46 5.96 18.43
N ASP F 21 -43.55 6.19 19.38
CA ASP F 21 -42.63 7.33 19.25
C ASP F 21 -41.28 6.96 18.63
N ALA F 22 -40.97 5.68 18.44
CA ALA F 22 -39.75 5.28 17.74
C ALA F 22 -40.00 4.01 16.94
N VAL F 23 -39.52 3.98 15.70
CA VAL F 23 -39.67 2.82 14.82
C VAL F 23 -38.29 2.42 14.31
N ALA F 24 -38.06 1.11 14.20
CA ALA F 24 -36.82 0.56 13.68
C ALA F 24 -36.97 0.32 12.18
N VAL F 25 -36.05 0.87 11.39
CA VAL F 25 -36.16 0.87 9.94
C VAL F 25 -34.92 0.22 9.34
N ASP F 26 -35.13 -0.57 8.30
CA ASP F 26 -34.06 -1.11 7.49
C ASP F 26 -34.58 -1.31 6.06
N THR F 27 -33.65 -1.52 5.13
CA THR F 27 -33.98 -1.63 3.71
C THR F 27 -33.11 -2.71 3.07
N GLU F 28 -33.63 -3.34 2.03
CA GLU F 28 -32.86 -4.24 1.19
C GLU F 28 -32.89 -3.72 -0.24
N THR F 29 -31.78 -3.89 -0.95
CA THR F 29 -31.60 -3.30 -2.26
C THR F 29 -30.90 -4.31 -3.18
N LEU F 30 -30.79 -3.94 -4.45
CA LEU F 30 -29.92 -4.66 -5.37
C LEU F 30 -28.45 -4.25 -5.24
N GLY F 31 -28.13 -3.30 -4.37
CA GLY F 31 -26.74 -2.95 -4.14
C GLY F 31 -26.60 -1.60 -3.46
N LEU F 32 -25.35 -1.16 -3.39
CA LEU F 32 -24.96 0.00 -2.58
C LEU F 32 -25.03 1.33 -3.32
N GLN F 33 -25.48 1.35 -4.57
CA GLN F 33 -25.48 2.59 -5.34
C GLN F 33 -26.90 2.97 -5.68
N PRO F 34 -27.48 3.93 -4.96
CA PRO F 34 -28.93 4.17 -5.12
C PRO F 34 -29.33 4.63 -6.51
N HIS F 35 -28.42 5.23 -7.28
CA HIS F 35 -28.78 5.62 -8.64
C HIS F 35 -28.89 4.44 -9.60
N ARG F 36 -28.26 3.31 -9.28
CA ARG F 36 -28.33 2.10 -10.09
C ARG F 36 -29.16 0.97 -9.46
N ASP F 37 -29.15 0.84 -8.12
CA ASP F 37 -29.66 -0.34 -7.43
C ASP F 37 -30.94 0.03 -6.68
N ARG F 38 -32.07 -0.53 -7.13
CA ARG F 38 -33.34 -0.04 -6.64
C ARG F 38 -33.62 -0.55 -5.23
N LEU F 39 -34.38 0.24 -4.49
CA LEU F 39 -34.92 -0.22 -3.22
C LEU F 39 -35.88 -1.38 -3.47
N CYS F 40 -35.71 -2.47 -2.72
CA CYS F 40 -36.50 -3.70 -2.92
C CYS F 40 -37.35 -4.07 -1.72
N VAL F 41 -36.81 -3.93 -0.52
CA VAL F 41 -37.54 -4.29 0.70
C VAL F 41 -37.35 -3.18 1.72
N VAL F 42 -38.41 -2.87 2.46
CA VAL F 42 -38.34 -1.97 3.60
C VAL F 42 -38.89 -2.74 4.80
N GLN F 43 -38.12 -2.76 5.87
CA GLN F 43 -38.49 -3.51 7.07
C GLN F 43 -38.71 -2.55 8.21
N LEU F 44 -39.77 -2.80 8.98
CA LEU F 44 -40.13 -1.98 10.13
C LEU F 44 -40.38 -2.86 11.34
N SER F 45 -40.11 -2.31 12.52
CA SER F 45 -40.51 -2.97 13.75
C SER F 45 -40.78 -1.92 14.80
N SER F 46 -41.84 -2.16 15.57
CA SER F 46 -42.19 -1.33 16.71
C SER F 46 -41.42 -1.70 17.97
N GLY F 47 -40.59 -2.75 17.93
CA GLY F 47 -39.91 -3.22 19.11
C GLY F 47 -40.68 -4.21 19.95
N ASP F 48 -41.83 -4.66 19.47
CA ASP F 48 -42.64 -5.63 20.18
C ASP F 48 -42.32 -7.07 19.81
N GLY F 49 -41.23 -7.30 19.07
CA GLY F 49 -40.85 -8.63 18.67
C GLY F 49 -41.45 -9.10 17.36
N THR F 50 -42.26 -8.27 16.69
CA THR F 50 -42.75 -8.55 15.35
C THR F 50 -42.15 -7.55 14.36
N ALA F 51 -42.21 -7.89 13.08
CA ALA F 51 -41.71 -7.00 12.04
C ALA F 51 -42.64 -7.01 10.84
N ASP F 52 -42.63 -5.89 10.11
CA ASP F 52 -43.29 -5.79 8.82
C ASP F 52 -42.22 -5.72 7.73
N VAL F 53 -42.25 -6.69 6.84
CA VAL F 53 -41.38 -6.70 5.66
C VAL F 53 -42.25 -6.25 4.49
N ILE F 54 -41.85 -5.17 3.82
CA ILE F 54 -42.60 -4.57 2.73
C ILE F 54 -41.80 -4.71 1.45
N GLN F 55 -42.34 -5.46 0.49
CA GLN F 55 -41.71 -5.56 -0.82
C GLN F 55 -42.05 -4.32 -1.64
N ILE F 56 -41.02 -3.68 -2.19
CA ILE F 56 -41.15 -2.51 -3.05
C ILE F 56 -40.94 -2.95 -4.49
N ALA F 57 -41.76 -2.44 -5.40
CA ALA F 57 -41.73 -2.89 -6.79
C ALA F 57 -40.78 -2.03 -7.62
N LYS F 58 -40.26 -2.63 -8.69
CA LYS F 58 -39.51 -1.87 -9.68
C LYS F 58 -40.37 -0.73 -10.17
N GLY F 59 -39.80 0.48 -10.23
CA GLY F 59 -40.51 1.65 -10.69
C GLY F 59 -41.43 2.31 -9.68
N GLN F 60 -41.57 1.77 -8.47
CA GLN F 60 -42.51 2.32 -7.50
C GLN F 60 -42.04 3.66 -6.95
N LYS F 61 -42.91 4.66 -7.04
CA LYS F 61 -42.56 6.02 -6.68
C LYS F 61 -43.20 6.50 -5.38
N SER F 62 -44.12 5.71 -4.81
CA SER F 62 -44.86 6.14 -3.62
C SER F 62 -45.16 4.94 -2.73
N ALA F 63 -45.28 5.23 -1.44
CA ALA F 63 -45.68 4.29 -0.41
C ALA F 63 -46.23 5.12 0.75
N PRO F 64 -47.49 5.55 0.67
CA PRO F 64 -47.96 6.65 1.54
C PRO F 64 -47.86 6.39 3.04
N ASN F 65 -48.19 5.18 3.52
CA ASN F 65 -48.18 4.92 4.96
C ASN F 65 -46.75 4.88 5.49
N LEU F 66 -45.86 4.20 4.77
CA LEU F 66 -44.45 4.22 5.14
C LEU F 66 -43.91 5.64 5.12
N VAL F 67 -44.25 6.41 4.09
CA VAL F 67 -43.70 7.76 3.96
C VAL F 67 -44.27 8.66 5.04
N ARG F 68 -45.51 8.39 5.51
CA ARG F 68 -46.06 9.15 6.62
CA ARG F 68 -46.05 9.15 6.62
C ARG F 68 -45.22 8.95 7.89
N LEU F 69 -44.83 7.70 8.17
CA LEU F 69 -43.95 7.43 9.30
C LEU F 69 -42.62 8.17 9.17
N LEU F 70 -41.98 8.08 8.01
CA LEU F 70 -40.65 8.67 7.82
C LEU F 70 -40.69 10.19 7.89
N SER F 71 -41.81 10.81 7.52
CA SER F 71 -41.98 12.25 7.60
C SER F 71 -42.34 12.74 9.00
N ASP F 72 -42.76 11.84 9.89
CA ASP F 72 -43.33 12.26 11.18
C ASP F 72 -42.23 12.78 12.11
N ARG F 73 -42.24 14.08 12.40
CA ARG F 73 -41.26 14.64 13.32
C ARG F 73 -41.40 14.09 14.74
N ASP F 74 -42.53 13.50 15.09
CA ASP F 74 -42.72 13.01 16.45
C ASP F 74 -42.23 11.60 16.66
N ILE F 75 -41.75 10.93 15.61
CA ILE F 75 -41.38 9.52 15.68
C ILE F 75 -39.91 9.39 15.29
N THR F 76 -39.09 8.94 16.22
CA THR F 76 -37.69 8.70 15.91
C THR F 76 -37.53 7.44 15.07
N LYS F 77 -36.80 7.56 13.96
CA LYS F 77 -36.45 6.42 13.12
C LYS F 77 -35.08 5.88 13.54
N ILE F 78 -35.01 4.58 13.83
CA ILE F 78 -33.78 3.93 14.30
C ILE F 78 -33.21 3.10 13.17
N PHE F 79 -31.96 3.38 12.82
CA PHE F 79 -31.25 2.62 11.80
C PHE F 79 -29.95 2.05 12.35
N HIS F 80 -29.48 1.01 11.71
CA HIS F 80 -28.07 0.65 11.81
C HIS F 80 -27.40 1.06 10.52
N PHE F 81 -26.54 2.07 10.60
CA PHE F 81 -25.92 2.72 9.43
C PHE F 81 -26.98 3.36 8.55
N GLY F 82 -27.69 4.31 9.13
CA GLY F 82 -28.72 5.01 8.41
C GLY F 82 -28.22 5.90 7.29
N ARG F 83 -26.92 6.18 7.25
CA ARG F 83 -26.36 6.89 6.09
C ARG F 83 -26.85 6.26 4.79
N PHE F 84 -26.79 4.93 4.68
CA PHE F 84 -27.22 4.28 3.45
C PHE F 84 -28.74 4.28 3.30
N ASP F 85 -29.45 3.85 4.34
CA ASP F 85 -30.91 3.75 4.24
C ASP F 85 -31.56 5.09 3.96
N LEU F 86 -31.08 6.15 4.63
CA LEU F 86 -31.59 7.49 4.36
C LEU F 86 -31.42 7.86 2.88
N ALA F 87 -30.26 7.52 2.30
CA ALA F 87 -30.06 7.87 0.90
C ALA F 87 -31.05 7.14 0.01
N ILE F 88 -31.18 5.82 0.18
CA ILE F 88 -32.01 5.08 -0.76
C ILE F 88 -33.49 5.38 -0.54
N LEU F 89 -33.90 5.70 0.70
CA LEU F 89 -35.31 6.03 0.91
C LEU F 89 -35.64 7.43 0.39
N ALA F 90 -34.81 8.42 0.73
CA ALA F 90 -35.00 9.75 0.15
C ALA F 90 -35.02 9.69 -1.37
N HIS F 91 -34.14 8.87 -1.95
CA HIS F 91 -34.03 8.83 -3.40
C HIS F 91 -35.24 8.17 -4.05
N THR F 92 -35.82 7.15 -3.40
CA THR F 92 -36.92 6.39 -3.98
C THR F 92 -38.24 7.12 -3.83
N PHE F 93 -38.53 7.65 -2.64
CA PHE F 93 -39.83 8.22 -2.30
C PHE F 93 -39.81 9.73 -2.12
N GLY F 94 -38.68 10.40 -2.33
CA GLY F 94 -38.62 11.85 -2.25
C GLY F 94 -38.58 12.46 -0.87
N VAL F 95 -38.57 11.67 0.20
CA VAL F 95 -38.69 12.20 1.55
C VAL F 95 -37.46 11.79 2.36
N MET F 96 -36.74 12.78 2.88
CA MET F 96 -35.58 12.53 3.72
C MET F 96 -36.00 12.60 5.18
N PRO F 97 -36.00 11.49 5.91
CA PRO F 97 -36.29 11.56 7.35
C PRO F 97 -35.22 12.35 8.08
N ASP F 98 -35.65 13.18 9.05
CA ASP F 98 -34.71 14.05 9.74
C ASP F 98 -34.81 13.96 11.26
N VAL F 99 -35.40 12.89 11.80
CA VAL F 99 -35.38 12.60 13.24
C VAL F 99 -34.95 11.15 13.35
N VAL F 100 -33.66 10.91 13.62
CA VAL F 100 -33.08 9.59 13.42
C VAL F 100 -32.18 9.22 14.58
N PHE F 101 -31.91 7.93 14.70
CA PHE F 101 -30.93 7.43 15.63
C PHE F 101 -30.19 6.30 14.94
N CYS F 102 -28.86 6.36 14.94
CA CYS F 102 -28.04 5.37 14.24
C CYS F 102 -27.16 4.62 15.24
N THR F 103 -27.34 3.31 15.30
CA THR F 103 -26.60 2.47 16.23
C THR F 103 -25.14 2.29 15.84
N LYS F 104 -24.79 2.48 14.56
CA LYS F 104 -23.37 2.41 14.20
C LYS F 104 -22.62 3.63 14.69
N ILE F 105 -23.19 4.82 14.47
CA ILE F 105 -22.60 6.03 15.04
C ILE F 105 -22.56 5.96 16.57
N ALA F 106 -23.61 5.41 17.18
CA ALA F 106 -23.62 5.26 18.64
C ALA F 106 -22.54 4.30 19.09
N SER F 107 -22.36 3.20 18.35
CA SER F 107 -21.31 2.25 18.68
C SER F 107 -19.93 2.91 18.59
N LYS F 108 -19.68 3.67 17.54
CA LYS F 108 -18.38 4.34 17.41
C LYS F 108 -18.14 5.34 18.55
N LEU F 109 -19.21 5.91 19.12
CA LEU F 109 -19.08 6.87 20.21
C LEU F 109 -18.98 6.23 21.59
N THR F 110 -19.41 4.99 21.73
CA THR F 110 -19.44 4.35 23.05
C THR F 110 -18.52 3.16 23.15
N ARG F 111 -18.52 2.29 22.12
CA ARG F 111 -17.75 1.04 22.14
C ARG F 111 -16.34 1.33 21.65
N THR F 112 -15.63 2.08 22.49
CA THR F 112 -14.28 2.54 22.20
C THR F 112 -13.25 1.46 22.47
N TYR F 113 -13.64 0.33 23.05
CA TYR F 113 -12.74 -0.78 23.32
C TYR F 113 -12.66 -1.75 22.16
N THR F 114 -13.02 -1.32 20.95
CA THR F 114 -13.07 -2.23 19.82
C THR F 114 -13.18 -1.42 18.53
N ASP F 115 -12.88 -2.11 17.43
CA ASP F 115 -12.89 -1.56 16.09
C ASP F 115 -13.99 -2.17 15.25
N ARG F 116 -14.74 -3.12 15.80
CA ARG F 116 -15.82 -3.83 15.11
C ARG F 116 -17.14 -3.20 15.52
N HIS F 117 -17.85 -2.62 14.54
CA HIS F 117 -19.09 -1.89 14.77
C HIS F 117 -20.21 -2.36 13.84
N GLY F 118 -20.08 -3.54 13.25
CA GLY F 118 -21.17 -4.10 12.47
C GLY F 118 -22.35 -4.53 13.33
N LEU F 119 -23.48 -4.77 12.66
CA LEU F 119 -24.68 -5.14 13.42
C LEU F 119 -24.50 -6.49 14.10
N LYS F 120 -23.84 -7.43 13.42
CA LYS F 120 -23.58 -8.74 14.00
C LYS F 120 -22.80 -8.61 15.31
N GLU F 121 -21.68 -7.89 15.28
CA GLU F 121 -20.82 -7.80 16.47
C GLU F 121 -21.55 -7.10 17.61
N ILE F 122 -22.36 -6.09 17.30
CA ILE F 122 -23.09 -5.37 18.33
C ILE F 122 -24.15 -6.26 18.97
N CYS F 123 -24.95 -6.94 18.14
CA CYS F 123 -26.01 -7.80 18.67
C CYS F 123 -25.45 -8.93 19.51
N GLY F 124 -24.24 -9.41 19.19
CA GLY F 124 -23.63 -10.45 19.98
C GLY F 124 -23.18 -9.96 21.35
N GLU F 125 -22.53 -8.79 21.38
CA GLU F 125 -21.93 -8.31 22.62
C GLU F 125 -22.97 -7.70 23.56
N LEU F 126 -23.94 -6.96 23.03
CA LEU F 126 -24.88 -6.25 23.89
C LEU F 126 -26.11 -7.08 24.23
N LEU F 127 -26.50 -8.02 23.37
CA LEU F 127 -27.73 -8.75 23.57
C LEU F 127 -27.55 -10.26 23.61
N ASN F 128 -26.38 -10.77 23.24
CA ASN F 128 -26.14 -12.21 23.10
C ASN F 128 -27.05 -12.80 22.03
N VAL F 129 -27.33 -12.02 21.00
CA VAL F 129 -28.22 -12.40 19.91
C VAL F 129 -27.37 -12.63 18.67
N ASN F 130 -27.63 -13.72 17.97
CA ASN F 130 -26.81 -14.14 16.84
C ASN F 130 -27.51 -13.75 15.53
N ILE F 131 -27.00 -12.70 14.90
CA ILE F 131 -27.42 -12.32 13.55
C ILE F 131 -26.67 -13.20 12.56
N SER F 132 -27.38 -13.74 11.58
CA SER F 132 -26.73 -14.37 10.44
C SER F 132 -26.75 -13.42 9.25
N LYS F 133 -25.62 -13.35 8.54
CA LYS F 133 -25.49 -12.47 7.38
C LYS F 133 -25.59 -13.22 6.05
N GLN F 134 -26.08 -14.45 6.05
CA GLN F 134 -25.99 -15.28 4.85
C GLN F 134 -26.90 -14.78 3.74
N GLN F 135 -28.08 -14.27 4.07
CA GLN F 135 -29.02 -13.82 3.05
C GLN F 135 -28.74 -12.39 2.58
N GLN F 136 -27.65 -11.78 3.04
CA GLN F 136 -27.33 -10.42 2.62
C GLN F 136 -27.03 -10.36 1.13
N SER F 137 -26.21 -11.29 0.64
CA SER F 137 -25.97 -11.45 -0.80
C SER F 137 -26.97 -12.44 -1.34
N SER F 138 -28.12 -11.92 -1.78
CA SER F 138 -29.14 -12.71 -2.44
C SER F 138 -29.98 -11.76 -3.27
N ASP F 139 -30.89 -12.32 -4.06
CA ASP F 139 -31.70 -11.53 -5.00
C ASP F 139 -32.91 -11.00 -4.24
N TRP F 140 -32.80 -9.76 -3.77
CA TRP F 140 -33.86 -9.09 -3.03
C TRP F 140 -34.94 -8.53 -3.92
N ALA F 141 -34.74 -8.59 -5.24
CA ALA F 141 -35.77 -8.23 -6.21
C ALA F 141 -36.60 -9.43 -6.62
N ALA F 142 -36.26 -10.62 -6.15
CA ALA F 142 -37.04 -11.81 -6.47
C ALA F 142 -38.50 -11.58 -6.15
N GLU F 143 -39.37 -11.87 -7.13
CA GLU F 143 -40.80 -11.68 -6.94
C GLU F 143 -41.30 -12.32 -5.65
N THR F 144 -40.82 -13.51 -5.33
CA THR F 144 -41.16 -14.18 -4.08
C THR F 144 -39.92 -14.35 -3.23
N LEU F 145 -39.95 -13.83 -2.00
CA LEU F 145 -38.83 -13.94 -1.08
C LEU F 145 -38.89 -15.26 -0.34
N SER F 146 -37.72 -15.87 -0.16
CA SER F 146 -37.61 -17.09 0.61
C SER F 146 -37.86 -16.79 2.10
N ARG F 147 -38.28 -17.83 2.83
CA ARG F 147 -38.41 -17.70 4.28
C ARG F 147 -37.08 -17.25 4.89
N ALA F 148 -35.97 -17.79 4.39
CA ALA F 148 -34.65 -17.34 4.85
C ALA F 148 -34.50 -15.84 4.69
N GLN F 149 -34.86 -15.31 3.51
CA GLN F 149 -34.77 -13.89 3.23
C GLN F 149 -35.70 -13.08 4.14
N ILE F 150 -36.93 -13.55 4.31
CA ILE F 150 -37.89 -12.81 5.12
C ILE F 150 -37.41 -12.74 6.56
N GLU F 151 -36.76 -13.81 7.03
CA GLU F 151 -36.31 -13.83 8.41
C GLU F 151 -35.08 -12.96 8.59
N TYR F 152 -34.13 -13.04 7.67
CA TYR F 152 -33.00 -12.12 7.70
C TYR F 152 -33.49 -10.67 7.73
N ALA F 153 -34.42 -10.34 6.84
CA ALA F 153 -34.84 -8.95 6.71
C ALA F 153 -35.48 -8.47 8.00
N ALA F 154 -36.27 -9.33 8.65
CA ALA F 154 -36.91 -8.93 9.89
C ALA F 154 -35.92 -8.88 11.06
N SER F 155 -34.93 -9.78 11.09
CA SER F 155 -33.95 -9.76 12.17
C SER F 155 -33.09 -8.49 12.16
N ASP F 156 -32.98 -7.80 11.03
CA ASP F 156 -32.25 -6.54 11.02
C ASP F 156 -33.02 -5.39 11.65
N VAL F 157 -34.32 -5.53 11.94
CA VAL F 157 -35.05 -4.48 12.67
C VAL F 157 -35.51 -4.91 14.04
N LEU F 158 -35.47 -6.21 14.35
CA LEU F 158 -36.11 -6.71 15.56
C LEU F 158 -35.41 -6.24 16.83
N TYR F 159 -34.12 -5.93 16.76
CA TYR F 159 -33.35 -5.62 17.96
C TYR F 159 -32.91 -4.18 18.08
N LEU F 160 -33.16 -3.35 17.05
CA LEU F 160 -32.64 -1.98 17.07
C LEU F 160 -33.18 -1.17 18.25
N HIS F 161 -34.40 -1.47 18.71
CA HIS F 161 -34.92 -0.77 19.88
C HIS F 161 -34.09 -1.07 21.12
N ARG F 162 -33.77 -2.35 21.30
CA ARG F 162 -32.98 -2.76 22.45
C ARG F 162 -31.55 -2.23 22.37
N LEU F 163 -30.95 -2.25 21.17
CA LEU F 163 -29.63 -1.63 21.01
C LEU F 163 -29.68 -0.14 21.36
N LYS F 164 -30.71 0.56 20.90
CA LYS F 164 -30.80 2.00 21.16
C LYS F 164 -30.78 2.28 22.66
N ASP F 165 -31.61 1.58 23.42
CA ASP F 165 -31.69 1.81 24.86
C ASP F 165 -30.33 1.63 25.53
N ILE F 166 -29.64 0.54 25.21
CA ILE F 166 -28.32 0.33 25.78
C ILE F 166 -27.38 1.48 25.41
N PHE F 167 -27.34 1.84 24.11
CA PHE F 167 -26.44 2.92 23.69
C PHE F 167 -26.80 4.24 24.36
N GLU F 168 -28.08 4.50 24.59
CA GLU F 168 -28.45 5.72 25.31
C GLU F 168 -27.88 5.73 26.72
N GLU F 169 -27.85 4.57 27.37
CA GLU F 169 -27.27 4.49 28.71
C GLU F 169 -25.76 4.75 28.68
N ARG F 170 -25.05 4.21 27.67
CA ARG F 170 -23.61 4.47 27.55
C ARG F 170 -23.31 5.92 27.21
N LEU F 171 -24.07 6.50 26.27
CA LEU F 171 -23.86 7.92 25.92
C LEU F 171 -24.07 8.80 27.14
N LYS F 172 -24.99 8.43 28.01
CA LYS F 172 -25.23 9.17 29.24
C LYS F 172 -24.09 8.98 30.22
N ARG F 173 -23.62 7.73 30.37
CA ARG F 173 -22.54 7.43 31.30
C ARG F 173 -21.26 8.17 30.92
N GLU F 174 -20.93 8.21 29.63
CA GLU F 174 -19.72 8.86 29.16
C GLU F 174 -19.93 10.32 28.76
N GLU F 175 -21.15 10.86 28.95
CA GLU F 175 -21.45 12.29 28.74
C GLU F 175 -21.25 12.69 27.27
N ARG F 176 -21.72 11.87 26.36
CA ARG F 176 -21.56 12.15 24.93
C ARG F 176 -22.92 12.34 24.25
N GLU F 177 -23.94 12.66 25.04
CA GLU F 177 -25.30 12.75 24.49
C GLU F 177 -25.41 13.84 23.45
N SER F 178 -24.87 15.02 23.73
CA SER F 178 -24.96 16.11 22.77
C SER F 178 -24.06 15.87 21.55
N VAL F 179 -22.99 15.08 21.70
CA VAL F 179 -22.19 14.66 20.55
C VAL F 179 -23.04 13.79 19.63
N ALA F 180 -23.65 12.73 20.18
CA ALA F 180 -24.44 11.84 19.34
C ALA F 180 -25.58 12.59 18.66
N LYS F 181 -26.27 13.47 19.40
CA LYS F 181 -27.38 14.23 18.82
C LYS F 181 -26.92 15.03 17.60
N ALA F 182 -25.79 15.74 17.72
CA ALA F 182 -25.33 16.54 16.57
C ALA F 182 -24.99 15.65 15.38
N CYS F 183 -24.45 14.44 15.62
CA CYS F 183 -24.17 13.56 14.48
C CYS F 183 -25.44 13.07 13.83
N PHE F 184 -26.46 12.76 14.64
CA PHE F 184 -27.74 12.33 14.07
C PHE F 184 -28.40 13.45 13.26
N GLN F 185 -28.21 14.70 13.70
CA GLN F 185 -28.78 15.84 12.98
CA GLN F 185 -28.78 15.84 12.98
C GLN F 185 -28.12 16.03 11.62
N PHE F 186 -26.83 15.78 11.52
CA PHE F 186 -26.15 15.94 10.24
C PHE F 186 -26.34 14.75 9.32
N LEU F 187 -26.62 13.57 9.88
CA LEU F 187 -26.71 12.35 9.08
C LEU F 187 -27.61 12.47 7.85
N PRO F 188 -28.81 13.06 7.91
CA PRO F 188 -29.56 13.27 6.66
C PRO F 188 -28.78 14.04 5.60
N MET F 189 -28.02 15.05 5.99
CA MET F 189 -27.21 15.79 5.02
C MET F 189 -26.03 14.96 4.54
N ARG F 190 -25.45 14.14 5.43
CA ARG F 190 -24.44 13.17 4.98
C ARG F 190 -25.03 12.23 3.92
N ALA F 191 -26.29 11.83 4.08
CA ALA F 191 -26.93 11.00 3.06
C ALA F 191 -27.21 11.79 1.79
N ASN F 192 -27.68 13.03 1.93
CA ASN F 192 -27.88 13.89 0.75
CA ASN F 192 -27.89 13.86 0.75
C ASN F 192 -26.57 14.08 0.00
N LEU F 193 -25.48 14.32 0.73
CA LEU F 193 -24.17 14.48 0.11
C LEU F 193 -23.81 13.25 -0.72
N ASP F 194 -24.18 12.06 -0.23
CA ASP F 194 -23.91 10.83 -0.98
C ASP F 194 -24.71 10.80 -2.27
N LEU F 195 -25.96 11.26 -2.24
CA LEU F 195 -26.78 11.23 -3.46
C LEU F 195 -26.26 12.24 -4.48
N LEU F 196 -25.81 13.40 -4.02
CA LEU F 196 -25.34 14.46 -4.90
C LEU F 196 -23.99 14.20 -5.55
N GLY F 197 -23.25 13.18 -5.08
CA GLY F 197 -21.99 12.81 -5.70
C GLY F 197 -20.75 12.86 -4.83
N TRP F 198 -20.91 13.04 -3.52
CA TRP F 198 -19.78 13.10 -2.62
C TRP F 198 -19.67 11.85 -1.74
N SER F 199 -20.19 10.72 -2.22
CA SER F 199 -20.22 9.51 -1.39
C SER F 199 -18.82 8.98 -1.07
N GLU F 200 -17.81 9.31 -1.87
CA GLU F 200 -16.45 8.87 -1.61
C GLU F 200 -15.62 9.89 -0.87
N ILE F 201 -16.22 10.99 -0.43
CA ILE F 201 -15.49 12.11 0.15
C ILE F 201 -15.93 12.25 1.60
N ASP F 202 -14.99 12.15 2.52
CA ASP F 202 -15.22 12.73 3.85
C ASP F 202 -15.11 14.24 3.70
N ILE F 203 -16.27 14.93 3.78
CA ILE F 203 -16.30 16.36 3.47
C ILE F 203 -15.52 17.18 4.49
N PHE F 204 -15.24 16.63 5.67
CA PHE F 204 -14.52 17.36 6.72
C PHE F 204 -13.03 17.02 6.78
N ALA F 205 -12.54 16.13 5.94
CA ALA F 205 -11.13 15.77 5.97
C ALA F 205 -10.29 16.91 5.41
N HIS F 206 -9.03 16.99 5.89
CA HIS F 206 -8.08 17.95 5.33
C HIS F 206 -7.79 17.66 3.87
N SER F 207 -7.62 16.39 3.53
CA SER F 207 -7.51 15.99 2.13
C SER F 207 -8.04 14.59 1.99
N GLU G 4 11.85 -44.30 12.82
CA GLU G 4 13.08 -44.41 13.60
C GLU G 4 14.02 -43.20 13.38
N ILE G 5 14.35 -42.50 14.47
CA ILE G 5 15.08 -41.24 14.42
C ILE G 5 16.28 -41.32 15.36
N ARG G 6 17.48 -41.23 14.81
CA ARG G 6 18.70 -41.23 15.61
C ARG G 6 19.10 -39.81 15.97
N VAL G 7 19.27 -39.56 17.27
CA VAL G 7 19.61 -38.24 17.78
C VAL G 7 21.06 -38.25 18.23
N HIS G 8 21.85 -37.28 17.77
CA HIS G 8 23.27 -37.19 18.10
C HIS G 8 23.59 -35.83 18.68
N GLN G 9 24.76 -35.74 19.32
CA GLN G 9 25.29 -34.48 19.84
C GLN G 9 26.52 -34.09 19.04
N GLY G 10 26.49 -32.92 18.42
CA GLY G 10 27.63 -32.35 17.74
C GLY G 10 27.89 -32.81 16.32
N ASP G 11 27.77 -34.10 16.04
CA ASP G 11 28.18 -34.60 14.73
C ASP G 11 27.63 -36.01 14.55
N LEU G 12 27.56 -36.44 13.29
CA LEU G 12 27.40 -37.85 13.00
C LEU G 12 28.56 -38.62 13.62
N PRO G 13 28.30 -39.81 14.17
CA PRO G 13 29.43 -40.62 14.64
C PRO G 13 30.29 -41.12 13.49
N ASN G 14 29.67 -41.43 12.35
CA ASN G 14 30.37 -41.87 11.15
C ASN G 14 29.42 -41.70 9.98
N LEU G 15 29.90 -42.02 8.78
CA LEU G 15 29.14 -41.84 7.55
C LEU G 15 28.58 -43.15 7.01
N ASP G 16 28.36 -44.14 7.88
CA ASP G 16 27.96 -45.46 7.38
C ASP G 16 26.61 -45.42 6.68
N ASN G 17 25.68 -44.61 7.15
CA ASN G 17 24.38 -44.55 6.50
C ASN G 17 24.35 -43.63 5.29
N TYR G 18 25.46 -43.00 4.94
CA TYR G 18 25.49 -41.95 3.94
C TYR G 18 26.53 -42.23 2.86
N ARG G 19 26.69 -43.50 2.51
CA ARG G 19 27.44 -43.89 1.32
C ARG G 19 26.47 -43.97 0.15
N ILE G 20 25.99 -42.79 -0.26
CA ILE G 20 24.88 -42.67 -1.19
C ILE G 20 25.16 -41.51 -2.14
N ASP G 21 24.22 -41.28 -3.07
CA ASP G 21 24.36 -40.27 -4.10
C ASP G 21 23.69 -38.94 -3.75
N ALA G 22 22.70 -38.98 -2.85
CA ALA G 22 21.91 -37.80 -2.53
C ALA G 22 21.41 -37.92 -1.10
N VAL G 23 21.71 -36.90 -0.28
CA VAL G 23 21.25 -36.85 1.10
C VAL G 23 20.27 -35.68 1.27
N ALA G 24 19.20 -35.92 2.02
CA ALA G 24 18.26 -34.87 2.39
C ALA G 24 18.77 -34.13 3.62
N VAL G 25 18.73 -32.81 3.57
CA VAL G 25 19.35 -31.96 4.58
C VAL G 25 18.35 -30.90 5.03
N ASP G 26 18.35 -30.61 6.33
CA ASP G 26 17.55 -29.52 6.87
C ASP G 26 18.20 -29.01 8.16
N THR G 27 17.80 -27.82 8.57
CA THR G 27 18.36 -27.20 9.77
C THR G 27 17.24 -26.58 10.59
N GLU G 28 17.49 -26.48 11.88
CA GLU G 28 16.66 -25.67 12.77
C GLU G 28 17.57 -24.67 13.45
N THR G 29 17.02 -23.49 13.72
CA THR G 29 17.78 -22.35 14.21
C THR G 29 16.90 -21.56 15.15
N LEU G 30 17.50 -20.59 15.82
CA LEU G 30 16.77 -19.62 16.63
C LEU G 30 16.15 -18.48 15.82
N GLY G 31 16.18 -18.56 14.49
CA GLY G 31 15.53 -17.54 13.67
C GLY G 31 16.12 -17.45 12.27
N LEU G 32 15.67 -16.44 11.54
CA LEU G 32 15.99 -16.30 10.13
C LEU G 32 17.24 -15.48 9.84
N GLN G 33 17.93 -14.95 10.86
CA GLN G 33 19.10 -14.12 10.61
C GLN G 33 20.37 -14.83 11.03
N PRO G 34 21.12 -15.43 10.09
CA PRO G 34 22.28 -16.26 10.46
C PRO G 34 23.32 -15.55 11.32
N HIS G 35 23.43 -14.23 11.26
CA HIS G 35 24.41 -13.54 12.08
C HIS G 35 23.96 -13.37 13.53
N ARG G 36 22.66 -13.42 13.80
CA ARG G 36 22.12 -13.37 15.17
C ARG G 36 21.67 -14.75 15.68
N ASP G 37 21.09 -15.58 14.81
CA ASP G 37 20.34 -16.77 15.21
C ASP G 37 21.16 -18.02 14.89
N ARG G 38 21.67 -18.66 15.93
CA ARG G 38 22.63 -19.73 15.75
C ARG G 38 21.98 -20.99 15.17
N LEU G 39 22.79 -21.76 14.46
CA LEU G 39 22.37 -23.09 14.06
C LEU G 39 22.17 -23.95 15.31
N CYS G 40 21.04 -24.68 15.37
CA CYS G 40 20.72 -25.52 16.53
C CYS G 40 20.62 -27.00 16.22
N VAL G 41 20.02 -27.36 15.10
CA VAL G 41 19.82 -28.74 14.74
C VAL G 41 20.19 -28.88 13.27
N VAL G 42 20.79 -30.01 12.91
CA VAL G 42 20.92 -30.39 11.50
C VAL G 42 20.28 -31.76 11.35
N GLN G 43 19.41 -31.89 10.35
CA GLN G 43 18.73 -33.14 10.06
C GLN G 43 19.19 -33.69 8.73
N LEU G 44 19.44 -35.00 8.70
CA LEU G 44 19.84 -35.72 7.50
C LEU G 44 18.95 -36.94 7.33
N SER G 45 18.71 -37.30 6.07
CA SER G 45 18.02 -38.53 5.76
C SER G 45 18.55 -39.07 4.44
N SER G 46 18.78 -40.38 4.41
CA SER G 46 19.23 -41.10 3.23
C SER G 46 18.09 -41.50 2.30
N GLY G 47 16.85 -41.21 2.66
CA GLY G 47 15.71 -41.64 1.89
C GLY G 47 15.15 -42.99 2.29
N ASP G 48 15.73 -43.65 3.30
CA ASP G 48 15.30 -44.99 3.69
C ASP G 48 14.23 -44.98 4.79
N GLY G 49 13.54 -43.86 5.00
CA GLY G 49 12.56 -43.78 6.07
C GLY G 49 13.15 -43.47 7.43
N THR G 50 14.46 -43.45 7.58
CA THR G 50 15.07 -43.04 8.83
C THR G 50 15.67 -41.65 8.69
N ALA G 51 16.09 -41.09 9.83
CA ALA G 51 16.60 -39.74 9.89
C ALA G 51 17.63 -39.64 11.00
N ASP G 52 18.60 -38.75 10.82
CA ASP G 52 19.56 -38.39 11.85
C ASP G 52 19.33 -36.94 12.23
N VAL G 53 19.13 -36.70 13.52
CA VAL G 53 18.91 -35.37 14.05
C VAL G 53 20.10 -35.01 14.93
N ILE G 54 20.88 -34.00 14.51
CA ILE G 54 22.13 -33.63 15.17
C ILE G 54 21.94 -32.29 15.87
N GLN G 55 22.16 -32.27 17.19
CA GLN G 55 22.07 -31.05 17.98
C GLN G 55 23.42 -30.34 17.98
N ILE G 56 23.42 -29.08 17.58
CA ILE G 56 24.62 -28.27 17.47
C ILE G 56 24.67 -27.35 18.68
N ALA G 57 25.79 -27.33 19.37
CA ALA G 57 25.88 -26.53 20.58
C ALA G 57 26.23 -25.08 20.25
N LYS G 58 25.86 -24.19 21.16
CA LYS G 58 26.25 -22.80 21.06
C LYS G 58 27.76 -22.70 20.92
N GLY G 59 28.20 -21.94 19.93
CA GLY G 59 29.62 -21.71 19.68
C GLY G 59 30.36 -22.82 18.94
N GLN G 60 29.72 -23.98 18.70
CA GLN G 60 30.36 -25.06 17.96
C GLN G 60 30.82 -24.59 16.59
N LYS G 61 32.08 -24.87 16.25
CA LYS G 61 32.67 -24.41 14.99
C LYS G 61 33.01 -25.55 14.03
N SER G 62 32.93 -26.81 14.45
CA SER G 62 33.22 -27.91 13.55
C SER G 62 32.20 -29.03 13.77
N ALA G 63 32.04 -29.83 12.73
CA ALA G 63 31.27 -31.08 12.74
C ALA G 63 31.80 -31.94 11.61
N PRO G 64 32.95 -32.59 11.81
CA PRO G 64 33.75 -33.08 10.66
C PRO G 64 33.03 -34.06 9.75
N ASN G 65 32.26 -35.01 10.31
CA ASN G 65 31.57 -35.98 9.47
C ASN G 65 30.49 -35.32 8.63
N LEU G 66 29.66 -34.48 9.25
CA LEU G 66 28.64 -33.74 8.52
C LEU G 66 29.27 -32.87 7.44
N VAL G 67 30.32 -32.12 7.80
CA VAL G 67 30.97 -31.23 6.85
C VAL G 67 31.54 -32.01 5.67
N ARG G 68 32.00 -33.25 5.89
CA ARG G 68 32.50 -34.10 4.81
C ARG G 68 31.40 -34.43 3.80
N LEU G 69 30.20 -34.74 4.27
CA LEU G 69 29.04 -34.92 3.37
C LEU G 69 28.77 -33.64 2.58
N LEU G 70 28.76 -32.49 3.27
CA LEU G 70 28.41 -31.23 2.62
C LEU G 70 29.44 -30.85 1.57
N SER G 71 30.68 -31.31 1.73
CA SER G 71 31.76 -30.97 0.82
C SER G 71 31.91 -31.96 -0.33
N ASP G 72 31.23 -33.10 -0.28
CA ASP G 72 31.43 -34.17 -1.26
C ASP G 72 30.70 -33.83 -2.56
N ARG G 73 31.47 -33.55 -3.62
CA ARG G 73 30.83 -33.20 -4.89
CA ARG G 73 30.85 -33.20 -4.91
C ARG G 73 30.05 -34.36 -5.48
N ASP G 74 30.31 -35.58 -5.05
CA ASP G 74 29.59 -36.73 -5.58
C ASP G 74 28.24 -36.95 -4.90
N ILE G 75 27.96 -36.25 -3.80
CA ILE G 75 26.69 -36.39 -3.08
C ILE G 75 25.88 -35.12 -3.30
N THR G 76 24.72 -35.26 -3.93
CA THR G 76 23.79 -34.15 -4.09
C THR G 76 23.07 -33.89 -2.77
N LYS G 77 23.12 -32.66 -2.27
CA LYS G 77 22.38 -32.28 -1.07
C LYS G 77 21.01 -31.74 -1.49
N ILE G 78 19.95 -32.38 -1.00
CA ILE G 78 18.58 -31.99 -1.29
C ILE G 78 18.05 -31.12 -0.17
N PHE G 79 17.41 -30.01 -0.52
CA PHE G 79 16.86 -29.08 0.45
C PHE G 79 15.48 -28.65 -0.03
N HIS G 80 14.67 -28.21 0.92
CA HIS G 80 13.53 -27.35 0.61
C HIS G 80 13.85 -25.94 1.08
N PHE G 81 13.89 -25.01 0.13
CA PHE G 81 14.41 -23.64 0.30
C PHE G 81 15.84 -23.67 0.84
N GLY G 82 16.72 -24.27 0.04
CA GLY G 82 18.12 -24.39 0.42
C GLY G 82 18.82 -23.06 0.59
N ARG G 83 18.30 -21.99 -0.01
CA ARG G 83 18.88 -20.66 0.15
C ARG G 83 19.12 -20.32 1.61
N PHE G 84 18.17 -20.67 2.48
CA PHE G 84 18.37 -20.43 3.90
C PHE G 84 19.36 -21.42 4.51
N ASP G 85 19.15 -22.72 4.28
CA ASP G 85 20.00 -23.73 4.91
C ASP G 85 21.48 -23.56 4.50
N LEU G 86 21.73 -23.33 3.21
CA LEU G 86 23.09 -23.11 2.75
C LEU G 86 23.75 -21.92 3.45
N ALA G 87 22.99 -20.85 3.65
CA ALA G 87 23.54 -19.69 4.35
C ALA G 87 23.97 -20.04 5.76
N ILE G 88 23.06 -20.67 6.54
CA ILE G 88 23.38 -20.91 7.94
C ILE G 88 24.45 -22.01 8.07
N LEU G 89 24.47 -22.99 7.17
CA LEU G 89 25.52 -24.00 7.26
C LEU G 89 26.88 -23.41 6.93
N ALA G 90 26.95 -22.59 5.88
CA ALA G 90 28.24 -22.01 5.49
C ALA G 90 28.74 -21.04 6.55
N HIS G 91 27.82 -20.30 7.16
CA HIS G 91 28.19 -19.35 8.19
C HIS G 91 28.74 -20.06 9.41
N THR G 92 28.18 -21.21 9.75
CA THR G 92 28.54 -21.92 10.97
C THR G 92 29.81 -22.76 10.81
N PHE G 93 29.94 -23.47 9.68
CA PHE G 93 31.04 -24.41 9.55
C PHE G 93 32.09 -24.01 8.54
N GLY G 94 31.84 -22.96 7.75
CA GLY G 94 32.83 -22.45 6.83
C GLY G 94 32.87 -23.12 5.49
N VAL G 95 31.96 -24.05 5.22
CA VAL G 95 31.92 -24.77 3.95
C VAL G 95 30.57 -24.49 3.30
N MET G 96 30.60 -24.02 2.06
CA MET G 96 29.39 -23.81 1.27
C MET G 96 29.22 -24.99 0.33
N PRO G 97 28.21 -25.85 0.52
CA PRO G 97 27.99 -26.96 -0.41
C PRO G 97 27.68 -26.46 -1.81
N ASP G 98 28.11 -27.21 -2.82
CA ASP G 98 27.99 -26.76 -4.19
C ASP G 98 27.28 -27.74 -5.12
N VAL G 99 26.86 -28.90 -4.64
CA VAL G 99 26.04 -29.82 -5.44
C VAL G 99 24.73 -29.97 -4.69
N VAL G 100 23.69 -29.28 -5.18
CA VAL G 100 22.45 -29.14 -4.44
C VAL G 100 21.25 -29.29 -5.36
N PHE G 101 20.11 -29.60 -4.75
CA PHE G 101 18.81 -29.64 -5.39
C PHE G 101 17.85 -28.96 -4.43
N CYS G 102 16.99 -28.08 -4.93
CA CYS G 102 16.04 -27.36 -4.10
C CYS G 102 14.62 -27.65 -4.57
N THR G 103 13.80 -28.22 -3.67
CA THR G 103 12.44 -28.56 -4.01
C THR G 103 11.54 -27.34 -4.12
N LYS G 104 11.90 -26.23 -3.47
CA LYS G 104 11.11 -25.01 -3.67
C LYS G 104 11.33 -24.41 -5.06
N ILE G 105 12.60 -24.26 -5.46
CA ILE G 105 12.88 -23.80 -6.83
C ILE G 105 12.22 -24.73 -7.86
N ALA G 106 12.33 -26.05 -7.67
CA ALA G 106 11.73 -26.99 -8.62
C ALA G 106 10.22 -26.84 -8.66
N SER G 107 9.59 -26.70 -7.49
CA SER G 107 8.15 -26.43 -7.47
C SER G 107 7.81 -25.16 -8.22
N LYS G 108 8.59 -24.09 -8.03
CA LYS G 108 8.40 -22.86 -8.79
C LYS G 108 8.63 -23.03 -10.30
N LEU G 109 9.36 -24.08 -10.72
CA LEU G 109 9.57 -24.34 -12.13
C LEU G 109 8.62 -25.39 -12.72
N THR G 110 7.86 -26.09 -11.90
CA THR G 110 6.97 -27.14 -12.40
C THR G 110 5.53 -26.92 -12.00
N ARG G 111 5.26 -26.54 -10.74
CA ARG G 111 3.89 -26.37 -10.25
C ARG G 111 3.44 -24.94 -10.58
N THR G 112 3.36 -24.67 -11.88
CA THR G 112 2.91 -23.39 -12.41
C THR G 112 1.41 -23.21 -12.32
N TYR G 113 0.67 -24.22 -11.88
CA TYR G 113 -0.77 -24.13 -11.70
C TYR G 113 -1.14 -23.66 -10.30
N THR G 114 -0.16 -23.21 -9.52
CA THR G 114 -0.42 -22.70 -8.19
C THR G 114 0.61 -21.64 -7.83
N ASP G 115 0.34 -20.95 -6.73
CA ASP G 115 1.21 -19.96 -6.16
C ASP G 115 1.67 -20.36 -4.76
N ARG G 116 1.31 -21.56 -4.31
CA ARG G 116 1.72 -22.10 -3.02
C ARG G 116 2.87 -23.08 -3.24
N HIS G 117 4.03 -22.78 -2.65
CA HIS G 117 5.20 -23.64 -2.82
C HIS G 117 5.84 -23.98 -1.49
N GLY G 118 5.06 -23.94 -0.39
CA GLY G 118 5.56 -24.39 0.88
C GLY G 118 5.65 -25.91 0.97
N LEU G 119 6.53 -26.37 1.87
CA LEU G 119 6.79 -27.79 2.01
C LEU G 119 5.53 -28.56 2.37
N LYS G 120 4.72 -28.00 3.27
CA LYS G 120 3.46 -28.63 3.67
C LYS G 120 2.53 -28.77 2.47
N GLU G 121 2.36 -27.70 1.70
CA GLU G 121 1.46 -27.75 0.56
CA GLU G 121 1.46 -27.75 0.55
C GLU G 121 1.97 -28.72 -0.50
N ILE G 122 3.30 -28.78 -0.70
CA ILE G 122 3.85 -29.68 -1.70
C ILE G 122 3.73 -31.14 -1.25
N CYS G 123 4.01 -31.41 0.02
CA CYS G 123 3.87 -32.78 0.53
C CYS G 123 2.43 -33.27 0.45
N GLY G 124 1.47 -32.37 0.67
CA GLY G 124 0.07 -32.76 0.61
C GLY G 124 -0.38 -33.15 -0.78
N GLU G 125 0.05 -32.40 -1.80
CA GLU G 125 -0.44 -32.64 -3.15
C GLU G 125 0.31 -33.78 -3.84
N LEU G 126 1.62 -33.88 -3.67
CA LEU G 126 2.41 -34.82 -4.46
C LEU G 126 2.56 -36.18 -3.78
N LEU G 127 2.60 -36.20 -2.46
CA LEU G 127 2.76 -37.43 -1.71
C LEU G 127 1.55 -37.79 -0.87
N ASN G 128 0.60 -36.87 -0.70
CA ASN G 128 -0.50 -37.04 0.24
C ASN G 128 0.00 -37.34 1.65
N VAL G 129 1.13 -36.71 2.01
CA VAL G 129 1.67 -36.75 3.36
C VAL G 129 1.33 -35.44 4.05
N ASN G 130 0.90 -35.51 5.30
CA ASN G 130 0.50 -34.33 6.04
C ASN G 130 1.62 -33.91 7.00
N ILE G 131 2.16 -32.72 6.78
CA ILE G 131 3.23 -32.14 7.60
C ILE G 131 2.60 -31.15 8.57
N SER G 132 3.04 -31.18 9.82
CA SER G 132 2.60 -30.21 10.81
C SER G 132 3.72 -29.19 11.02
N LYS G 133 3.37 -27.91 10.99
CA LYS G 133 4.34 -26.85 11.23
C LYS G 133 4.28 -26.34 12.68
N GLN G 134 3.67 -27.10 13.59
CA GLN G 134 3.41 -26.58 14.92
C GLN G 134 4.69 -26.38 15.73
N GLN G 135 5.66 -27.28 15.57
CA GLN G 135 6.91 -27.18 16.33
C GLN G 135 7.92 -26.21 15.71
N GLN G 136 7.63 -25.67 14.53
CA GLN G 136 8.55 -24.71 13.91
C GLN G 136 8.87 -23.56 14.86
N SER G 137 7.84 -22.93 15.40
CA SER G 137 8.03 -21.93 16.44
C SER G 137 8.19 -22.64 17.77
N SER G 138 9.45 -22.97 18.11
CA SER G 138 9.79 -23.57 19.39
C SER G 138 11.26 -23.28 19.69
N ASP G 139 11.66 -23.55 20.93
CA ASP G 139 13.02 -23.25 21.38
C ASP G 139 13.95 -24.37 20.92
N TRP G 140 14.46 -24.23 19.69
CA TRP G 140 15.39 -25.19 19.12
C TRP G 140 16.76 -25.18 19.79
N ALA G 141 17.06 -24.18 20.63
CA ALA G 141 18.30 -24.14 21.40
C ALA G 141 18.20 -24.90 22.72
N ALA G 142 17.07 -25.54 23.02
CA ALA G 142 16.92 -26.26 24.28
C ALA G 142 17.97 -27.36 24.37
N GLU G 143 18.51 -27.54 25.58
CA GLU G 143 19.45 -28.64 25.81
C GLU G 143 18.83 -29.97 25.42
N THR G 144 17.60 -30.23 25.85
CA THR G 144 16.88 -31.44 25.47
C THR G 144 15.69 -31.06 24.59
N LEU G 145 15.70 -31.55 23.36
CA LEU G 145 14.56 -31.33 22.48
C LEU G 145 13.42 -32.25 22.89
N SER G 146 12.20 -31.73 22.79
CA SER G 146 11.02 -32.54 23.08
C SER G 146 10.84 -33.61 21.99
N ARG G 147 9.96 -34.56 22.27
CA ARG G 147 9.68 -35.59 21.29
C ARG G 147 9.00 -35.01 20.07
N ALA G 148 8.05 -34.10 20.27
CA ALA G 148 7.42 -33.45 19.13
C ALA G 148 8.43 -32.65 18.30
N GLN G 149 9.44 -32.05 18.94
CA GLN G 149 10.46 -31.33 18.18
C GLN G 149 11.29 -32.29 17.34
N ILE G 150 11.71 -33.41 17.92
CA ILE G 150 12.52 -34.37 17.20
C ILE G 150 11.75 -34.92 16.01
N GLU G 151 10.48 -35.26 16.22
CA GLU G 151 9.67 -35.78 15.12
C GLU G 151 9.48 -34.73 14.04
N TYR G 152 9.25 -33.48 14.42
CA TYR G 152 9.09 -32.44 13.42
C TYR G 152 10.37 -32.26 12.62
N ALA G 153 11.51 -32.25 13.31
CA ALA G 153 12.79 -32.06 12.64
C ALA G 153 13.07 -33.21 11.66
N ALA G 154 12.72 -34.43 12.03
CA ALA G 154 12.95 -35.56 11.14
C ALA G 154 12.01 -35.51 9.93
N SER G 155 10.75 -35.13 10.14
CA SER G 155 9.78 -35.18 9.05
C SER G 155 10.14 -34.23 7.92
N ASP G 156 10.91 -33.17 8.20
CA ASP G 156 11.29 -32.23 7.15
C ASP G 156 12.39 -32.75 6.22
N VAL G 157 13.08 -33.84 6.56
CA VAL G 157 13.99 -34.51 5.63
C VAL G 157 13.45 -35.83 5.12
N LEU G 158 12.47 -36.43 5.80
CA LEU G 158 12.09 -37.80 5.47
C LEU G 158 11.52 -37.94 4.06
N TYR G 159 10.93 -36.88 3.50
CA TYR G 159 10.23 -36.99 2.22
C TYR G 159 10.90 -36.26 1.06
N LEU G 160 12.07 -35.64 1.27
CA LEU G 160 12.67 -34.85 0.20
C LEU G 160 13.12 -35.72 -0.97
N HIS G 161 13.58 -36.95 -0.72
CA HIS G 161 13.98 -37.83 -1.82
C HIS G 161 12.79 -38.12 -2.74
N ARG G 162 11.61 -38.31 -2.16
CA ARG G 162 10.45 -38.62 -2.98
C ARG G 162 9.96 -37.38 -3.70
N LEU G 163 10.05 -36.22 -3.06
CA LEU G 163 9.68 -34.99 -3.75
C LEU G 163 10.60 -34.74 -4.95
N LYS G 164 11.88 -35.07 -4.80
CA LYS G 164 12.84 -34.77 -5.86
C LYS G 164 12.60 -35.63 -7.10
N ASP G 165 12.24 -36.90 -6.90
CA ASP G 165 11.99 -37.78 -8.05
C ASP G 165 10.82 -37.29 -8.87
N ILE G 166 9.72 -36.91 -8.20
CA ILE G 166 8.56 -36.39 -8.91
C ILE G 166 8.91 -35.10 -9.65
N PHE G 167 9.68 -34.21 -9.00
CA PHE G 167 10.03 -32.95 -9.65
C PHE G 167 10.96 -33.18 -10.84
N GLU G 168 11.87 -34.15 -10.75
CA GLU G 168 12.72 -34.46 -11.90
C GLU G 168 11.89 -34.96 -13.08
N GLU G 169 10.85 -35.75 -12.81
CA GLU G 169 9.95 -36.18 -13.88
C GLU G 169 9.22 -35.00 -14.50
N ARG G 170 8.74 -34.06 -13.67
CA ARG G 170 8.09 -32.86 -14.18
C ARG G 170 9.07 -31.99 -14.97
N LEU G 171 10.29 -31.79 -14.45
CA LEU G 171 11.27 -30.98 -15.17
C LEU G 171 11.61 -31.59 -16.52
N LYS G 172 11.68 -32.91 -16.59
CA LYS G 172 11.93 -33.59 -17.85
C LYS G 172 10.73 -33.44 -18.79
N ARG G 173 9.52 -33.63 -18.25
CA ARG G 173 8.34 -33.57 -19.09
C ARG G 173 8.17 -32.20 -19.73
N GLU G 174 8.46 -31.14 -18.99
CA GLU G 174 8.32 -29.77 -19.47
C GLU G 174 9.61 -29.19 -20.03
N GLU G 175 10.69 -29.99 -20.09
CA GLU G 175 11.94 -29.62 -20.76
C GLU G 175 12.59 -28.42 -20.07
N ARG G 176 12.71 -28.51 -18.75
CA ARG G 176 13.26 -27.44 -17.94
C ARG G 176 14.45 -27.90 -17.11
N GLU G 177 15.01 -29.07 -17.44
CA GLU G 177 16.14 -29.62 -16.70
C GLU G 177 17.32 -28.65 -16.66
N SER G 178 17.67 -28.07 -17.82
CA SER G 178 18.81 -27.16 -17.86
C SER G 178 18.52 -25.86 -17.09
N VAL G 179 17.28 -25.36 -17.19
CA VAL G 179 16.87 -24.19 -16.40
C VAL G 179 17.04 -24.47 -14.91
N ALA G 180 16.54 -25.62 -14.43
CA ALA G 180 16.68 -25.94 -13.01
C ALA G 180 18.14 -26.12 -12.61
N LYS G 181 18.92 -26.79 -13.45
CA LYS G 181 20.33 -27.01 -13.12
C LYS G 181 21.06 -25.69 -12.94
N ALA G 182 20.76 -24.67 -13.76
CA ALA G 182 21.46 -23.41 -13.64
C ALA G 182 21.06 -22.67 -12.35
N CYS G 183 19.77 -22.73 -11.98
CA CYS G 183 19.36 -22.15 -10.69
C CYS G 183 20.05 -22.83 -9.50
N PHE G 184 20.19 -24.15 -9.54
CA PHE G 184 20.88 -24.83 -8.44
C PHE G 184 22.36 -24.44 -8.41
N GLN G 185 22.96 -24.23 -9.57
CA GLN G 185 24.36 -23.83 -9.63
CA GLN G 185 24.36 -23.84 -9.61
C GLN G 185 24.56 -22.47 -8.97
N PHE G 186 23.62 -21.55 -9.18
CA PHE G 186 23.76 -20.23 -8.60
C PHE G 186 23.40 -20.17 -7.11
N LEU G 187 22.54 -21.09 -6.63
CA LEU G 187 21.98 -21.03 -5.28
C LEU G 187 23.02 -20.85 -4.17
N PRO G 188 24.15 -21.55 -4.15
CA PRO G 188 25.19 -21.22 -3.16
C PRO G 188 25.64 -19.76 -3.21
N MET G 189 25.73 -19.18 -4.40
CA MET G 189 26.09 -17.76 -4.47
C MET G 189 24.94 -16.87 -4.01
N ARG G 190 23.70 -17.27 -4.31
CA ARG G 190 22.55 -16.53 -3.79
C ARG G 190 22.59 -16.50 -2.26
N ALA G 191 23.06 -17.59 -1.64
CA ALA G 191 23.11 -17.64 -0.19
C ALA G 191 24.32 -16.87 0.36
N ASN G 192 25.47 -16.96 -0.32
CA ASN G 192 26.60 -16.11 0.03
C ASN G 192 26.22 -14.64 -0.03
N LEU G 193 25.51 -14.23 -1.09
CA LEU G 193 25.03 -12.86 -1.21
C LEU G 193 24.23 -12.46 0.03
N ASP G 194 23.39 -13.36 0.53
CA ASP G 194 22.60 -13.07 1.73
C ASP G 194 23.49 -12.81 2.92
N LEU G 195 24.50 -13.68 3.13
CA LEU G 195 25.39 -13.52 4.28
C LEU G 195 26.24 -12.25 4.19
N LEU G 196 26.62 -11.83 2.97
CA LEU G 196 27.39 -10.61 2.75
C LEU G 196 26.55 -9.34 2.85
N GLY G 197 25.23 -9.45 2.93
CA GLY G 197 24.43 -8.28 3.18
C GLY G 197 23.42 -7.91 2.12
N TRP G 198 23.17 -8.79 1.15
CA TRP G 198 22.21 -8.52 0.09
C TRP G 198 20.95 -9.37 0.24
N SER G 199 20.62 -9.78 1.48
CA SER G 199 19.51 -10.71 1.66
C SER G 199 18.17 -10.09 1.32
N GLU G 200 18.06 -8.76 1.31
CA GLU G 200 16.82 -8.10 0.94
C GLU G 200 16.80 -7.65 -0.53
N ILE G 201 17.77 -8.04 -1.34
CA ILE G 201 17.92 -7.53 -2.69
C ILE G 201 17.82 -8.67 -3.69
N ASP G 202 16.87 -8.59 -4.61
CA ASP G 202 16.97 -9.38 -5.84
C ASP G 202 18.06 -8.76 -6.72
N ILE G 203 19.18 -9.47 -6.86
CA ILE G 203 20.35 -8.90 -7.50
C ILE G 203 20.13 -8.72 -9.00
N PHE G 204 19.16 -9.41 -9.57
CA PHE G 204 18.86 -9.30 -10.99
C PHE G 204 17.69 -8.39 -11.30
N ALA G 205 17.07 -7.77 -10.29
CA ALA G 205 15.95 -6.89 -10.60
C ALA G 205 16.42 -5.57 -11.19
N HIS G 206 15.56 -4.96 -12.00
CA HIS G 206 15.89 -3.64 -12.55
C HIS G 206 16.04 -2.62 -11.42
N SER G 207 15.20 -2.72 -10.40
CA SER G 207 15.31 -1.89 -9.21
C SER G 207 14.50 -2.54 -8.09
N GLU H 4 -22.77 -38.83 -15.30
CA GLU H 4 -22.17 -39.48 -16.46
C GLU H 4 -21.11 -38.60 -17.13
N ILE H 5 -19.91 -39.16 -17.35
CA ILE H 5 -18.78 -38.39 -17.86
C ILE H 5 -18.02 -39.21 -18.89
N ARG H 6 -18.01 -38.73 -20.14
CA ARG H 6 -17.29 -39.37 -21.23
C ARG H 6 -15.90 -38.76 -21.35
N VAL H 7 -14.87 -39.60 -21.27
CA VAL H 7 -13.47 -39.18 -21.33
C VAL H 7 -12.89 -39.58 -22.67
N HIS H 8 -12.32 -38.61 -23.39
CA HIS H 8 -11.81 -38.82 -24.74
C HIS H 8 -10.34 -38.43 -24.84
N GLN H 9 -9.69 -38.92 -25.88
CA GLN H 9 -8.28 -38.62 -26.15
C GLN H 9 -8.21 -37.72 -27.38
N GLY H 10 -7.69 -36.52 -27.19
CA GLY H 10 -7.51 -35.63 -28.32
C GLY H 10 -8.73 -34.89 -28.81
N ASP H 11 -9.83 -35.59 -29.06
CA ASP H 11 -10.97 -34.95 -29.67
C ASP H 11 -12.26 -35.67 -29.29
N LEU H 12 -13.38 -35.05 -29.62
CA LEU H 12 -14.65 -35.73 -29.57
C LEU H 12 -14.76 -36.75 -30.70
N PRO H 13 -15.40 -37.89 -30.48
CA PRO H 13 -15.60 -38.86 -31.58
C PRO H 13 -16.48 -38.31 -32.69
N ASN H 14 -17.50 -37.54 -32.33
CA ASN H 14 -18.42 -36.93 -33.29
C ASN H 14 -19.13 -35.78 -32.57
N LEU H 15 -19.99 -35.08 -33.31
CA LEU H 15 -20.78 -34.00 -32.72
C LEU H 15 -22.22 -34.40 -32.46
N ASP H 16 -22.48 -35.68 -32.19
CA ASP H 16 -23.86 -36.13 -32.08
C ASP H 16 -24.54 -35.56 -30.85
N ASN H 17 -23.80 -35.39 -29.76
CA ASN H 17 -24.39 -34.76 -28.58
C ASN H 17 -24.47 -33.25 -28.69
N TYR H 18 -23.94 -32.66 -29.76
CA TYR H 18 -23.80 -31.21 -29.83
C TYR H 18 -24.49 -30.61 -31.05
N ARG H 19 -25.71 -31.04 -31.30
CA ARG H 19 -26.58 -30.39 -32.28
C ARG H 19 -27.57 -29.48 -31.56
N ILE H 20 -27.03 -28.45 -30.92
CA ILE H 20 -27.76 -27.66 -29.94
C ILE H 20 -27.53 -26.18 -30.20
N ASP H 21 -28.18 -25.34 -29.39
CA ASP H 21 -28.05 -23.89 -29.48
C ASP H 21 -26.83 -23.39 -28.73
N ALA H 22 -26.55 -23.97 -27.56
CA ALA H 22 -25.48 -23.50 -26.71
C ALA H 22 -24.75 -24.69 -26.12
N VAL H 23 -23.42 -24.58 -26.03
CA VAL H 23 -22.58 -25.58 -25.39
C VAL H 23 -21.80 -24.91 -24.26
N ALA H 24 -21.75 -25.58 -23.11
CA ALA H 24 -20.92 -25.11 -22.01
C ALA H 24 -19.50 -25.63 -22.20
N VAL H 25 -18.53 -24.74 -22.07
CA VAL H 25 -17.15 -25.00 -22.43
C VAL H 25 -16.25 -24.67 -21.24
N ASP H 26 -15.18 -25.45 -21.09
CA ASP H 26 -14.21 -25.20 -20.04
C ASP H 26 -12.91 -25.92 -20.37
N THR H 27 -11.81 -25.45 -19.75
CA THR H 27 -10.49 -26.00 -20.00
C THR H 27 -9.73 -26.18 -18.69
N GLU H 28 -8.76 -27.09 -18.72
CA GLU H 28 -7.74 -27.25 -17.69
C GLU H 28 -6.37 -27.10 -18.34
N THR H 29 -5.43 -26.51 -17.60
CA THR H 29 -4.13 -26.16 -18.14
C THR H 29 -3.07 -26.41 -17.07
N LEU H 30 -1.82 -26.12 -17.41
CA LEU H 30 -0.73 -26.15 -16.43
C LEU H 30 -0.51 -24.80 -15.76
N GLY H 31 -1.38 -23.82 -16.01
CA GLY H 31 -1.23 -22.52 -15.38
C GLY H 31 -1.97 -21.45 -16.17
N LEU H 32 -1.73 -20.21 -15.77
CA LEU H 32 -2.50 -19.08 -16.27
C LEU H 32 -1.80 -18.33 -17.40
N GLN H 33 -0.66 -18.82 -17.86
CA GLN H 33 0.08 -18.18 -18.95
C GLN H 33 0.03 -19.05 -20.19
N PRO H 34 -0.80 -18.71 -21.18
CA PRO H 34 -0.98 -19.61 -22.33
C PRO H 34 0.27 -19.87 -23.15
N HIS H 35 1.25 -18.96 -23.14
CA HIS H 35 2.49 -19.16 -23.90
C HIS H 35 3.47 -20.10 -23.21
N ARG H 36 3.31 -20.34 -21.92
CA ARG H 36 4.09 -21.32 -21.17
C ARG H 36 3.31 -22.56 -20.80
N ASP H 37 2.03 -22.41 -20.44
CA ASP H 37 1.26 -23.44 -19.74
C ASP H 37 0.26 -24.08 -20.70
N ARG H 38 0.51 -25.33 -21.07
CA ARG H 38 -0.20 -25.91 -22.20
C ARG H 38 -1.64 -26.28 -21.86
N LEU H 39 -2.47 -26.32 -22.89
CA LEU H 39 -3.82 -26.83 -22.76
C LEU H 39 -3.78 -28.35 -22.54
N CYS H 40 -4.42 -28.81 -21.46
CA CYS H 40 -4.38 -30.21 -21.04
C CYS H 40 -5.72 -30.92 -21.16
N VAL H 41 -6.81 -30.25 -20.77
CA VAL H 41 -8.14 -30.80 -20.85
C VAL H 41 -9.08 -29.74 -21.43
N VAL H 42 -10.07 -30.18 -22.17
CA VAL H 42 -11.20 -29.35 -22.59
C VAL H 42 -12.47 -30.08 -22.17
N GLN H 43 -13.38 -29.36 -21.51
CA GLN H 43 -14.62 -29.99 -21.06
C GLN H 43 -15.81 -29.33 -21.72
N LEU H 44 -16.79 -30.15 -22.10
CA LEU H 44 -18.00 -29.68 -22.76
C LEU H 44 -19.23 -30.31 -22.12
N SER H 45 -20.31 -29.53 -22.03
CA SER H 45 -21.61 -30.08 -21.71
C SER H 45 -22.65 -29.52 -22.65
N SER H 46 -23.61 -30.37 -23.00
CA SER H 46 -24.79 -29.95 -23.76
C SER H 46 -25.90 -29.42 -22.88
N GLY H 47 -25.74 -29.49 -21.56
CA GLY H 47 -26.78 -29.09 -20.63
C GLY H 47 -27.68 -30.21 -20.19
N ASP H 48 -27.55 -31.41 -20.75
CA ASP H 48 -28.38 -32.55 -20.37
C ASP H 48 -27.88 -33.27 -19.12
N GLY H 49 -27.07 -32.61 -18.29
CA GLY H 49 -26.56 -33.24 -17.09
C GLY H 49 -25.42 -34.21 -17.29
N THR H 50 -24.86 -34.30 -18.50
CA THR H 50 -23.69 -35.11 -18.80
C THR H 50 -22.58 -34.21 -19.35
N ALA H 51 -21.39 -34.78 -19.55
CA ALA H 51 -20.22 -34.00 -19.91
C ALA H 51 -19.21 -34.85 -20.68
N ASP H 52 -18.43 -34.17 -21.51
CA ASP H 52 -17.32 -34.77 -22.23
C ASP H 52 -16.02 -34.12 -21.77
N VAL H 53 -15.08 -34.94 -21.32
CA VAL H 53 -13.78 -34.50 -20.85
C VAL H 53 -12.75 -34.97 -21.87
N ILE H 54 -12.04 -34.03 -22.49
CA ILE H 54 -11.17 -34.32 -23.62
C ILE H 54 -9.75 -34.02 -23.19
N GLN H 55 -8.97 -35.07 -22.93
CA GLN H 55 -7.55 -34.91 -22.66
C GLN H 55 -6.83 -34.46 -23.93
N ILE H 56 -6.05 -33.39 -23.81
CA ILE H 56 -5.32 -32.81 -24.92
C ILE H 56 -3.85 -33.17 -24.73
N ALA H 57 -3.21 -33.63 -25.79
CA ALA H 57 -1.83 -34.06 -25.68
C ALA H 57 -0.87 -32.88 -25.79
N LYS H 58 0.32 -33.05 -25.20
CA LYS H 58 1.39 -32.10 -25.40
C LYS H 58 1.77 -32.08 -26.87
N GLY H 59 1.82 -30.88 -27.44
CA GLY H 59 2.12 -30.74 -28.85
C GLY H 59 0.94 -30.87 -29.79
N GLN H 60 -0.26 -31.13 -29.27
CA GLN H 60 -1.41 -31.33 -30.13
C GLN H 60 -1.81 -30.02 -30.79
N LYS H 61 -1.91 -30.03 -32.12
CA LYS H 61 -2.19 -28.80 -32.87
C LYS H 61 -3.59 -28.77 -33.46
N SER H 62 -4.33 -29.87 -33.45
CA SER H 62 -5.66 -29.88 -34.04
C SER H 62 -6.57 -30.77 -33.20
N ALA H 63 -7.87 -30.48 -33.31
CA ALA H 63 -8.95 -31.22 -32.69
C ALA H 63 -10.19 -30.89 -33.51
N PRO H 64 -10.38 -31.56 -34.65
CA PRO H 64 -11.32 -31.05 -35.67
C PRO H 64 -12.76 -30.92 -35.21
N ASN H 65 -13.28 -31.88 -34.44
CA ASN H 65 -14.69 -31.81 -34.04
C ASN H 65 -14.90 -30.73 -33.01
N LEU H 66 -13.97 -30.59 -32.06
CA LEU H 66 -14.05 -29.51 -31.08
C LEU H 66 -13.97 -28.16 -31.77
N VAL H 67 -13.00 -28.00 -32.68
CA VAL H 67 -12.81 -26.71 -33.34
C VAL H 67 -14.04 -26.34 -34.17
N ARG H 68 -14.68 -27.35 -34.79
CA ARG H 68 -15.90 -27.07 -35.56
C ARG H 68 -17.00 -26.53 -34.66
N LEU H 69 -17.09 -27.04 -33.42
CA LEU H 69 -18.01 -26.45 -32.44
C LEU H 69 -17.64 -25.01 -32.13
N LEU H 70 -16.37 -24.77 -31.77
CA LEU H 70 -15.93 -23.42 -31.43
C LEU H 70 -16.13 -22.44 -32.59
N SER H 71 -16.10 -22.94 -33.83
CA SER H 71 -16.27 -22.07 -35.00
C SER H 71 -17.73 -21.76 -35.30
N ASP H 72 -18.65 -22.64 -34.90
CA ASP H 72 -20.05 -22.58 -35.31
C ASP H 72 -20.72 -21.29 -34.84
N ARG H 73 -20.89 -20.34 -35.76
CA ARG H 73 -21.59 -19.09 -35.44
C ARG H 73 -23.00 -19.32 -34.90
N ASP H 74 -23.61 -20.47 -35.18
CA ASP H 74 -24.97 -20.74 -34.74
C ASP H 74 -25.05 -21.30 -33.33
N ILE H 75 -23.93 -21.63 -32.72
CA ILE H 75 -23.88 -22.27 -31.42
C ILE H 75 -23.16 -21.32 -30.47
N THR H 76 -23.84 -20.91 -29.40
CA THR H 76 -23.25 -20.03 -28.41
C THR H 76 -22.36 -20.85 -27.46
N LYS H 77 -21.13 -20.38 -27.26
CA LYS H 77 -20.19 -21.01 -26.33
C LYS H 77 -20.30 -20.31 -24.98
N ILE H 78 -20.55 -21.09 -23.93
CA ILE H 78 -20.79 -20.54 -22.60
C ILE H 78 -19.58 -20.85 -21.74
N PHE H 79 -19.09 -19.84 -21.04
CA PHE H 79 -17.93 -19.97 -20.18
C PHE H 79 -18.24 -19.33 -18.84
N HIS H 80 -17.45 -19.70 -17.84
CA HIS H 80 -17.24 -18.86 -16.68
C HIS H 80 -15.84 -18.25 -16.79
N PHE H 81 -15.78 -16.93 -16.93
CA PHE H 81 -14.54 -16.20 -17.23
C PHE H 81 -13.90 -16.73 -18.51
N GLY H 82 -14.65 -16.56 -19.61
CA GLY H 82 -14.17 -16.97 -20.91
C GLY H 82 -12.96 -16.21 -21.39
N ARG H 83 -12.66 -15.06 -20.78
CA ARG H 83 -11.43 -14.35 -21.14
C ARG H 83 -10.23 -15.30 -21.14
N PHE H 84 -10.12 -16.15 -20.11
CA PHE H 84 -9.00 -17.08 -20.07
C PHE H 84 -9.17 -18.21 -21.08
N ASP H 85 -10.34 -18.87 -21.08
CA ASP H 85 -10.53 -20.05 -21.93
C ASP H 85 -10.39 -19.71 -23.41
N LEU H 86 -10.96 -18.59 -23.84
CA LEU H 86 -10.85 -18.17 -25.23
C LEU H 86 -9.38 -17.99 -25.64
N ALA H 87 -8.59 -17.41 -24.74
CA ALA H 87 -7.17 -17.20 -25.04
C ALA H 87 -6.46 -18.53 -25.29
N ILE H 88 -6.64 -19.50 -24.38
CA ILE H 88 -5.88 -20.74 -24.49
C ILE H 88 -6.43 -21.62 -25.61
N LEU H 89 -7.73 -21.54 -25.89
CA LEU H 89 -8.26 -22.28 -27.04
C LEU H 89 -7.74 -21.69 -28.35
N ALA H 90 -7.77 -20.37 -28.47
CA ALA H 90 -7.23 -19.73 -29.68
C ALA H 90 -5.74 -19.98 -29.84
N HIS H 91 -5.00 -19.94 -28.75
CA HIS H 91 -3.56 -20.09 -28.86
C HIS H 91 -3.16 -21.52 -29.20
N THR H 92 -3.97 -22.50 -28.79
CA THR H 92 -3.68 -23.90 -29.05
C THR H 92 -4.16 -24.35 -30.42
N PHE H 93 -5.36 -23.96 -30.83
CA PHE H 93 -5.99 -24.48 -32.04
C PHE H 93 -6.13 -23.45 -33.15
N GLY H 94 -5.77 -22.19 -32.91
CA GLY H 94 -5.78 -21.16 -33.93
C GLY H 94 -7.13 -20.54 -34.25
N VAL H 95 -8.18 -20.90 -33.53
CA VAL H 95 -9.53 -20.44 -33.81
C VAL H 95 -10.09 -19.73 -32.59
N MET H 96 -10.55 -18.50 -32.79
CA MET H 96 -11.12 -17.73 -31.70
C MET H 96 -12.63 -17.75 -31.81
N PRO H 97 -13.35 -18.38 -30.88
CA PRO H 97 -14.82 -18.34 -30.92
C PRO H 97 -15.33 -16.91 -30.82
N ASP H 98 -16.41 -16.61 -31.55
CA ASP H 98 -16.96 -15.26 -31.55
C ASP H 98 -18.44 -15.19 -31.20
N VAL H 99 -19.04 -16.28 -30.72
CA VAL H 99 -20.42 -16.28 -30.26
C VAL H 99 -20.40 -16.84 -28.83
N VAL H 100 -20.35 -15.96 -27.83
CA VAL H 100 -20.01 -16.38 -26.48
C VAL H 100 -20.94 -15.77 -25.44
N PHE H 101 -20.96 -16.41 -24.28
CA PHE H 101 -21.66 -15.93 -23.10
C PHE H 101 -20.79 -16.25 -21.91
N CYS H 102 -20.56 -15.27 -21.04
CA CYS H 102 -19.67 -15.43 -19.89
C CYS H 102 -20.45 -15.13 -18.61
N THR H 103 -20.51 -16.11 -17.71
CA THR H 103 -21.28 -15.96 -16.48
C THR H 103 -20.60 -15.01 -15.49
N LYS H 104 -19.29 -14.81 -15.60
CA LYS H 104 -18.64 -13.84 -14.72
C LYS H 104 -19.06 -12.43 -15.08
N ILE H 105 -18.95 -12.07 -16.35
CA ILE H 105 -19.44 -10.76 -16.79
C ILE H 105 -20.92 -10.63 -16.49
N ALA H 106 -21.70 -11.66 -16.80
CA ALA H 106 -23.12 -11.61 -16.47
C ALA H 106 -23.33 -11.30 -14.99
N SER H 107 -22.59 -12.02 -14.12
CA SER H 107 -22.67 -11.81 -12.68
C SER H 107 -22.27 -10.38 -12.29
N LYS H 108 -21.17 -9.87 -12.86
CA LYS H 108 -20.78 -8.50 -12.57
C LYS H 108 -21.82 -7.48 -13.03
N LEU H 109 -22.64 -7.83 -14.02
CA LEU H 109 -23.68 -6.95 -14.53
C LEU H 109 -25.03 -7.10 -13.82
N THR H 110 -25.25 -8.17 -13.07
CA THR H 110 -26.55 -8.38 -12.43
C THR H 110 -26.47 -8.53 -10.92
N ARG H 111 -25.45 -9.25 -10.42
CA ARG H 111 -25.28 -9.48 -8.98
C ARG H 111 -24.55 -8.28 -8.36
N THR H 112 -25.25 -7.16 -8.34
CA THR H 112 -24.66 -5.91 -7.90
C THR H 112 -24.71 -5.73 -6.38
N TYR H 113 -25.16 -6.75 -5.65
CA TYR H 113 -25.25 -6.74 -4.20
C TYR H 113 -24.08 -7.46 -3.56
N THR H 114 -23.05 -7.76 -4.34
CA THR H 114 -21.92 -8.53 -3.85
C THR H 114 -20.71 -8.19 -4.70
N ASP H 115 -19.55 -8.53 -4.17
CA ASP H 115 -18.29 -8.35 -4.85
C ASP H 115 -17.63 -9.68 -5.14
N ARG H 116 -18.28 -10.78 -4.76
CA ARG H 116 -17.75 -12.13 -5.01
C ARG H 116 -18.43 -12.69 -6.26
N HIS H 117 -17.64 -12.86 -7.32
CA HIS H 117 -18.15 -13.32 -8.60
C HIS H 117 -17.46 -14.59 -9.05
N GLY H 118 -16.91 -15.37 -8.11
CA GLY H 118 -16.38 -16.66 -8.45
C GLY H 118 -17.47 -17.67 -8.76
N LEU H 119 -17.06 -18.73 -9.46
CA LEU H 119 -18.02 -19.75 -9.89
C LEU H 119 -18.61 -20.49 -8.69
N LYS H 120 -17.84 -20.64 -7.62
CA LYS H 120 -18.34 -21.30 -6.42
C LYS H 120 -19.47 -20.50 -5.79
N GLU H 121 -19.27 -19.18 -5.61
CA GLU H 121 -20.31 -18.36 -4.99
C GLU H 121 -21.56 -18.29 -5.84
N ILE H 122 -21.39 -18.16 -7.17
CA ILE H 122 -22.54 -18.05 -8.06
C ILE H 122 -23.37 -19.33 -8.02
N CYS H 123 -22.70 -20.48 -8.03
CA CYS H 123 -23.41 -21.76 -7.95
C CYS H 123 -24.12 -21.92 -6.62
N GLY H 124 -23.42 -21.65 -5.52
CA GLY H 124 -24.04 -21.74 -4.21
C GLY H 124 -25.27 -20.85 -4.07
N GLU H 125 -25.21 -19.65 -4.66
CA GLU H 125 -26.29 -18.69 -4.48
C GLU H 125 -27.45 -18.97 -5.43
N LEU H 126 -27.17 -19.24 -6.70
CA LEU H 126 -28.23 -19.37 -7.70
C LEU H 126 -28.80 -20.78 -7.81
N LEU H 127 -28.03 -21.81 -7.45
CA LEU H 127 -28.45 -23.19 -7.65
C LEU H 127 -28.40 -24.02 -6.37
N ASN H 128 -27.95 -23.44 -5.26
CA ASN H 128 -27.66 -24.21 -4.05
C ASN H 128 -26.87 -25.47 -4.39
N VAL H 129 -25.82 -25.27 -5.17
CA VAL H 129 -24.90 -26.34 -5.53
C VAL H 129 -23.54 -25.99 -4.93
N ASN H 130 -22.89 -26.98 -4.32
CA ASN H 130 -21.61 -26.79 -3.67
C ASN H 130 -20.51 -27.25 -4.62
N ILE H 131 -19.66 -26.30 -5.05
CA ILE H 131 -18.51 -26.60 -5.91
C ILE H 131 -17.27 -26.69 -5.03
N SER H 132 -16.49 -27.75 -5.22
CA SER H 132 -15.18 -27.88 -4.59
C SER H 132 -14.10 -27.44 -5.56
N LYS H 133 -13.13 -26.68 -5.06
CA LYS H 133 -12.00 -26.23 -5.86
C LYS H 133 -10.72 -26.99 -5.54
N GLN H 134 -10.80 -28.09 -4.79
CA GLN H 134 -9.59 -28.74 -4.31
C GLN H 134 -8.69 -29.17 -5.47
N GLN H 135 -9.28 -29.77 -6.50
CA GLN H 135 -8.51 -30.29 -7.63
C GLN H 135 -8.06 -29.21 -8.59
N GLN H 136 -8.38 -27.94 -8.33
CA GLN H 136 -8.01 -26.87 -9.25
C GLN H 136 -6.50 -26.82 -9.45
N SER H 137 -5.75 -26.94 -8.35
CA SER H 137 -4.28 -26.99 -8.38
C SER H 137 -3.88 -28.45 -8.29
N SER H 138 -3.78 -29.10 -9.45
CA SER H 138 -3.32 -30.47 -9.54
C SER H 138 -2.61 -30.64 -10.87
N ASP H 139 -2.03 -31.81 -11.09
CA ASP H 139 -1.30 -32.05 -12.34
C ASP H 139 -2.32 -32.40 -13.42
N TRP H 140 -2.72 -31.39 -14.20
CA TRP H 140 -3.69 -31.61 -15.28
C TRP H 140 -3.04 -32.20 -16.53
N ALA H 141 -1.73 -32.35 -16.54
CA ALA H 141 -1.02 -32.99 -17.63
C ALA H 141 -0.71 -34.45 -17.33
N ALA H 142 -1.24 -34.97 -16.21
CA ALA H 142 -1.07 -36.38 -15.89
C ALA H 142 -1.62 -37.23 -17.01
N GLU H 143 -0.91 -38.33 -17.31
CA GLU H 143 -1.34 -39.18 -18.41
C GLU H 143 -2.71 -39.79 -18.14
N THR H 144 -2.99 -40.12 -16.87
CA THR H 144 -4.29 -40.64 -16.46
C THR H 144 -4.86 -39.74 -15.38
N LEU H 145 -6.05 -39.20 -15.62
CA LEU H 145 -6.68 -38.29 -14.66
C LEU H 145 -7.44 -39.08 -13.61
N SER H 146 -7.37 -38.63 -12.37
CA SER H 146 -8.07 -39.26 -11.27
C SER H 146 -9.58 -39.11 -11.45
N ARG H 147 -10.34 -39.86 -10.64
CA ARG H 147 -11.79 -39.72 -10.67
C ARG H 147 -12.23 -38.36 -10.16
N ALA H 148 -11.58 -37.88 -9.08
CA ALA H 148 -11.89 -36.55 -8.56
C ALA H 148 -11.55 -35.47 -9.59
N GLN H 149 -10.37 -35.57 -10.22
CA GLN H 149 -10.01 -34.63 -11.28
C GLN H 149 -11.05 -34.65 -12.39
N ILE H 150 -11.48 -35.86 -12.78
CA ILE H 150 -12.43 -35.98 -13.89
C ILE H 150 -13.77 -35.38 -13.50
N GLU H 151 -14.15 -35.47 -12.23
CA GLU H 151 -15.44 -34.93 -11.82
C GLU H 151 -15.36 -33.43 -11.59
N TYR H 152 -14.24 -32.94 -11.05
CA TYR H 152 -14.05 -31.51 -10.96
C TYR H 152 -14.10 -30.88 -12.34
N ALA H 153 -13.40 -31.49 -13.30
CA ALA H 153 -13.45 -31.02 -14.69
C ALA H 153 -14.90 -30.94 -15.19
N ALA H 154 -15.68 -32.00 -14.98
CA ALA H 154 -17.05 -32.02 -15.50
C ALA H 154 -17.94 -31.02 -14.74
N SER H 155 -17.78 -30.93 -13.42
CA SER H 155 -18.64 -30.06 -12.62
C SER H 155 -18.56 -28.59 -13.05
N ASP H 156 -17.49 -28.18 -13.74
CA ASP H 156 -17.38 -26.78 -14.15
C ASP H 156 -18.11 -26.47 -15.45
N VAL H 157 -18.71 -27.47 -16.10
CA VAL H 157 -19.60 -27.24 -17.24
C VAL H 157 -21.01 -27.75 -17.01
N LEU H 158 -21.24 -28.61 -16.02
CA LEU H 158 -22.59 -29.18 -15.84
C LEU H 158 -23.63 -28.12 -15.52
N TYR H 159 -23.22 -26.96 -14.98
CA TYR H 159 -24.15 -25.98 -14.45
C TYR H 159 -24.22 -24.70 -15.27
N LEU H 160 -23.45 -24.60 -16.35
CA LEU H 160 -23.32 -23.29 -17.00
C LEU H 160 -24.59 -22.95 -17.79
N HIS H 161 -25.35 -23.96 -18.24
CA HIS H 161 -26.63 -23.70 -18.90
C HIS H 161 -27.66 -23.17 -17.92
N ARG H 162 -27.73 -23.77 -16.73
CA ARG H 162 -28.66 -23.26 -15.71
C ARG H 162 -28.27 -21.84 -15.27
N LEU H 163 -26.97 -21.55 -15.17
CA LEU H 163 -26.54 -20.21 -14.77
C LEU H 163 -26.87 -19.18 -15.84
N LYS H 164 -26.60 -19.50 -17.12
CA LYS H 164 -26.93 -18.59 -18.21
C LYS H 164 -28.41 -18.21 -18.19
N ASP H 165 -29.30 -19.19 -18.02
CA ASP H 165 -30.73 -18.90 -18.06
CA ASP H 165 -30.74 -18.93 -18.03
C ASP H 165 -31.14 -17.97 -16.92
N ILE H 166 -30.62 -18.19 -15.72
CA ILE H 166 -30.90 -17.29 -14.61
C ILE H 166 -30.39 -15.89 -14.91
N PHE H 167 -29.10 -15.79 -15.31
CA PHE H 167 -28.53 -14.48 -15.62
C PHE H 167 -29.28 -13.78 -16.75
N GLU H 168 -29.75 -14.53 -17.75
CA GLU H 168 -30.49 -13.88 -18.83
C GLU H 168 -31.78 -13.24 -18.34
N GLU H 169 -32.43 -13.86 -17.35
CA GLU H 169 -33.61 -13.26 -16.74
C GLU H 169 -33.25 -12.03 -15.93
N ARG H 170 -32.15 -12.08 -15.15
CA ARG H 170 -31.69 -10.91 -14.40
C ARG H 170 -31.38 -9.75 -15.35
N LEU H 171 -30.72 -10.04 -16.48
CA LEU H 171 -30.37 -8.99 -17.43
C LEU H 171 -31.61 -8.35 -18.04
N LYS H 172 -32.62 -9.16 -18.35
CA LYS H 172 -33.86 -8.65 -18.88
C LYS H 172 -34.62 -7.85 -17.83
N ARG H 173 -34.65 -8.35 -16.59
CA ARG H 173 -35.29 -7.61 -15.50
C ARG H 173 -34.65 -6.23 -15.32
N GLU H 174 -33.32 -6.15 -15.35
CA GLU H 174 -32.66 -4.87 -15.13
C GLU H 174 -32.39 -4.09 -16.40
N GLU H 175 -32.78 -4.61 -17.57
CA GLU H 175 -32.62 -3.92 -18.85
C GLU H 175 -31.14 -3.64 -19.15
N ARG H 176 -30.34 -4.69 -19.05
CA ARG H 176 -28.92 -4.63 -19.37
C ARG H 176 -28.58 -5.64 -20.46
N GLU H 177 -29.57 -6.06 -21.23
CA GLU H 177 -29.36 -7.05 -22.28
C GLU H 177 -28.39 -6.53 -23.32
N SER H 178 -28.56 -5.28 -23.75
CA SER H 178 -27.66 -4.73 -24.75
C SER H 178 -26.29 -4.40 -24.18
N VAL H 179 -26.20 -4.15 -22.87
CA VAL H 179 -24.90 -3.96 -22.24
C VAL H 179 -24.12 -5.27 -22.22
N ALA H 180 -24.77 -6.36 -21.82
CA ALA H 180 -24.11 -7.65 -21.78
C ALA H 180 -23.69 -8.10 -23.18
N LYS H 181 -24.52 -7.83 -24.19
CA LYS H 181 -24.23 -8.28 -25.53
C LYS H 181 -22.96 -7.64 -26.07
N ALA H 182 -22.76 -6.35 -25.78
CA ALA H 182 -21.56 -5.68 -26.27
C ALA H 182 -20.30 -6.12 -25.50
N CYS H 183 -20.45 -6.48 -24.22
CA CYS H 183 -19.31 -7.05 -23.50
C CYS H 183 -18.92 -8.38 -24.10
N PHE H 184 -19.90 -9.26 -24.34
CA PHE H 184 -19.61 -10.54 -24.95
C PHE H 184 -19.04 -10.36 -26.36
N GLN H 185 -19.48 -9.32 -27.06
CA GLN H 185 -18.96 -9.02 -28.39
C GLN H 185 -17.47 -8.73 -28.32
N PHE H 186 -17.05 -7.92 -27.35
CA PHE H 186 -15.65 -7.54 -27.24
C PHE H 186 -14.79 -8.66 -26.66
N LEU H 187 -15.39 -9.59 -25.91
CA LEU H 187 -14.61 -10.52 -25.09
C LEU H 187 -13.57 -11.33 -25.87
N PRO H 188 -13.86 -11.87 -27.07
CA PRO H 188 -12.77 -12.52 -27.84
C PRO H 188 -11.59 -11.60 -28.13
N MET H 189 -11.84 -10.31 -28.39
CA MET H 189 -10.71 -9.41 -28.61
C MET H 189 -9.99 -9.11 -27.29
N ARG H 190 -10.74 -9.01 -26.18
CA ARG H 190 -10.07 -8.90 -24.89
C ARG H 190 -9.12 -10.08 -24.68
N ALA H 191 -9.52 -11.26 -25.15
CA ALA H 191 -8.67 -12.45 -25.05
C ALA H 191 -7.49 -12.36 -26.00
N ASN H 192 -7.71 -11.85 -27.21
CA ASN H 192 -6.60 -11.68 -28.13
C ASN H 192 -5.59 -10.68 -27.61
N LEU H 193 -6.07 -9.58 -27.03
CA LEU H 193 -5.17 -8.62 -26.40
C LEU H 193 -4.28 -9.28 -25.35
N ASP H 194 -4.83 -10.22 -24.59
CA ASP H 194 -4.02 -10.96 -23.62
C ASP H 194 -2.94 -11.76 -24.33
N LEU H 195 -3.31 -12.42 -25.43
CA LEU H 195 -2.35 -13.22 -26.18
C LEU H 195 -1.24 -12.36 -26.76
N LEU H 196 -1.56 -11.12 -27.16
CA LEU H 196 -0.60 -10.26 -27.86
C LEU H 196 0.32 -9.49 -26.92
N GLY H 197 0.05 -9.49 -25.62
CA GLY H 197 0.95 -8.85 -24.67
C GLY H 197 0.32 -7.82 -23.74
N TRP H 198 -0.99 -7.61 -23.85
CA TRP H 198 -1.68 -6.63 -23.03
C TRP H 198 -2.46 -7.26 -21.87
N SER H 199 -2.02 -8.41 -21.36
CA SER H 199 -2.84 -9.11 -20.37
C SER H 199 -2.90 -8.38 -19.03
N GLU H 200 -1.93 -7.51 -18.73
CA GLU H 200 -1.91 -6.76 -17.46
C GLU H 200 -2.47 -5.35 -17.60
N ILE H 201 -3.13 -5.04 -18.72
CA ILE H 201 -3.54 -3.67 -19.03
C ILE H 201 -5.04 -3.65 -19.22
N ASP H 202 -5.73 -2.89 -18.40
CA ASP H 202 -7.08 -2.48 -18.74
C ASP H 202 -6.98 -1.46 -19.88
N ILE H 203 -7.35 -1.88 -21.10
CA ILE H 203 -7.10 -1.06 -22.28
C ILE H 203 -7.95 0.22 -22.26
N PHE H 204 -9.01 0.24 -21.45
CA PHE H 204 -9.93 1.38 -21.36
C PHE H 204 -9.66 2.30 -20.17
N ALA H 205 -8.70 1.97 -19.30
CA ALA H 205 -8.43 2.82 -18.15
C ALA H 205 -7.74 4.11 -18.58
N HIS H 206 -7.98 5.18 -17.82
CA HIS H 206 -7.26 6.42 -18.03
C HIS H 206 -5.75 6.20 -17.95
N SER H 207 -5.32 5.35 -17.03
CA SER H 207 -3.90 5.07 -16.85
C SER H 207 -3.72 3.80 -16.04
#